data_6X3T
#
_entry.id   6X3T
#
_cell.length_a   1.00
_cell.length_b   1.00
_cell.length_c   1.00
_cell.angle_alpha   90.00
_cell.angle_beta   90.00
_cell.angle_gamma   90.00
#
_symmetry.space_group_name_H-M   'P 1'
#
loop_
_entity.id
_entity.type
_entity.pdbx_description
1 polymer 'Gamma-aminobutyric acid receptor subunit beta-2'
2 polymer 'Gamma-aminobutyric acid receptor subunit alpha-1'
3 polymer 'Gamma-aminobutyric acid type A receptor subunit gamma-2'
4 polymer 'Kappa Fab Light Chain'
5 polymer 'IgG2b Fab Heavy Chain'
6 branched beta-D-mannopyranose-(1-4)-2-acetamido-2-deoxy-beta-D-glucopyranose-(1-4)-2-acetamido-2-deoxy-beta-D-glucopyranose
7 branched alpha-D-mannopyranose-(1-2)-alpha-D-mannopyranose-(1-2)-alpha-D-mannopyranose-(1-3)-[alpha-D-mannopyranose-(1-2)-alpha-D-mannopyranose-(1-6)-[alpha-D-mannopyranose-(1-3)]alpha-D-mannopyranose-(1-6)]beta-D-mannopyranose-(1-4)-2-acetamido-2-deoxy-beta-D-glucopyranose-(1-4)-2-acetamido-2-deoxy-beta-D-glucopyranose
8 branched 2-acetamido-2-deoxy-beta-D-glucopyranose-(1-4)-2-acetamido-2-deoxy-beta-D-glucopyranose
9 non-polymer 2-acetamido-2-deoxy-beta-D-glucopyranose
10 non-polymer 'GAMMA-AMINO-BUTANOIC ACID'
11 non-polymer 2,6-BIS(1-METHYLETHYL)PHENOL
#
loop_
_entity_poly.entity_id
_entity_poly.type
_entity_poly.pdbx_seq_one_letter_code
_entity_poly.pdbx_strand_id
1 'polypeptide(L)'
;QSVNDPSNMSLVKETVDRLLKGYDIRLRPDFGGPPVAVGMNIDIASIDMVSEVNMDYTLTMYFQQAWRDKRLSYNVIPLN
LTLDNRVADQLWVPDTYFLNDKKSFVHGVTVKNRMIRLHPDGTVLYGLRITTTAACMMDLRRYPLDEQNCTLEIESYGYT
TDDIEFYWRGDDNAVTGVTKIELPQFSIVDYKLITKKVVFSTGSYPRLSLSFKLKRNIGYFILQTYMPSILITILSWVSF
WINYDASAARVALGITTVLTMTTINTHLRETLPKIPYVKAIDMYLMGCFVFVFMALLEYALVNYIFFSQPARAAAIDRWS
RIFFPVVFSFFNIVYWLYYVNVDGSGATNFSLLKQAGDVEENPG
;
A,C
2 'polypeptide(L)'
;QPSLQDELKDNTTVFTRILDRLLDGYDNRLRPGLGERVTEVKTDIFVTSFGPVSDHDMEYTIDVFFRQSWKDERLKFKGP
MTVLRLNNLMASKIWTPDTFFHNGKKSVAHNMTMPNKLLRITEDGTLLYTMRLTVRAECPMHLEDFPMDAHACPLKFGSY
AYTRAEVVYEWTREPARSVVVAEDGSRLNQYDLLGQTVDSGIVQSSTGEYVVMTTHFHLKRKIGYFVIQTYLPCIMTVIL
SQVSFWLNRESVPARTVFGVTTVLTMTTLSISARNSLPKVAYATAMDWFIAVCYAFVFSALIEFATVNYFTKSQPARAAK
IDRLSRIAFPLLFGIFNLVYWATYLNREPQLKAPTPHQ
;
B,D
3 'polypeptide(L)'
;WSHPQFEKGGGSGGGSGGSSAWSHPQFEKLEVLFQGPQKSDDDYEDYASNKTWVLTPKVPEGDVTVILNNLLEGYDNKLR
PDIGVKPTLIHTDMYVNSIGPVNAINMEYTIDIFFAQTWYDRRLKFNSTIKVLRLNSNMVGKIWIPDTFFRNSKKADAHW
ITTPNRMLRIWNDGRVLYTLRLTIDAECQLQLHNFPMDEHSCPLEFSSYGYPREEIVYQWKRSSVEVGDTRSWRLYQFSF
VGLRNTTEVVKTTSGDYVVMSVYFDLSRRMGYFTIQTYIPCTLIVVLSWVSFWINKDAVPARTSLGITTVLTMTTLSTIA
RKSLPKVSYVTAMDLFVSVCFIFVFSALVEYGTLHYFVSSQPARAAKMDSYARIFFPTAFCLFNLVYWVSYLYLSRGSGA
TNFSLLKQAGDVEENPG
;
E
4 'polypeptide(L)'
;NIVMTQSPKSMSMSVGERVTLSCKASEYVGTYVSWYQQKPEQSPKLLIYGASNRYTGVPDRFTGSGSATDFTLTIGSVQA
EDLADYHCGQSYSYPTFGAGTKLELKRADAAPTVSIFPPSSEQLTSGGASVVCFLNNFYPKDINVKWKIDGSERQNGVLN
SWTDQDSKDSTYSMSSTLTLTKDEYERHNSYTCEATHKTSTSPIVKSFNRNEC
;
I,L
5 'polypeptide(L)'
;EVQLQQSGAELVKPGASVKLSCTASGFNIKDTYMYWVKQRPEQGLEWIGRIDPANGDTKYDPKFQGKATITTDTFSNTAY
LQLSSLTSEDTAVYYCARKGLRWAMDYWGQGTSVTVSTAKTTPPSVYPLAPGCGDTTGSSVTLGCLVKGYFPESVTVTWN
SGSLSSSVHTFPALLQSGLYTMSSSVTVPSSTWPSQTVTCSVAHPASSTTVDKKLEPSGPISTINPCPPCKECHKCPAPN
LEGGPSVFIFPPNIKDVLMISLTPKVTCVVVDVSEDDPDVQISWFVNNVEVHTAQTQTHREDYNSTIRVVSTLPIQHQDW
MSGKEFKCKVNNKDLPSPIERTISKIKGLVRAPQVYILPPPAEQLSRKDVSLTCLVVGFNPGDISVEWTSNGHTEENYKD
TAPVLDSDGSYFIYSKLNMKTSKWEKTDSFSCNVRHEGLKNYYLKKTISRSPGK
;
J,K
#
loop_
_chem_comp.id
_chem_comp.type
_chem_comp.name
_chem_comp.formula
ABU non-polymer 'GAMMA-AMINO-BUTANOIC ACID' 'C4 H9 N O2'
BMA D-saccharide, beta linking beta-D-mannopyranose 'C6 H12 O6'
MAN D-saccharide, alpha linking alpha-D-mannopyranose 'C6 H12 O6'
NAG D-saccharide, beta linking 2-acetamido-2-deoxy-beta-D-glucopyranose 'C8 H15 N O6'
PFL non-polymer 2,6-BIS(1-METHYLETHYL)PHENOL 'C12 H18 O'
#
# COMPACT_ATOMS: atom_id res chain seq x y z
N SER A 7 14.61 28.25 45.88
CA SER A 7 14.76 28.01 44.45
C SER A 7 13.42 28.08 43.73
N ASN A 8 13.43 28.57 42.49
CA ASN A 8 12.22 28.61 41.69
C ASN A 8 11.76 27.22 41.27
N MET A 9 12.68 26.26 41.21
CA MET A 9 12.30 24.89 40.86
C MET A 9 11.36 24.31 41.91
N SER A 10 11.64 24.53 43.19
CA SER A 10 10.78 24.01 44.24
C SER A 10 9.40 24.67 44.20
N LEU A 11 9.36 25.99 44.00
CA LEU A 11 8.07 26.67 43.85
C LEU A 11 7.28 26.08 42.70
N VAL A 12 7.91 25.95 41.54
CA VAL A 12 7.21 25.43 40.36
C VAL A 12 6.72 24.01 40.60
N LYS A 13 7.55 23.18 41.23
CA LYS A 13 7.16 21.80 41.46
C LYS A 13 5.98 21.72 42.42
N GLU A 14 6.04 22.46 43.53
CA GLU A 14 4.92 22.48 44.47
C GLU A 14 3.65 22.99 43.81
N THR A 15 3.77 24.05 43.00
CA THR A 15 2.61 24.62 42.32
C THR A 15 2.00 23.62 41.36
N VAL A 16 2.84 22.96 40.55
CA VAL A 16 2.34 22.02 39.56
C VAL A 16 1.73 20.80 40.24
N ASP A 17 2.25 20.40 41.39
CA ASP A 17 1.64 19.30 42.11
C ASP A 17 0.30 19.70 42.70
N ARG A 18 0.19 20.94 43.20
CA ARG A 18 -1.07 21.40 43.78
C ARG A 18 -2.14 21.57 42.72
N LEU A 19 -1.78 22.09 41.54
CA LEU A 19 -2.75 22.32 40.48
C LEU A 19 -3.33 21.01 39.99
N LEU A 20 -2.51 19.96 39.94
CA LEU A 20 -2.97 18.64 39.51
C LEU A 20 -3.43 17.78 40.67
N LYS A 21 -3.52 18.34 41.87
CA LYS A 21 -4.07 17.62 43.03
C LYS A 21 -5.58 17.49 42.87
N GLY A 22 -6.06 16.25 42.74
CA GLY A 22 -7.48 16.00 42.63
C GLY A 22 -8.14 16.76 41.49
N TYR A 23 -7.70 16.48 40.27
CA TYR A 23 -8.19 17.15 39.07
C TYR A 23 -8.91 16.12 38.22
N ASP A 24 -10.20 16.33 37.97
CA ASP A 24 -11.02 15.35 37.27
C ASP A 24 -11.03 15.70 35.78
N ILE A 25 -10.30 14.90 35.00
CA ILE A 25 -10.24 15.13 33.55
C ILE A 25 -11.57 14.80 32.88
N ARG A 26 -12.45 14.06 33.56
CA ARG A 26 -13.74 13.71 33.00
C ARG A 26 -14.67 14.90 32.89
N LEU A 27 -14.47 15.93 33.71
CA LEU A 27 -15.32 17.11 33.75
C LEU A 27 -14.59 18.29 33.14
N ARG A 28 -15.31 19.07 32.34
CA ARG A 28 -14.78 20.26 31.70
C ARG A 28 -14.77 21.42 32.70
N PRO A 29 -14.10 22.52 32.36
CA PRO A 29 -14.23 23.73 33.18
C PRO A 29 -15.67 24.24 33.15
N ASP A 30 -16.21 24.51 34.34
CA ASP A 30 -17.62 24.87 34.54
C ASP A 30 -18.53 23.78 34.00
N PHE A 31 -18.44 22.59 34.60
CA PHE A 31 -19.14 21.42 34.09
C PHE A 31 -20.65 21.65 34.05
N GLY A 32 -21.22 22.07 35.18
CA GLY A 32 -22.63 22.37 35.22
C GLY A 32 -22.99 23.82 34.93
N GLY A 33 -21.99 24.69 34.81
CA GLY A 33 -22.23 26.10 34.62
C GLY A 33 -22.26 26.51 33.15
N PRO A 34 -21.91 27.76 32.88
CA PRO A 34 -21.95 28.27 31.51
C PRO A 34 -20.89 27.63 30.63
N PRO A 35 -20.98 27.77 29.31
CA PRO A 35 -19.99 27.15 28.43
C PRO A 35 -18.64 27.83 28.47
N VAL A 36 -17.61 27.06 28.18
CA VAL A 36 -16.24 27.56 28.10
C VAL A 36 -15.96 28.00 26.67
N ALA A 37 -15.28 29.14 26.53
CA ALA A 37 -14.99 29.74 25.23
C ALA A 37 -13.59 29.36 24.79
N VAL A 38 -13.47 28.73 23.63
CA VAL A 38 -12.19 28.27 23.08
C VAL A 38 -11.85 29.13 21.88
N GLY A 39 -10.73 29.83 21.95
CA GLY A 39 -10.24 30.63 20.83
C GLY A 39 -9.23 29.85 20.01
N MET A 40 -9.35 29.95 18.70
CA MET A 40 -8.55 29.13 17.78
C MET A 40 -7.63 30.01 16.95
N ASN A 41 -6.37 29.60 16.86
CA ASN A 41 -5.41 30.14 15.92
C ASN A 41 -4.93 29.02 15.02
N ILE A 42 -4.63 29.38 13.77
CA ILE A 42 -4.10 28.43 12.80
C ILE A 42 -2.95 29.09 12.08
N ASP A 43 -1.83 28.38 11.98
CA ASP A 43 -0.65 28.84 11.27
C ASP A 43 -0.37 27.82 10.19
N ILE A 44 -0.72 28.14 8.95
CA ILE A 44 -0.60 27.20 7.85
C ILE A 44 0.85 27.16 7.39
N ALA A 45 1.49 25.99 7.52
CA ALA A 45 2.88 25.82 7.13
C ALA A 45 3.03 25.37 5.68
N SER A 46 2.02 24.69 5.13
CA SER A 46 2.07 24.23 3.76
C SER A 46 0.70 23.72 3.33
N ILE A 47 0.39 23.89 2.05
CA ILE A 47 -0.74 23.24 1.40
C ILE A 47 -0.13 22.40 0.29
N ASP A 48 -0.12 21.09 0.48
CA ASP A 48 0.85 20.23 -0.19
C ASP A 48 0.41 19.76 -1.57
N MET A 49 -0.72 19.05 -1.66
CA MET A 49 -1.10 18.39 -2.90
C MET A 49 -2.60 18.48 -3.11
N VAL A 50 -3.02 19.32 -4.05
CA VAL A 50 -4.42 19.46 -4.41
C VAL A 50 -4.70 18.46 -5.52
N SER A 51 -5.44 17.40 -5.19
CA SER A 51 -5.67 16.29 -6.10
C SER A 51 -7.09 16.36 -6.66
N GLU A 52 -7.18 16.46 -7.99
CA GLU A 52 -8.48 16.34 -8.65
C GLU A 52 -8.97 14.90 -8.70
N VAL A 53 -8.05 13.94 -8.67
CA VAL A 53 -8.44 12.53 -8.74
C VAL A 53 -9.14 12.12 -7.45
N ASN A 54 -8.56 12.49 -6.30
CA ASN A 54 -9.12 12.14 -5.01
C ASN A 54 -10.07 13.21 -4.47
N MET A 55 -10.09 14.39 -5.09
CA MET A 55 -10.94 15.50 -4.65
C MET A 55 -10.63 15.88 -3.20
N ASP A 56 -9.37 16.16 -2.93
CA ASP A 56 -8.95 16.56 -1.60
C ASP A 56 -7.65 17.33 -1.68
N TYR A 57 -7.24 17.88 -0.54
CA TYR A 57 -5.99 18.61 -0.43
C TYR A 57 -5.35 18.29 0.91
N THR A 58 -4.03 18.35 0.96
CA THR A 58 -3.31 18.09 2.20
C THR A 58 -2.83 19.40 2.79
N LEU A 59 -3.00 19.56 4.10
CA LEU A 59 -2.71 20.80 4.79
C LEU A 59 -1.93 20.50 6.07
N THR A 60 -0.80 21.18 6.24
CA THR A 60 -0.02 21.10 7.47
C THR A 60 -0.14 22.42 8.22
N MET A 61 -0.45 22.35 9.51
CA MET A 61 -0.74 23.56 10.26
C MET A 61 -0.36 23.41 11.73
N TYR A 62 -0.06 24.55 12.34
CA TYR A 62 -0.03 24.67 13.79
C TYR A 62 -1.40 25.13 14.24
N PHE A 63 -2.12 24.25 14.93
CA PHE A 63 -3.49 24.47 15.38
C PHE A 63 -3.43 24.71 16.88
N GLN A 64 -3.78 25.92 17.32
CA GLN A 64 -3.69 26.30 18.73
C GLN A 64 -5.09 26.62 19.24
N GLN A 65 -5.40 26.11 20.43
CA GLN A 65 -6.65 26.40 21.13
C GLN A 65 -6.32 26.99 22.49
N ALA A 66 -6.99 28.08 22.84
CA ALA A 66 -6.78 28.79 24.09
C ALA A 66 -8.09 28.89 24.84
N TRP A 67 -8.09 28.46 26.10
CA TRP A 67 -9.29 28.60 26.92
C TRP A 67 -8.87 28.93 28.34
N ARG A 68 -9.84 29.05 29.24
CA ARG A 68 -9.58 29.38 30.62
C ARG A 68 -10.10 28.26 31.52
N ASP A 69 -9.24 27.76 32.38
CA ASP A 69 -9.60 26.72 33.34
C ASP A 69 -9.26 27.26 34.72
N LYS A 70 -10.27 27.48 35.55
CA LYS A 70 -10.05 28.06 36.87
C LYS A 70 -9.32 27.11 37.79
N ARG A 71 -9.48 25.80 37.57
CA ARG A 71 -8.75 24.82 38.37
C ARG A 71 -7.25 24.95 38.19
N LEU A 72 -6.81 25.30 36.98
CA LEU A 72 -5.39 25.49 36.67
C LEU A 72 -4.97 26.95 36.80
N SER A 73 -5.29 27.57 37.93
CA SER A 73 -4.95 28.96 38.20
C SER A 73 -3.98 29.03 39.36
N TYR A 74 -3.02 29.96 39.29
CA TYR A 74 -1.98 30.02 40.30
C TYR A 74 -1.47 31.44 40.45
N ASN A 75 -0.92 31.73 41.63
CA ASN A 75 -0.35 33.04 41.93
C ASN A 75 0.98 32.97 42.65
N VAL A 76 1.42 31.78 43.09
CA VAL A 76 2.69 31.65 43.79
C VAL A 76 3.83 32.11 42.90
N ILE A 77 3.92 31.57 41.69
CA ILE A 77 4.98 31.91 40.74
C ILE A 77 4.42 32.88 39.70
N PRO A 78 5.14 33.93 39.33
CA PRO A 78 4.65 34.88 38.33
C PRO A 78 4.97 34.51 36.88
N LEU A 79 5.39 33.28 36.61
CA LEU A 79 5.81 32.87 35.28
C LEU A 79 4.67 32.23 34.50
N ASN A 80 4.82 32.23 33.18
CA ASN A 80 4.03 31.37 32.30
C ASN A 80 4.71 30.01 32.25
N LEU A 81 3.97 28.96 32.62
CA LEU A 81 4.54 27.64 32.78
C LEU A 81 4.32 26.82 31.51
N THR A 82 5.38 26.66 30.73
CA THR A 82 5.38 25.67 29.65
C THR A 82 5.78 24.33 30.24
N LEU A 83 4.90 23.35 30.12
CA LEU A 83 5.13 22.03 30.68
C LEU A 83 5.44 21.04 29.56
N ASP A 84 6.07 19.93 29.94
CA ASP A 84 6.23 18.81 29.03
C ASP A 84 4.87 18.39 28.49
N ASN A 85 4.83 18.07 27.20
CA ASN A 85 3.55 17.84 26.53
C ASN A 85 2.77 16.67 27.13
N ARG A 86 3.46 15.73 27.78
CA ARG A 86 2.78 14.61 28.44
C ARG A 86 1.66 15.07 29.36
N VAL A 87 1.84 16.21 30.04
CA VAL A 87 0.84 16.67 31.00
C VAL A 87 -0.49 16.97 30.34
N ALA A 88 -0.53 17.11 29.01
CA ALA A 88 -1.82 17.28 28.33
C ALA A 88 -2.74 16.08 28.57
N ASP A 89 -2.17 14.90 28.78
CA ASP A 89 -2.97 13.72 29.08
C ASP A 89 -3.62 13.78 30.46
N GLN A 90 -3.24 14.74 31.29
CA GLN A 90 -3.83 14.90 32.61
C GLN A 90 -4.72 16.12 32.72
N LEU A 91 -4.82 16.93 31.68
CA LEU A 91 -5.69 18.10 31.67
C LEU A 91 -6.88 17.83 30.76
N TRP A 92 -7.95 18.57 30.99
CA TRP A 92 -9.07 18.56 30.06
C TRP A 92 -8.73 19.41 28.86
N VAL A 93 -8.92 18.86 27.66
CA VAL A 93 -8.79 19.63 26.44
C VAL A 93 -10.10 19.47 25.68
N PRO A 94 -10.49 20.43 24.85
CA PRO A 94 -11.75 20.29 24.11
C PRO A 94 -11.66 19.22 23.04
N ASP A 95 -12.83 18.71 22.66
CA ASP A 95 -12.92 17.57 21.73
C ASP A 95 -13.13 18.04 20.30
N THR A 96 -12.17 18.81 19.81
CA THR A 96 -12.30 19.45 18.51
C THR A 96 -11.95 18.46 17.40
N TYR A 97 -12.78 18.41 16.35
CA TYR A 97 -12.50 17.57 15.20
C TYR A 97 -12.77 18.35 13.93
N PHE A 98 -12.36 17.77 12.80
CA PHE A 98 -12.63 18.32 11.48
C PHE A 98 -13.54 17.35 10.74
N LEU A 99 -14.72 17.84 10.33
CA LEU A 99 -15.71 16.94 9.75
C LEU A 99 -15.33 16.46 8.36
N ASN A 100 -14.64 17.30 7.59
CA ASN A 100 -14.33 16.96 6.20
C ASN A 100 -12.93 16.41 6.03
N ASP A 101 -12.32 15.88 7.08
CA ASP A 101 -10.98 15.33 6.98
C ASP A 101 -11.05 13.81 6.82
N LYS A 102 -10.19 13.29 5.97
CA LYS A 102 -10.14 11.88 5.63
C LYS A 102 -9.05 11.14 6.36
N LYS A 103 -7.90 11.76 6.54
CA LYS A 103 -6.74 11.13 7.18
C LYS A 103 -5.90 12.22 7.82
N SER A 104 -5.63 12.09 9.12
CA SER A 104 -4.88 13.10 9.86
C SER A 104 -3.92 12.42 10.83
N PHE A 105 -2.96 13.20 11.32
CA PHE A 105 -2.05 12.76 12.36
C PHE A 105 -1.36 13.97 12.96
N VAL A 106 -1.06 13.88 14.26
CA VAL A 106 -0.15 14.80 14.91
C VAL A 106 1.27 14.26 14.72
N HIS A 107 2.18 15.15 14.35
CA HIS A 107 3.56 14.73 14.14
C HIS A 107 4.20 14.29 15.45
N GLY A 108 5.23 13.44 15.34
CA GLY A 108 5.76 12.79 16.52
C GLY A 108 7.26 12.64 16.62
N VAL A 109 8.02 13.42 15.87
CA VAL A 109 9.48 13.38 15.92
C VAL A 109 9.98 14.77 16.27
N THR A 110 10.84 14.87 17.29
CA THR A 110 11.40 13.74 18.01
C THR A 110 10.47 13.26 19.12
N VAL A 111 9.64 14.16 19.63
CA VAL A 111 8.54 13.80 20.52
C VAL A 111 7.26 14.23 19.84
N LYS A 112 6.12 13.98 20.47
CA LYS A 112 4.84 14.38 19.89
C LYS A 112 4.76 15.91 19.84
N ASN A 113 4.54 16.44 18.63
CA ASN A 113 4.62 17.89 18.38
C ASN A 113 3.37 18.56 18.94
N ARG A 114 3.37 18.79 20.24
CA ARG A 114 2.29 19.53 20.87
C ARG A 114 2.82 20.31 22.06
N MET A 115 2.11 21.38 22.39
CA MET A 115 2.53 22.32 23.42
C MET A 115 1.39 22.57 24.38
N ILE A 116 1.68 22.56 25.67
CA ILE A 116 0.77 23.04 26.70
C ILE A 116 1.49 24.16 27.44
N ARG A 117 0.80 25.29 27.61
CA ARG A 117 1.36 26.42 28.33
C ARG A 117 0.32 26.96 29.29
N LEU A 118 0.67 27.03 30.57
CA LEU A 118 -0.20 27.56 31.60
C LEU A 118 0.09 29.02 31.85
N HIS A 119 -0.92 29.74 32.31
CA HIS A 119 -0.81 31.15 32.64
C HIS A 119 -1.38 31.37 34.03
N PRO A 120 -0.81 32.31 34.80
CA PRO A 120 -1.24 32.45 36.20
C PRO A 120 -2.71 32.76 36.35
N ASP A 121 -3.32 33.45 35.38
CA ASP A 121 -4.76 33.71 35.43
C ASP A 121 -5.59 32.47 35.11
N GLY A 122 -4.95 31.37 34.70
CA GLY A 122 -5.65 30.15 34.39
C GLY A 122 -5.82 29.86 32.92
N THR A 123 -5.20 30.63 32.04
CA THR A 123 -5.37 30.43 30.60
C THR A 123 -4.48 29.27 30.13
N VAL A 124 -5.12 28.25 29.56
CA VAL A 124 -4.43 27.12 28.97
C VAL A 124 -4.28 27.37 27.48
N LEU A 125 -3.05 27.26 26.99
CA LEU A 125 -2.72 27.36 25.58
C LEU A 125 -2.27 25.99 25.11
N TYR A 126 -2.89 25.48 24.05
CA TYR A 126 -2.69 24.08 23.65
C TYR A 126 -2.52 24.03 22.14
N GLY A 127 -1.30 23.74 21.68
CA GLY A 127 -0.98 23.70 20.27
C GLY A 127 -0.65 22.31 19.79
N LEU A 128 -0.99 22.02 18.53
CA LEU A 128 -0.75 20.74 17.89
C LEU A 128 -0.27 20.99 16.46
N ARG A 129 0.74 20.25 16.02
CA ARG A 129 1.18 20.30 14.64
C ARG A 129 0.50 19.15 13.88
N ILE A 130 -0.43 19.50 13.00
CA ILE A 130 -1.34 18.52 12.39
C ILE A 130 -1.21 18.58 10.88
N THR A 131 -1.01 17.42 10.27
CA THR A 131 -1.17 17.26 8.83
C THR A 131 -2.49 16.53 8.60
N THR A 132 -3.37 17.13 7.81
CA THR A 132 -4.68 16.56 7.54
C THR A 132 -4.95 16.62 6.04
N THR A 133 -5.43 15.51 5.49
CA THR A 133 -5.99 15.49 4.15
C THR A 133 -7.48 15.77 4.27
N ALA A 134 -7.93 16.87 3.69
CA ALA A 134 -9.31 17.29 3.78
C ALA A 134 -9.99 17.20 2.41
N ALA A 135 -11.21 16.68 2.41
CA ALA A 135 -11.97 16.53 1.17
C ALA A 135 -12.33 17.89 0.59
N CYS A 136 -12.23 18.01 -0.72
CA CYS A 136 -12.61 19.22 -1.44
C CYS A 136 -13.17 18.78 -2.79
N MET A 137 -14.50 18.69 -2.87
CA MET A 137 -15.14 18.34 -4.13
C MET A 137 -15.06 19.52 -5.11
N MET A 138 -14.60 19.25 -6.32
CA MET A 138 -14.28 20.29 -7.28
C MET A 138 -15.24 20.26 -8.46
N ASP A 139 -15.68 21.44 -8.86
CA ASP A 139 -16.47 21.63 -10.08
C ASP A 139 -15.48 21.91 -11.22
N LEU A 140 -15.31 20.94 -12.12
CA LEU A 140 -14.29 21.01 -13.15
C LEU A 140 -14.83 21.36 -14.52
N ARG A 141 -16.01 22.00 -14.61
CA ARG A 141 -16.57 22.28 -15.92
C ARG A 141 -15.75 23.32 -16.68
N ARG A 142 -15.15 24.27 -15.97
CA ARG A 142 -14.30 25.28 -16.59
C ARG A 142 -12.82 24.91 -16.51
N TYR A 143 -12.51 23.68 -16.13
CA TYR A 143 -11.13 23.22 -16.10
C TYR A 143 -10.53 23.28 -17.50
N PRO A 144 -9.27 23.72 -17.66
CA PRO A 144 -8.32 24.09 -16.60
C PRO A 144 -8.35 25.56 -16.21
N LEU A 145 -9.35 26.30 -16.68
CA LEU A 145 -9.52 27.71 -16.33
C LEU A 145 -10.48 27.88 -15.16
N ASP A 146 -10.26 27.15 -14.07
CA ASP A 146 -11.25 27.02 -13.01
C ASP A 146 -10.75 27.59 -11.70
N GLU A 147 -11.71 27.94 -10.84
CA GLU A 147 -11.44 28.37 -9.47
C GLU A 147 -12.13 27.39 -8.52
N GLN A 148 -11.37 26.88 -7.56
CA GLN A 148 -11.89 25.95 -6.58
C GLN A 148 -12.00 26.63 -5.22
N ASN A 149 -12.88 26.08 -4.38
CA ASN A 149 -13.14 26.60 -3.04
C ASN A 149 -12.97 25.44 -2.08
N CYS A 150 -11.93 25.50 -1.24
CA CYS A 150 -11.58 24.37 -0.36
C CYS A 150 -11.61 24.82 1.09
N THR A 151 -12.30 24.06 1.93
CA THR A 151 -12.60 24.46 3.29
C THR A 151 -12.09 23.43 4.30
N LEU A 152 -11.93 23.90 5.53
CA LEU A 152 -11.73 23.06 6.70
C LEU A 152 -12.81 23.44 7.71
N GLU A 153 -13.59 22.45 8.13
CA GLU A 153 -14.67 22.64 9.09
C GLU A 153 -14.19 22.16 10.46
N ILE A 154 -14.31 23.02 11.45
CA ILE A 154 -13.82 22.77 12.80
C ILE A 154 -15.05 22.71 13.71
N GLU A 155 -15.33 21.53 14.25
CA GLU A 155 -16.53 21.34 15.06
C GLU A 155 -16.16 20.74 16.40
N SER A 156 -17.06 20.89 17.37
CA SER A 156 -16.99 20.18 18.63
C SER A 156 -17.80 18.89 18.49
N TYR A 157 -17.23 17.77 18.93
CA TYR A 157 -17.89 16.50 18.65
C TYR A 157 -19.03 16.22 19.62
N GLY A 158 -18.74 16.21 20.90
CA GLY A 158 -19.73 15.80 21.87
C GLY A 158 -20.33 16.93 22.68
N TYR A 159 -19.66 18.08 22.72
CA TYR A 159 -20.16 19.22 23.45
C TYR A 159 -21.05 20.06 22.55
N THR A 160 -22.22 20.41 23.05
CA THR A 160 -23.14 21.27 22.33
C THR A 160 -22.83 22.72 22.64
N THR A 161 -23.57 23.63 22.01
CA THR A 161 -23.28 25.06 22.15
C THR A 161 -23.63 25.60 23.53
N ASP A 162 -24.30 24.81 24.37
CA ASP A 162 -24.47 25.14 25.78
C ASP A 162 -23.36 24.55 26.64
N ASP A 163 -22.32 23.99 26.03
CA ASP A 163 -21.15 23.51 26.74
C ASP A 163 -19.85 24.13 26.27
N ILE A 164 -19.79 24.65 25.04
CA ILE A 164 -18.55 25.10 24.44
C ILE A 164 -18.88 26.09 23.34
N GLU A 165 -17.99 27.06 23.14
CA GLU A 165 -18.19 28.12 22.14
C GLU A 165 -16.86 28.41 21.47
N PHE A 166 -16.82 28.30 20.14
CA PHE A 166 -15.62 28.56 19.38
C PHE A 166 -15.59 30.00 18.88
N TYR A 167 -14.39 30.55 18.75
CA TYR A 167 -14.19 31.80 18.05
C TYR A 167 -12.77 31.83 17.50
N TRP A 168 -12.50 32.84 16.68
CA TRP A 168 -11.19 33.06 16.11
C TRP A 168 -10.46 34.11 16.94
N ARG A 169 -9.35 33.73 17.55
CA ARG A 169 -8.57 34.66 18.36
C ARG A 169 -7.89 35.67 17.43
N GLY A 170 -8.31 36.94 17.51
CA GLY A 170 -7.93 37.97 16.57
C GLY A 170 -9.00 38.29 15.55
N ASP A 171 -9.89 37.35 15.28
CA ASP A 171 -11.14 37.49 14.52
C ASP A 171 -10.92 37.68 13.03
N ASP A 172 -9.72 38.09 12.62
CA ASP A 172 -9.27 37.95 11.24
C ASP A 172 -7.81 37.51 11.13
N ASN A 173 -6.95 37.89 12.06
CA ASN A 173 -5.57 37.43 12.11
C ASN A 173 -5.43 36.14 12.90
N ALA A 174 -6.51 35.38 13.07
CA ALA A 174 -6.40 34.07 13.69
C ALA A 174 -5.56 33.14 12.82
N VAL A 175 -5.65 33.29 11.51
CA VAL A 175 -4.92 32.44 10.57
C VAL A 175 -3.75 33.22 9.99
N THR A 176 -2.57 32.59 9.98
CA THR A 176 -1.37 33.17 9.41
C THR A 176 -0.78 32.20 8.40
N GLY A 177 0.16 32.70 7.61
CA GLY A 177 0.91 31.86 6.70
C GLY A 177 0.25 31.57 5.37
N VAL A 178 -0.95 32.11 5.12
CA VAL A 178 -1.60 31.85 3.84
C VAL A 178 -0.89 32.60 2.72
N THR A 179 -0.37 33.79 3.01
CA THR A 179 0.25 34.62 1.98
C THR A 179 1.58 34.05 1.49
N LYS A 180 2.20 33.15 2.24
CA LYS A 180 3.49 32.59 1.88
C LYS A 180 3.37 31.24 1.18
N ILE A 181 2.15 30.75 0.96
CA ILE A 181 1.97 29.41 0.43
C ILE A 181 2.37 29.38 -1.03
N GLU A 182 3.18 28.39 -1.40
CA GLU A 182 3.64 28.22 -2.77
C GLU A 182 3.04 26.93 -3.32
N LEU A 183 2.16 27.05 -4.30
CA LEU A 183 1.63 25.93 -5.04
C LEU A 183 2.04 26.05 -6.50
N PRO A 184 2.69 25.04 -7.08
CA PRO A 184 3.11 25.17 -8.49
C PRO A 184 1.97 25.16 -9.48
N GLN A 185 0.80 24.65 -9.11
CA GLN A 185 -0.32 24.53 -10.03
C GLN A 185 -1.46 25.50 -9.73
N PHE A 186 -1.48 26.16 -8.57
CA PHE A 186 -2.58 27.04 -8.20
C PHE A 186 -2.04 28.37 -7.70
N SER A 187 -2.97 29.23 -7.31
CA SER A 187 -2.67 30.52 -6.71
C SER A 187 -3.79 30.85 -5.74
N ILE A 188 -3.44 31.13 -4.48
CA ILE A 188 -4.42 31.42 -3.46
C ILE A 188 -4.90 32.86 -3.67
N VAL A 189 -6.14 33.01 -4.13
CA VAL A 189 -6.69 34.33 -4.41
C VAL A 189 -7.20 34.98 -3.14
N ASP A 190 -7.93 34.23 -2.32
CA ASP A 190 -8.61 34.81 -1.16
C ASP A 190 -8.84 33.70 -0.14
N TYR A 191 -9.10 34.10 1.10
CA TYR A 191 -9.44 33.16 2.14
C TYR A 191 -10.30 33.88 3.18
N LYS A 192 -11.15 33.12 3.87
CA LYS A 192 -12.08 33.69 4.82
C LYS A 192 -12.27 32.78 6.02
N LEU A 193 -12.74 33.40 7.10
CA LEU A 193 -13.08 32.74 8.36
C LEU A 193 -14.56 32.91 8.64
N ILE A 194 -15.21 31.83 9.08
CA ILE A 194 -16.65 31.80 9.32
C ILE A 194 -16.91 31.17 10.69
N THR A 195 -17.99 31.61 11.33
CA THR A 195 -18.43 31.11 12.63
C THR A 195 -19.93 30.87 12.57
N LYS A 196 -20.36 29.65 12.84
CA LYS A 196 -21.78 29.33 12.79
C LYS A 196 -22.06 28.10 13.65
N LYS A 197 -23.26 27.53 13.51
CA LYS A 197 -23.65 26.35 14.25
C LYS A 197 -24.34 25.37 13.33
N VAL A 198 -24.12 24.08 13.56
CA VAL A 198 -24.79 23.02 12.81
C VAL A 198 -25.68 22.25 13.77
N VAL A 199 -26.62 21.49 13.19
CA VAL A 199 -27.59 20.75 13.96
C VAL A 199 -27.66 19.32 13.43
N PHE A 200 -27.47 18.36 14.33
CA PHE A 200 -27.68 16.94 14.06
C PHE A 200 -28.73 16.42 15.02
N SER A 201 -29.11 15.15 14.84
CA SER A 201 -30.14 14.56 15.70
C SER A 201 -29.75 14.62 17.18
N THR A 202 -28.46 14.67 17.48
CA THR A 202 -28.00 14.70 18.87
C THR A 202 -27.86 16.11 19.43
N GLY A 203 -28.20 17.15 18.65
CA GLY A 203 -28.19 18.49 19.20
C GLY A 203 -27.53 19.46 18.25
N SER A 204 -27.19 20.64 18.79
CA SER A 204 -26.56 21.72 18.04
C SER A 204 -25.13 21.92 18.50
N TYR A 205 -24.24 22.19 17.55
CA TYR A 205 -22.81 22.24 17.80
C TYR A 205 -22.18 23.46 17.15
N PRO A 206 -21.19 24.07 17.81
CA PRO A 206 -20.50 25.21 17.21
C PRO A 206 -19.58 24.76 16.08
N ARG A 207 -19.26 25.71 15.20
CA ARG A 207 -18.45 25.40 14.02
C ARG A 207 -17.70 26.63 13.56
N LEU A 208 -16.42 26.42 13.25
CA LEU A 208 -15.60 27.39 12.55
C LEU A 208 -15.31 26.85 11.15
N SER A 209 -15.11 27.77 10.22
CA SER A 209 -14.86 27.40 8.83
C SER A 209 -13.70 28.24 8.32
N LEU A 210 -12.66 27.57 7.84
CA LEU A 210 -11.57 28.22 7.13
C LEU A 210 -11.69 27.88 5.66
N SER A 211 -11.66 28.88 4.79
CA SER A 211 -11.85 28.59 3.38
C SER A 211 -10.85 29.32 2.52
N PHE A 212 -10.35 28.64 1.48
CA PHE A 212 -9.43 29.20 0.51
C PHE A 212 -10.04 29.15 -0.88
N LYS A 213 -9.63 30.08 -1.72
CA LYS A 213 -10.03 30.17 -3.11
C LYS A 213 -8.79 29.98 -3.97
N LEU A 214 -8.74 28.87 -4.70
CA LEU A 214 -7.58 28.50 -5.49
C LEU A 214 -7.87 28.79 -6.96
N LYS A 215 -7.04 29.61 -7.58
CA LYS A 215 -7.13 29.92 -9.00
C LYS A 215 -6.04 29.15 -9.72
N ARG A 216 -6.44 28.31 -10.67
CA ARG A 216 -5.49 27.42 -11.36
C ARG A 216 -4.68 28.21 -12.38
N ASN A 217 -3.37 28.00 -12.37
CA ASN A 217 -2.50 28.62 -13.37
C ASN A 217 -2.71 27.95 -14.73
N ILE A 218 -2.67 28.75 -15.79
CA ILE A 218 -2.95 28.25 -17.14
C ILE A 218 -1.70 27.94 -17.94
N GLY A 219 -0.52 28.38 -17.49
CA GLY A 219 0.67 28.27 -18.33
C GLY A 219 1.02 26.84 -18.70
N TYR A 220 0.98 25.94 -17.72
CA TYR A 220 1.24 24.53 -18.00
C TYR A 220 0.33 24.00 -19.09
N PHE A 221 -0.96 24.33 -19.01
CA PHE A 221 -1.91 23.82 -19.99
C PHE A 221 -1.75 24.52 -21.33
N ILE A 222 -1.25 25.75 -21.34
CA ILE A 222 -0.93 26.40 -22.61
C ILE A 222 0.21 25.66 -23.30
N LEU A 223 1.28 25.37 -22.58
CA LEU A 223 2.42 24.68 -23.17
C LEU A 223 2.21 23.18 -23.34
N GLN A 224 1.15 22.61 -22.78
CA GLN A 224 0.97 21.17 -22.78
C GLN A 224 -0.10 20.65 -23.72
N THR A 225 -1.26 21.31 -23.78
CA THR A 225 -2.36 20.82 -24.59
C THR A 225 -2.76 21.76 -25.72
N TYR A 226 -2.79 23.07 -25.46
CA TYR A 226 -3.31 24.01 -26.46
C TYR A 226 -2.32 24.21 -27.60
N MET A 227 -1.04 24.40 -27.28
CA MET A 227 -0.04 24.53 -28.34
C MET A 227 0.02 23.30 -29.24
N PRO A 228 0.07 22.06 -28.71
CA PRO A 228 0.02 20.90 -29.63
C PRO A 228 -1.24 20.86 -30.48
N SER A 229 -2.40 21.18 -29.91
CA SER A 229 -3.64 21.14 -30.67
C SER A 229 -3.61 22.13 -31.82
N ILE A 230 -3.22 23.37 -31.54
CA ILE A 230 -3.18 24.40 -32.57
C ILE A 230 -2.14 24.03 -33.64
N LEU A 231 -1.02 23.44 -33.23
CA LEU A 231 0.00 23.08 -34.20
C LEU A 231 -0.47 21.93 -35.09
N ILE A 232 -1.22 20.98 -34.54
CA ILE A 232 -1.77 19.90 -35.35
C ILE A 232 -2.80 20.45 -36.32
N THR A 233 -3.61 21.42 -35.89
CA THR A 233 -4.58 22.02 -36.81
C THR A 233 -3.88 22.77 -37.95
N ILE A 234 -2.79 23.46 -37.64
CA ILE A 234 -2.03 24.13 -38.69
C ILE A 234 -1.41 23.11 -39.65
N LEU A 235 -0.83 22.05 -39.10
CA LEU A 235 -0.32 20.96 -39.93
C LEU A 235 -1.40 20.43 -40.85
N SER A 236 -2.64 20.35 -40.35
CA SER A 236 -3.75 19.91 -41.19
C SER A 236 -4.02 20.91 -42.31
N TRP A 237 -3.91 22.21 -42.01
CA TRP A 237 -4.09 23.21 -43.07
C TRP A 237 -3.02 23.07 -44.15
N VAL A 238 -1.82 22.61 -43.78
CA VAL A 238 -0.71 22.53 -44.73
C VAL A 238 -1.11 21.79 -46.01
N SER A 239 -2.02 20.82 -45.91
CA SER A 239 -2.37 20.00 -47.07
C SER A 239 -3.09 20.79 -48.16
N PHE A 240 -3.67 21.94 -47.84
CA PHE A 240 -4.41 22.71 -48.84
C PHE A 240 -3.52 23.22 -49.96
N TRP A 241 -2.21 23.28 -49.74
CA TRP A 241 -1.27 23.75 -50.75
C TRP A 241 -0.77 22.64 -51.67
N ILE A 242 -0.84 21.39 -51.20
CA ILE A 242 -0.50 20.25 -52.05
C ILE A 242 -1.57 20.08 -53.12
N ASN A 243 -1.13 19.79 -54.35
CA ASN A 243 -2.08 19.64 -55.45
C ASN A 243 -2.91 18.37 -55.29
N TYR A 244 -4.14 18.43 -55.83
CA TYR A 244 -5.08 17.34 -55.66
C TYR A 244 -4.57 16.02 -56.24
N ASP A 245 -3.74 16.09 -57.28
CA ASP A 245 -3.17 14.87 -57.86
C ASP A 245 -2.40 14.08 -56.82
N ALA A 246 -1.67 14.77 -55.94
CA ALA A 246 -0.94 14.11 -54.85
C ALA A 246 -1.96 13.73 -53.78
N SER A 247 -2.70 12.67 -54.05
CA SER A 247 -3.72 12.21 -53.12
C SER A 247 -3.10 11.60 -51.87
N ALA A 248 -2.17 10.67 -52.06
CA ALA A 248 -1.57 9.95 -50.94
C ALA A 248 -1.03 10.90 -49.87
N ALA A 249 -0.35 11.97 -50.28
CA ALA A 249 0.23 12.91 -49.33
C ALA A 249 -0.85 13.59 -48.49
N ARG A 250 -1.85 14.16 -49.17
CA ARG A 250 -2.91 14.87 -48.45
C ARG A 250 -3.69 13.94 -47.54
N VAL A 251 -3.95 12.72 -47.99
CA VAL A 251 -4.66 11.76 -47.15
C VAL A 251 -3.84 11.40 -45.92
N ALA A 252 -2.54 11.13 -46.11
CA ALA A 252 -1.69 10.82 -44.97
C ALA A 252 -1.68 11.97 -43.98
N LEU A 253 -1.55 13.20 -44.47
CA LEU A 253 -1.54 14.37 -43.59
C LEU A 253 -2.83 14.48 -42.81
N GLY A 254 -3.97 14.46 -43.50
CA GLY A 254 -5.24 14.62 -42.81
C GLY A 254 -5.53 13.50 -41.83
N ILE A 255 -5.23 12.26 -42.20
CA ILE A 255 -5.49 11.14 -41.31
C ILE A 255 -4.59 11.21 -40.09
N THR A 256 -3.31 11.53 -40.26
CA THR A 256 -2.43 11.64 -39.12
C THR A 256 -2.91 12.73 -38.17
N THR A 257 -3.28 13.90 -38.72
CA THR A 257 -3.75 14.99 -37.87
C THR A 257 -5.02 14.59 -37.12
N VAL A 258 -5.98 13.98 -37.83
CA VAL A 258 -7.23 13.57 -37.19
C VAL A 258 -6.97 12.56 -36.08
N LEU A 259 -6.27 11.48 -36.40
CA LEU A 259 -6.06 10.41 -35.42
C LEU A 259 -5.21 10.88 -34.25
N THR A 260 -4.30 11.84 -34.47
CA THR A 260 -3.53 12.37 -33.36
C THR A 260 -4.35 13.32 -32.50
N MET A 261 -5.29 14.04 -33.11
CA MET A 261 -6.12 14.98 -32.36
C MET A 261 -6.88 14.32 -31.22
N THR A 262 -7.11 13.01 -31.30
CA THR A 262 -7.75 12.27 -30.22
C THR A 262 -6.75 11.72 -29.21
N THR A 263 -5.52 12.25 -29.20
CA THR A 263 -4.47 11.75 -28.34
C THR A 263 -3.77 12.84 -27.53
N ILE A 264 -4.24 14.09 -27.60
CA ILE A 264 -3.76 15.12 -26.69
C ILE A 264 -4.43 15.01 -25.33
N ASN A 265 -5.24 13.98 -25.12
CA ASN A 265 -6.04 13.80 -23.92
C ASN A 265 -5.41 12.85 -22.91
N THR A 266 -4.38 12.09 -23.30
CA THR A 266 -3.91 10.99 -22.47
C THR A 266 -3.12 11.47 -21.26
N HIS A 267 -2.24 12.46 -21.43
CA HIS A 267 -1.44 12.90 -20.30
C HIS A 267 -2.27 13.59 -19.23
N LEU A 268 -3.49 14.01 -19.56
CA LEU A 268 -4.35 14.70 -18.60
C LEU A 268 -5.42 13.80 -17.99
N ARG A 269 -5.95 12.83 -18.75
CA ARG A 269 -7.00 11.97 -18.21
C ARG A 269 -6.49 11.07 -17.10
N GLU A 270 -5.17 10.91 -16.97
CA GLU A 270 -4.62 10.14 -15.87
C GLU A 270 -4.72 10.90 -14.55
N THR A 271 -4.61 12.23 -14.59
CA THR A 271 -4.66 13.05 -13.37
C THR A 271 -6.03 13.62 -13.11
N LEU A 272 -7.06 13.12 -13.77
CA LEU A 272 -8.43 13.61 -13.62
C LEU A 272 -9.36 12.45 -13.31
N PRO A 273 -10.44 12.70 -12.57
CA PRO A 273 -11.41 11.65 -12.31
C PRO A 273 -12.38 11.47 -13.47
N LYS A 274 -13.03 10.31 -13.49
CA LYS A 274 -13.99 10.01 -14.53
C LYS A 274 -15.28 10.79 -14.31
N ILE A 275 -15.25 12.08 -14.58
CA ILE A 275 -16.42 12.95 -14.38
C ILE A 275 -17.32 12.86 -15.62
N PRO A 276 -18.63 12.98 -15.47
CA PRO A 276 -19.55 12.70 -16.58
C PRO A 276 -19.90 13.90 -17.46
N TYR A 277 -19.28 15.06 -17.25
CA TYR A 277 -19.58 16.23 -18.05
C TYR A 277 -18.36 16.63 -18.87
N VAL A 278 -18.57 17.59 -19.75
CA VAL A 278 -17.52 18.10 -20.61
C VAL A 278 -16.80 19.23 -19.89
N LYS A 279 -15.49 19.28 -20.04
CA LYS A 279 -14.69 20.37 -19.51
C LYS A 279 -14.36 21.34 -20.64
N ALA A 280 -13.74 22.47 -20.27
CA ALA A 280 -13.39 23.47 -21.28
C ALA A 280 -12.32 22.93 -22.22
N ILE A 281 -11.35 22.21 -21.69
CA ILE A 281 -10.27 21.68 -22.52
C ILE A 281 -10.81 20.60 -23.46
N ASP A 282 -11.82 19.85 -23.04
CA ASP A 282 -12.46 18.90 -23.93
C ASP A 282 -13.21 19.61 -25.04
N MET A 283 -13.83 20.75 -24.74
CA MET A 283 -14.47 21.55 -25.77
C MET A 283 -13.45 22.05 -26.79
N TYR A 284 -12.28 22.48 -26.32
CA TYR A 284 -11.24 22.93 -27.25
C TYR A 284 -10.77 21.78 -28.14
N LEU A 285 -10.51 20.61 -27.54
CA LEU A 285 -10.06 19.47 -28.32
C LEU A 285 -11.11 19.03 -29.33
N MET A 286 -12.39 19.09 -28.95
CA MET A 286 -13.45 18.71 -29.88
C MET A 286 -13.58 19.72 -31.01
N GLY A 287 -13.38 21.01 -30.72
CA GLY A 287 -13.38 21.99 -31.79
C GLY A 287 -12.26 21.76 -32.78
N CYS A 288 -11.05 21.54 -32.27
CA CYS A 288 -9.92 21.24 -33.16
C CYS A 288 -10.14 19.95 -33.94
N PHE A 289 -10.80 18.96 -33.33
CA PHE A 289 -11.13 17.74 -34.06
C PHE A 289 -12.12 18.00 -35.18
N VAL A 290 -13.15 18.81 -34.91
CA VAL A 290 -14.10 19.15 -35.97
C VAL A 290 -13.38 19.86 -37.11
N PHE A 291 -12.41 20.72 -36.78
CA PHE A 291 -11.67 21.43 -37.82
C PHE A 291 -10.87 20.46 -38.69
N VAL A 292 -10.09 19.57 -38.07
CA VAL A 292 -9.26 18.68 -38.88
C VAL A 292 -10.12 17.68 -39.65
N PHE A 293 -11.26 17.26 -39.08
CA PHE A 293 -12.17 16.37 -39.78
C PHE A 293 -12.78 17.06 -40.99
N MET A 294 -13.13 18.35 -40.84
CA MET A 294 -13.68 19.09 -41.98
C MET A 294 -12.62 19.34 -43.04
N ALA A 295 -11.35 19.48 -42.66
CA ALA A 295 -10.29 19.57 -43.66
C ALA A 295 -10.18 18.27 -44.47
N LEU A 296 -10.18 17.13 -43.78
CA LEU A 296 -10.13 15.86 -44.48
C LEU A 296 -11.36 15.68 -45.37
N LEU A 297 -12.53 16.12 -44.92
CA LEU A 297 -13.73 15.99 -45.74
C LEU A 297 -13.71 16.94 -46.93
N GLU A 298 -13.13 18.14 -46.77
CA GLU A 298 -12.95 19.02 -47.91
C GLU A 298 -12.07 18.36 -48.97
N TYR A 299 -10.98 17.73 -48.54
CA TYR A 299 -10.16 17.01 -49.51
C TYR A 299 -10.94 15.89 -50.17
N ALA A 300 -11.73 15.13 -49.39
CA ALA A 300 -12.51 14.06 -49.98
C ALA A 300 -13.46 14.58 -51.03
N LEU A 301 -14.13 15.70 -50.75
CA LEU A 301 -15.05 16.27 -51.72
C LEU A 301 -14.32 16.73 -52.98
N VAL A 302 -13.17 17.38 -52.84
CA VAL A 302 -12.48 17.87 -54.03
C VAL A 302 -11.88 16.71 -54.82
N ASN A 303 -11.49 15.63 -54.16
CA ASN A 303 -11.04 14.43 -54.87
C ASN A 303 -12.20 13.77 -55.59
N TYR A 304 -13.40 13.83 -55.01
CA TYR A 304 -14.58 13.27 -55.66
C TYR A 304 -15.00 14.10 -56.87
N ILE A 305 -14.77 15.41 -56.83
CA ILE A 305 -15.25 16.33 -57.85
C ILE A 305 -14.10 16.86 -58.72
N PHE A 306 -12.93 16.23 -58.65
CA PHE A 306 -11.77 16.76 -59.34
C PHE A 306 -11.87 16.61 -60.86
N PHE A 307 -12.05 15.38 -61.34
CA PHE A 307 -11.94 15.16 -62.78
C PHE A 307 -13.10 15.78 -63.55
N SER A 308 -14.29 15.81 -62.96
CA SER A 308 -15.45 16.39 -63.64
C SER A 308 -15.29 17.91 -63.77
N GLN A 309 -15.16 18.60 -62.64
CA GLN A 309 -15.14 20.06 -62.59
C GLN A 309 -13.79 20.50 -62.03
N PRO A 310 -12.74 20.47 -62.84
CA PRO A 310 -11.38 20.72 -62.32
C PRO A 310 -11.19 22.12 -61.77
N ALA A 311 -12.06 23.08 -62.12
CA ALA A 311 -11.95 24.44 -61.64
C ALA A 311 -12.66 24.66 -60.32
N ARG A 312 -13.78 23.97 -60.12
CA ARG A 312 -14.47 24.02 -58.84
C ARG A 312 -13.54 23.56 -57.71
N ALA A 313 -12.80 22.47 -57.93
CA ALA A 313 -11.91 21.95 -56.91
C ALA A 313 -10.77 22.92 -56.60
N ALA A 314 -10.21 23.55 -57.63
CA ALA A 314 -9.16 24.53 -57.39
C ALA A 314 -9.69 25.74 -56.63
N ALA A 315 -10.90 26.20 -56.98
CA ALA A 315 -11.50 27.30 -56.25
C ALA A 315 -11.73 26.92 -54.80
N ILE A 316 -12.11 25.67 -54.54
CA ILE A 316 -12.35 25.24 -53.17
C ILE A 316 -11.04 25.20 -52.40
N ASP A 317 -9.95 24.74 -53.03
CA ASP A 317 -8.65 24.78 -52.37
C ASP A 317 -8.26 26.20 -52.02
N ARG A 318 -8.40 27.12 -52.98
CA ARG A 318 -8.07 28.53 -52.73
C ARG A 318 -8.90 29.09 -51.60
N TRP A 319 -10.20 28.77 -51.56
CA TRP A 319 -11.06 29.26 -50.50
C TRP A 319 -10.68 28.67 -49.15
N SER A 320 -10.34 27.38 -49.12
CA SER A 320 -9.95 26.74 -47.87
C SER A 320 -8.73 27.40 -47.26
N ARG A 321 -7.71 27.65 -48.09
CA ARG A 321 -6.46 28.21 -47.60
C ARG A 321 -6.64 29.49 -46.80
N ILE A 322 -7.77 30.18 -46.98
CA ILE A 322 -8.06 31.41 -46.26
C ILE A 322 -9.15 31.22 -45.22
N PHE A 323 -10.17 30.41 -45.54
CA PHE A 323 -11.35 30.29 -44.70
C PHE A 323 -11.17 29.32 -43.54
N PHE A 324 -10.13 28.48 -43.55
CA PHE A 324 -9.91 27.67 -42.37
C PHE A 324 -9.22 28.48 -41.26
N PRO A 325 -8.16 29.24 -41.55
CA PRO A 325 -7.58 30.09 -40.49
C PRO A 325 -8.55 31.12 -39.94
N VAL A 326 -9.42 31.68 -40.77
CA VAL A 326 -10.35 32.71 -40.30
C VAL A 326 -11.32 32.15 -39.28
N VAL A 327 -11.98 31.04 -39.63
CA VAL A 327 -12.93 30.44 -38.69
C VAL A 327 -12.20 29.87 -37.47
N PHE A 328 -10.96 29.41 -37.64
CA PHE A 328 -10.24 28.92 -36.47
C PHE A 328 -9.92 30.08 -35.50
N SER A 329 -9.58 31.24 -36.06
CA SER A 329 -9.39 32.42 -35.21
C SER A 329 -10.68 32.83 -34.53
N PHE A 330 -11.80 32.79 -35.25
CA PHE A 330 -13.08 33.12 -34.63
C PHE A 330 -13.43 32.16 -33.50
N PHE A 331 -13.19 30.86 -33.71
CA PHE A 331 -13.43 29.86 -32.68
C PHE A 331 -12.55 30.12 -31.46
N ASN A 332 -11.27 30.41 -31.68
CA ASN A 332 -10.38 30.72 -30.57
C ASN A 332 -10.85 31.94 -29.80
N ILE A 333 -11.30 32.97 -30.52
CA ILE A 333 -11.78 34.18 -29.86
C ILE A 333 -12.99 33.88 -28.99
N VAL A 334 -13.98 33.17 -29.55
CA VAL A 334 -15.18 32.85 -28.79
C VAL A 334 -14.83 32.03 -27.55
N TYR A 335 -13.96 31.03 -27.71
CA TYR A 335 -13.57 30.17 -26.60
C TYR A 335 -12.89 30.98 -25.50
N TRP A 336 -11.84 31.73 -25.83
CA TRP A 336 -11.08 32.42 -24.81
C TRP A 336 -11.83 33.63 -24.25
N LEU A 337 -12.86 34.12 -24.93
CA LEU A 337 -13.68 35.16 -24.32
C LEU A 337 -14.73 34.57 -23.40
N TYR A 338 -15.22 33.36 -23.70
CA TYR A 338 -16.24 32.77 -22.85
C TYR A 338 -15.64 32.19 -21.58
N TYR A 339 -14.52 31.49 -21.67
CA TYR A 339 -13.95 30.84 -20.50
C TYR A 339 -13.02 31.73 -19.69
N VAL A 340 -12.76 32.96 -20.15
CA VAL A 340 -11.97 33.88 -19.35
C VAL A 340 -12.84 35.02 -18.87
N ASP B 10 -18.58 25.60 44.06
CA ASP B 10 -17.82 24.61 43.30
C ASP B 10 -18.56 23.28 43.25
N ASN B 11 -19.54 23.18 42.36
CA ASN B 11 -20.37 21.99 42.24
C ASN B 11 -19.72 20.89 41.39
N THR B 12 -18.42 20.95 41.14
CA THR B 12 -17.78 19.89 40.37
C THR B 12 -17.52 18.65 41.23
N THR B 13 -17.38 18.82 42.54
CA THR B 13 -17.13 17.66 43.41
C THR B 13 -18.36 16.77 43.51
N VAL B 14 -19.55 17.36 43.46
CA VAL B 14 -20.78 16.56 43.49
C VAL B 14 -20.84 15.65 42.26
N PHE B 15 -20.58 16.21 41.08
CA PHE B 15 -20.60 15.40 39.87
C PHE B 15 -19.46 14.40 39.86
N THR B 16 -18.31 14.77 40.42
CA THR B 16 -17.21 13.82 40.54
C THR B 16 -17.62 12.63 41.41
N ARG B 17 -18.35 12.90 42.50
CA ARG B 17 -18.79 11.82 43.37
C ARG B 17 -19.84 10.95 42.69
N ILE B 18 -20.76 11.57 41.94
CA ILE B 18 -21.70 10.78 41.15
C ILE B 18 -20.96 9.86 40.19
N LEU B 19 -19.93 10.39 39.52
CA LEU B 19 -19.20 9.61 38.54
C LEU B 19 -18.42 8.46 39.18
N ASP B 20 -17.75 8.73 40.30
CA ASP B 20 -16.99 7.66 40.94
C ASP B 20 -17.88 6.67 41.69
N ARG B 21 -19.10 7.05 42.04
CA ARG B 21 -20.03 6.11 42.64
C ARG B 21 -20.70 5.24 41.59
N LEU B 22 -20.89 5.76 40.38
CA LEU B 22 -21.50 4.98 39.32
C LEU B 22 -20.64 3.74 39.00
N LEU B 23 -19.35 3.94 38.81
CA LEU B 23 -18.45 2.85 38.49
C LEU B 23 -18.08 2.00 39.70
N ASP B 24 -18.53 2.36 40.90
CA ASP B 24 -18.23 1.60 42.10
C ASP B 24 -18.88 0.22 42.02
N GLY B 25 -18.06 -0.81 41.85
CA GLY B 25 -18.55 -2.17 41.72
C GLY B 25 -18.96 -2.58 40.32
N TYR B 26 -18.63 -1.78 39.31
CA TYR B 26 -19.03 -2.06 37.94
C TYR B 26 -18.05 -3.02 37.28
N ASP B 27 -18.60 -3.91 36.46
CA ASP B 27 -17.80 -4.92 35.77
C ASP B 27 -18.09 -4.79 34.27
N ASN B 28 -17.17 -4.14 33.55
CA ASN B 28 -17.37 -3.88 32.13
C ASN B 28 -17.09 -5.10 31.26
N ARG B 29 -16.93 -6.27 31.86
CA ARG B 29 -16.74 -7.52 31.12
C ARG B 29 -18.02 -8.31 30.96
N LEU B 30 -19.09 -7.89 31.62
CA LEU B 30 -20.38 -8.56 31.56
C LEU B 30 -21.38 -7.63 30.90
N ARG B 31 -22.02 -8.10 29.83
CA ARG B 31 -23.05 -7.31 29.19
C ARG B 31 -24.20 -7.08 30.18
N PRO B 32 -24.88 -5.93 30.08
CA PRO B 32 -26.00 -5.68 30.99
C PRO B 32 -27.13 -6.68 30.75
N GLY B 33 -27.54 -7.34 31.82
CA GLY B 33 -28.54 -8.39 31.71
C GLY B 33 -27.98 -9.74 31.32
N LEU B 34 -26.78 -10.06 31.78
CA LEU B 34 -26.05 -11.22 31.27
C LEU B 34 -26.81 -12.52 31.51
N GLY B 35 -27.35 -12.71 32.70
CA GLY B 35 -28.07 -13.92 33.00
C GLY B 35 -29.57 -13.83 32.96
N GLU B 36 -30.14 -12.68 32.57
CA GLU B 36 -31.57 -12.45 32.70
C GLU B 36 -32.27 -12.24 31.36
N ARG B 37 -31.75 -11.38 30.50
CA ARG B 37 -32.49 -10.99 29.30
C ARG B 37 -31.52 -10.73 28.15
N VAL B 38 -32.09 -10.43 26.99
CA VAL B 38 -31.31 -10.01 25.83
C VAL B 38 -31.03 -8.52 25.92
N THR B 39 -29.84 -8.11 25.53
CA THR B 39 -29.48 -6.69 25.45
C THR B 39 -29.90 -6.16 24.09
N GLU B 40 -30.80 -5.18 24.07
CA GLU B 40 -31.29 -4.58 22.84
C GLU B 40 -30.51 -3.31 22.55
N VAL B 41 -29.93 -3.23 21.35
CA VAL B 41 -29.13 -2.09 20.91
C VAL B 41 -29.90 -1.39 19.80
N LYS B 42 -30.36 -0.17 20.05
CA LYS B 42 -31.03 0.64 19.05
C LYS B 42 -29.99 1.44 18.28
N THR B 43 -30.01 1.31 16.96
CA THR B 43 -28.97 1.85 16.11
C THR B 43 -29.54 2.78 15.06
N ASP B 44 -28.80 3.82 14.73
CA ASP B 44 -29.10 4.62 13.56
C ASP B 44 -27.81 5.19 12.98
N ILE B 45 -27.89 5.64 11.73
CA ILE B 45 -26.73 6.05 10.96
C ILE B 45 -27.01 7.39 10.30
N PHE B 46 -26.07 8.31 10.39
CA PHE B 46 -26.10 9.55 9.64
C PHE B 46 -24.90 9.56 8.71
N VAL B 47 -25.15 9.37 7.43
CA VAL B 47 -24.09 9.37 6.42
C VAL B 47 -23.72 10.82 6.12
N THR B 48 -22.55 11.25 6.60
CA THR B 48 -22.12 12.61 6.33
C THR B 48 -21.63 12.75 4.90
N SER B 49 -21.18 11.66 4.29
CA SER B 49 -20.70 11.67 2.92
C SER B 49 -20.60 10.24 2.43
N PHE B 50 -21.17 9.96 1.27
CA PHE B 50 -21.05 8.66 0.61
C PHE B 50 -19.86 8.76 -0.34
N GLY B 51 -18.77 8.09 0.01
CA GLY B 51 -17.48 8.30 -0.63
C GLY B 51 -17.45 7.80 -2.05
N PRO B 52 -16.26 7.83 -2.66
CA PRO B 52 -16.13 7.34 -4.03
C PRO B 52 -16.27 5.82 -4.11
N VAL B 53 -16.67 5.36 -5.28
CA VAL B 53 -16.82 3.94 -5.56
C VAL B 53 -15.63 3.50 -6.41
N SER B 54 -15.08 2.33 -6.09
CA SER B 54 -13.98 1.74 -6.85
C SER B 54 -14.50 0.44 -7.48
N ASP B 55 -14.85 0.51 -8.76
CA ASP B 55 -15.28 -0.70 -9.46
C ASP B 55 -14.12 -1.67 -9.64
N HIS B 56 -12.88 -1.18 -9.67
CA HIS B 56 -11.73 -2.06 -9.80
C HIS B 56 -11.55 -2.93 -8.56
N ASP B 57 -11.58 -2.30 -7.38
CA ASP B 57 -11.50 -3.04 -6.13
C ASP B 57 -12.84 -3.63 -5.71
N MET B 58 -13.92 -3.27 -6.40
CA MET B 58 -15.27 -3.64 -6.01
C MET B 58 -15.52 -3.32 -4.54
N GLU B 59 -15.42 -2.04 -4.23
CA GLU B 59 -15.57 -1.54 -2.87
C GLU B 59 -16.02 -0.09 -2.92
N TYR B 60 -16.47 0.40 -1.78
CA TYR B 60 -16.88 1.79 -1.68
C TYR B 60 -16.55 2.33 -0.29
N THR B 61 -16.49 3.64 -0.20
CA THR B 61 -16.16 4.35 1.03
C THR B 61 -17.41 5.07 1.55
N ILE B 62 -17.53 5.17 2.87
CA ILE B 62 -18.64 5.88 3.48
C ILE B 62 -18.19 6.47 4.79
N ASP B 63 -18.62 7.69 5.07
CA ASP B 63 -18.30 8.40 6.31
C ASP B 63 -19.59 8.58 7.09
N VAL B 64 -19.62 8.09 8.33
CA VAL B 64 -20.87 8.02 9.08
C VAL B 64 -20.69 8.47 10.52
N PHE B 65 -21.76 9.03 11.07
CA PHE B 65 -22.01 9.05 12.50
C PHE B 65 -22.83 7.80 12.81
N PHE B 66 -22.24 6.90 13.57
CA PHE B 66 -22.86 5.63 13.95
C PHE B 66 -23.32 5.75 15.40
N ARG B 67 -24.63 5.61 15.63
CA ARG B 67 -25.24 5.88 16.92
C ARG B 67 -25.88 4.61 17.46
N GLN B 68 -25.54 4.26 18.70
CA GLN B 68 -26.11 3.11 19.37
C GLN B 68 -26.66 3.54 20.72
N SER B 69 -27.66 2.81 21.20
CA SER B 69 -28.30 3.18 22.45
C SER B 69 -28.82 1.91 23.11
N TRP B 70 -28.54 1.76 24.40
CA TRP B 70 -29.02 0.57 25.09
C TRP B 70 -29.29 0.93 26.54
N LYS B 71 -29.76 -0.05 27.30
CA LYS B 71 -30.11 0.14 28.70
C LYS B 71 -29.14 -0.63 29.57
N ASP B 72 -28.52 0.07 30.52
CA ASP B 72 -27.64 -0.55 31.51
C ASP B 72 -28.12 -0.06 32.88
N GLU B 73 -28.96 -0.86 33.53
CA GLU B 73 -29.54 -0.50 34.81
C GLU B 73 -28.50 -0.37 35.91
N ARG B 74 -27.28 -0.87 35.68
CA ARG B 74 -26.19 -0.65 36.62
C ARG B 74 -25.75 0.81 36.67
N LEU B 75 -26.15 1.62 35.69
CA LEU B 75 -25.66 2.99 35.57
C LEU B 75 -26.72 4.03 35.89
N LYS B 76 -27.78 3.64 36.60
CA LYS B 76 -28.76 4.62 37.05
C LYS B 76 -28.15 5.54 38.10
N PHE B 77 -28.53 6.81 38.05
CA PHE B 77 -28.02 7.80 39.00
C PHE B 77 -29.12 8.78 39.34
N LYS B 78 -28.89 9.55 40.41
CA LYS B 78 -29.80 10.61 40.83
C LYS B 78 -28.97 11.82 41.21
N GLY B 79 -29.20 12.94 40.54
CA GLY B 79 -28.46 14.15 40.83
C GLY B 79 -29.12 15.38 40.25
N PRO B 80 -28.40 16.50 40.24
CA PRO B 80 -28.95 17.74 39.69
C PRO B 80 -29.06 17.75 38.17
N MET B 81 -28.51 16.76 37.48
CA MET B 81 -28.60 16.65 36.03
C MET B 81 -29.38 15.40 35.65
N THR B 82 -30.14 15.51 34.56
CA THR B 82 -30.85 14.35 34.02
C THR B 82 -30.03 13.59 32.98
N VAL B 83 -29.04 14.24 32.36
CA VAL B 83 -28.19 13.60 31.37
C VAL B 83 -26.75 14.01 31.65
N LEU B 84 -25.85 13.03 31.65
CA LEU B 84 -24.43 13.26 31.76
C LEU B 84 -23.81 13.13 30.38
N ARG B 85 -23.21 14.21 29.88
CA ARG B 85 -22.59 14.25 28.55
C ARG B 85 -21.09 14.07 28.75
N LEU B 86 -20.65 12.82 28.66
CA LEU B 86 -19.27 12.47 28.92
C LEU B 86 -18.52 12.20 27.63
N ASN B 87 -17.21 12.39 27.70
CA ASN B 87 -16.35 12.24 26.53
C ASN B 87 -16.23 10.78 26.13
N ASN B 88 -15.37 10.54 25.14
CA ASN B 88 -15.03 9.19 24.73
C ASN B 88 -14.34 8.41 25.84
N LEU B 89 -13.66 9.12 26.75
CA LEU B 89 -12.82 8.45 27.74
C LEU B 89 -13.63 7.64 28.73
N MET B 90 -14.87 8.06 29.01
CA MET B 90 -15.71 7.32 29.95
C MET B 90 -16.22 6.02 29.36
N ALA B 91 -16.49 5.99 28.06
CA ALA B 91 -17.03 4.81 27.41
C ALA B 91 -16.09 3.62 27.47
N SER B 92 -14.85 3.80 27.90
CA SER B 92 -13.90 2.70 28.02
C SER B 92 -14.05 1.95 29.33
N LYS B 93 -14.59 2.59 30.36
CA LYS B 93 -14.77 1.94 31.65
C LYS B 93 -16.08 1.18 31.77
N ILE B 94 -17.02 1.40 30.87
CA ILE B 94 -18.29 0.71 30.89
C ILE B 94 -18.33 -0.31 29.76
N TRP B 95 -19.34 -1.16 29.78
CA TRP B 95 -19.55 -2.10 28.69
C TRP B 95 -20.16 -1.39 27.50
N THR B 96 -19.61 -1.63 26.33
CA THR B 96 -20.17 -1.16 25.07
C THR B 96 -20.29 -2.34 24.12
N PRO B 97 -21.19 -2.27 23.15
CA PRO B 97 -21.36 -3.38 22.21
C PRO B 97 -20.17 -3.51 21.26
N ASP B 98 -19.92 -4.74 20.83
CA ASP B 98 -18.81 -5.07 19.94
C ASP B 98 -19.29 -5.13 18.49
N THR B 99 -19.83 -4.01 18.03
CA THR B 99 -20.40 -3.95 16.69
C THR B 99 -19.30 -3.87 15.64
N PHE B 100 -19.43 -4.69 14.61
CA PHE B 100 -18.50 -4.68 13.49
C PHE B 100 -19.29 -4.78 12.21
N PHE B 101 -18.65 -4.40 11.11
CA PHE B 101 -19.24 -4.47 9.78
C PHE B 101 -18.78 -5.75 9.10
N HIS B 102 -19.74 -6.52 8.60
CA HIS B 102 -19.43 -7.83 8.04
C HIS B 102 -18.68 -7.72 6.72
N ASN B 103 -19.09 -6.79 5.86
CA ASN B 103 -18.41 -6.59 4.58
C ASN B 103 -17.39 -5.47 4.65
N GLY B 104 -16.97 -5.07 5.85
CA GLY B 104 -15.94 -4.06 5.95
C GLY B 104 -14.57 -4.61 5.62
N LYS B 105 -13.72 -3.74 5.08
CA LYS B 105 -12.40 -4.14 4.62
C LYS B 105 -11.29 -3.55 5.50
N LYS B 106 -11.25 -2.23 5.65
CA LYS B 106 -10.28 -1.61 6.56
C LYS B 106 -10.84 -0.24 6.93
N SER B 107 -11.44 -0.15 8.11
CA SER B 107 -12.18 1.03 8.53
C SER B 107 -11.34 1.89 9.46
N VAL B 108 -11.87 3.07 9.76
CA VAL B 108 -11.18 4.07 10.57
C VAL B 108 -12.12 4.62 11.61
N ALA B 109 -11.69 4.61 12.86
CA ALA B 109 -12.37 5.35 13.93
C ALA B 109 -11.53 6.60 14.18
N HIS B 110 -12.01 7.74 13.68
CA HIS B 110 -11.24 8.98 13.72
C HIS B 110 -11.01 9.42 15.17
N ASN B 111 -9.79 9.89 15.44
CA ASN B 111 -9.43 10.33 16.78
C ASN B 111 -8.60 11.60 16.75
N MET B 112 -8.96 12.53 15.87
CA MET B 112 -8.31 13.84 15.78
C MET B 112 -9.35 14.91 16.06
N THR B 113 -9.08 15.78 17.03
CA THR B 113 -7.83 15.77 17.79
C THR B 113 -7.93 14.83 18.99
N MET B 114 -9.15 14.42 19.32
CA MET B 114 -9.44 13.43 20.34
C MET B 114 -10.29 12.35 19.70
N PRO B 115 -10.43 11.18 20.35
CA PRO B 115 -11.35 10.15 19.82
C PRO B 115 -12.73 10.71 19.56
N ASN B 116 -13.16 10.70 18.29
CA ASN B 116 -14.43 11.31 17.92
C ASN B 116 -15.58 10.43 18.40
N LYS B 117 -15.74 10.34 19.70
CA LYS B 117 -16.77 9.53 20.32
C LYS B 117 -17.46 10.35 21.40
N LEU B 118 -18.69 9.97 21.70
CA LEU B 118 -19.48 10.70 22.66
C LEU B 118 -20.35 9.72 23.42
N LEU B 119 -20.38 9.83 24.75
CA LEU B 119 -21.23 8.99 25.56
C LEU B 119 -22.17 9.88 26.36
N ARG B 120 -23.41 9.46 26.50
CA ARG B 120 -24.38 10.21 27.28
C ARG B 120 -25.24 9.23 28.07
N ILE B 121 -25.28 9.44 29.39
CA ILE B 121 -26.02 8.58 30.29
C ILE B 121 -27.20 9.38 30.83
N THR B 122 -28.41 8.86 30.63
CA THR B 122 -29.57 9.47 31.28
C THR B 122 -29.81 8.80 32.63
N GLU B 123 -30.52 9.52 33.50
CA GLU B 123 -30.68 9.09 34.88
C GLU B 123 -31.41 7.75 35.00
N ASP B 124 -32.17 7.36 33.98
CA ASP B 124 -32.84 6.07 33.99
C ASP B 124 -31.92 4.94 33.56
N GLY B 125 -30.64 5.21 33.34
CA GLY B 125 -29.71 4.17 32.93
C GLY B 125 -29.65 3.91 31.44
N THR B 126 -30.07 4.86 30.61
CA THR B 126 -30.03 4.70 29.17
C THR B 126 -28.78 5.35 28.60
N LEU B 127 -28.04 4.59 27.81
CA LEU B 127 -26.78 5.02 27.24
C LEU B 127 -26.95 5.31 25.76
N LEU B 128 -26.42 6.46 25.34
CA LEU B 128 -26.28 6.82 23.93
C LEU B 128 -24.79 6.92 23.63
N TYR B 129 -24.35 6.18 22.63
CA TYR B 129 -22.94 6.05 22.28
C TYR B 129 -22.81 6.37 20.80
N THR B 130 -22.10 7.44 20.48
CA THR B 130 -21.98 7.90 19.11
C THR B 130 -20.51 7.92 18.70
N MET B 131 -20.24 7.48 17.47
CA MET B 131 -18.88 7.44 16.95
C MET B 131 -18.86 7.95 15.52
N ARG B 132 -17.73 8.54 15.12
CA ARG B 132 -17.51 8.94 13.75
C ARG B 132 -16.57 7.95 13.07
N LEU B 133 -16.99 7.42 11.92
CA LEU B 133 -16.30 6.32 11.28
C LEU B 133 -16.15 6.57 9.79
N THR B 134 -15.11 5.96 9.21
CA THR B 134 -14.95 5.83 7.77
C THR B 134 -14.84 4.35 7.46
N VAL B 135 -15.80 3.82 6.72
CA VAL B 135 -15.88 2.40 6.41
C VAL B 135 -15.59 2.21 4.92
N ARG B 136 -14.66 1.32 4.62
CA ARG B 136 -14.53 0.75 3.28
C ARG B 136 -15.20 -0.60 3.28
N ALA B 137 -16.12 -0.81 2.34
CA ALA B 137 -16.93 -2.02 2.34
C ALA B 137 -16.99 -2.62 0.95
N GLU B 138 -17.10 -3.94 0.90
CA GLU B 138 -17.16 -4.65 -0.37
C GLU B 138 -18.50 -4.45 -1.04
N CYS B 139 -18.47 -4.15 -2.34
CA CYS B 139 -19.66 -4.07 -3.17
C CYS B 139 -19.41 -4.92 -4.40
N PRO B 140 -19.78 -6.20 -4.37
CA PRO B 140 -19.61 -7.04 -5.57
C PRO B 140 -20.52 -6.60 -6.70
N MET B 141 -19.91 -6.14 -7.80
CA MET B 141 -20.62 -5.53 -8.90
C MET B 141 -20.65 -6.47 -10.11
N HIS B 142 -21.83 -6.66 -10.67
CA HIS B 142 -21.99 -7.37 -11.94
C HIS B 142 -21.96 -6.33 -13.06
N LEU B 143 -20.92 -6.39 -13.89
CA LEU B 143 -20.64 -5.34 -14.86
C LEU B 143 -21.04 -5.73 -16.28
N GLU B 144 -22.07 -6.56 -16.44
CA GLU B 144 -22.45 -6.99 -17.79
C GLU B 144 -23.09 -5.86 -18.58
N ASP B 145 -23.80 -4.95 -17.92
CA ASP B 145 -24.43 -3.82 -18.58
C ASP B 145 -23.56 -2.57 -18.57
N PHE B 146 -22.32 -2.69 -18.12
CA PHE B 146 -21.39 -1.56 -18.10
C PHE B 146 -21.31 -0.93 -19.50
N PRO B 147 -21.29 0.41 -19.59
CA PRO B 147 -21.32 1.37 -18.48
C PRO B 147 -22.73 1.85 -18.12
N MET B 148 -23.74 1.08 -18.48
CA MET B 148 -25.13 1.44 -18.23
C MET B 148 -25.72 0.55 -17.14
N ASP B 149 -24.94 0.31 -16.09
CA ASP B 149 -25.26 -0.64 -15.05
C ASP B 149 -25.67 0.08 -13.76
N ALA B 150 -26.35 -0.67 -12.89
CA ALA B 150 -26.81 -0.15 -11.61
C ALA B 150 -26.55 -1.21 -10.55
N HIS B 151 -26.20 -0.77 -9.34
CA HIS B 151 -25.83 -1.69 -8.27
C HIS B 151 -26.53 -1.30 -6.98
N ALA B 152 -26.60 -2.27 -6.07
CA ALA B 152 -27.04 -2.03 -4.70
C ALA B 152 -25.88 -2.42 -3.80
N CYS B 153 -25.17 -1.43 -3.29
CA CYS B 153 -24.01 -1.69 -2.44
C CYS B 153 -24.45 -1.96 -1.00
N PRO B 154 -24.03 -3.07 -0.40
CA PRO B 154 -24.48 -3.40 0.94
C PRO B 154 -23.56 -2.89 2.04
N LEU B 155 -24.14 -2.76 3.22
CA LEU B 155 -23.44 -2.40 4.45
C LEU B 155 -24.09 -3.20 5.56
N LYS B 156 -23.44 -4.28 5.99
CA LYS B 156 -23.99 -5.19 6.97
C LYS B 156 -23.20 -5.10 8.26
N PHE B 157 -23.89 -5.03 9.39
CA PHE B 157 -23.20 -4.96 10.66
C PHE B 157 -23.92 -5.81 11.70
N GLY B 158 -23.22 -6.05 12.79
CA GLY B 158 -23.79 -6.79 13.90
C GLY B 158 -22.76 -7.01 14.98
N SER B 159 -23.14 -7.83 15.96
CA SER B 159 -22.24 -8.13 17.07
C SER B 159 -21.25 -9.20 16.68
N TYR B 160 -20.01 -9.07 17.17
CA TYR B 160 -18.97 -10.01 16.80
C TYR B 160 -19.02 -11.28 17.64
N ALA B 161 -19.37 -11.17 18.91
CA ALA B 161 -19.31 -12.30 19.82
C ALA B 161 -20.66 -12.74 20.37
N TYR B 162 -21.63 -11.83 20.50
CA TYR B 162 -22.87 -12.12 21.19
C TYR B 162 -23.92 -12.60 20.20
N THR B 163 -24.41 -13.82 20.40
CA THR B 163 -25.40 -14.42 19.53
C THR B 163 -26.78 -13.82 19.79
N ARG B 164 -27.76 -14.27 19.01
CA ARG B 164 -29.10 -13.68 19.05
C ARG B 164 -29.73 -13.79 20.43
N ALA B 165 -29.37 -14.83 21.20
CA ALA B 165 -29.90 -14.99 22.54
C ALA B 165 -29.28 -14.03 23.55
N GLU B 166 -28.29 -13.24 23.14
CA GLU B 166 -27.58 -12.36 24.07
C GLU B 166 -27.66 -10.89 23.67
N VAL B 167 -27.55 -10.57 22.39
CA VAL B 167 -27.58 -9.20 21.91
C VAL B 167 -28.38 -9.16 20.61
N VAL B 168 -29.38 -8.29 20.56
CA VAL B 168 -30.13 -8.05 19.33
C VAL B 168 -30.02 -6.57 19.01
N TYR B 169 -30.04 -6.25 17.72
CA TYR B 169 -30.02 -4.89 17.23
C TYR B 169 -31.37 -4.50 16.68
N GLU B 170 -31.66 -3.20 16.71
CA GLU B 170 -32.90 -2.65 16.22
C GLU B 170 -32.64 -1.25 15.69
N TRP B 171 -33.43 -0.83 14.72
CA TRP B 171 -33.40 0.55 14.27
C TRP B 171 -34.11 1.42 15.29
N THR B 172 -33.54 2.59 15.57
CA THR B 172 -34.06 3.43 16.65
C THR B 172 -35.34 4.16 16.27
N ARG B 173 -35.51 4.49 14.99
CA ARG B 173 -36.74 5.04 14.44
C ARG B 173 -37.34 4.03 13.49
N GLU B 174 -38.42 4.41 12.83
CA GLU B 174 -38.95 3.59 11.76
C GLU B 174 -37.81 3.18 10.81
N PRO B 175 -37.77 1.92 10.39
CA PRO B 175 -36.62 1.46 9.59
C PRO B 175 -36.35 2.31 8.35
N ALA B 176 -37.40 2.78 7.67
CA ALA B 176 -37.24 3.62 6.50
C ALA B 176 -36.62 4.98 6.80
N ARG B 177 -36.58 5.38 8.07
CA ARG B 177 -36.05 6.68 8.47
C ARG B 177 -34.79 6.59 9.30
N SER B 178 -34.23 5.39 9.51
CA SER B 178 -33.14 5.19 10.44
C SER B 178 -31.76 5.36 9.84
N VAL B 179 -31.64 5.36 8.51
CA VAL B 179 -30.39 5.64 7.83
C VAL B 179 -30.61 6.92 7.03
N VAL B 180 -29.94 8.00 7.44
CA VAL B 180 -30.20 9.33 6.89
C VAL B 180 -28.92 9.85 6.25
N VAL B 181 -28.99 10.18 4.98
CA VAL B 181 -27.85 10.72 4.23
C VAL B 181 -27.93 12.23 4.21
N ALA B 182 -26.78 12.89 4.35
CA ALA B 182 -26.72 14.34 4.29
C ALA B 182 -26.94 14.84 2.85
N GLU B 183 -27.56 16.01 2.74
CA GLU B 183 -27.86 16.56 1.43
C GLU B 183 -26.60 16.92 0.66
N ASP B 184 -25.55 17.34 1.36
CA ASP B 184 -24.27 17.64 0.74
C ASP B 184 -23.26 16.50 0.91
N GLY B 185 -23.74 15.32 1.28
CA GLY B 185 -22.86 14.19 1.50
C GLY B 185 -22.67 13.33 0.27
N SER B 186 -21.99 13.85 -0.73
CA SER B 186 -21.79 13.11 -1.98
C SER B 186 -20.36 13.36 -2.46
N ARG B 187 -19.55 12.30 -2.40
CA ARG B 187 -18.22 12.30 -2.99
C ARG B 187 -18.16 11.34 -4.17
N LEU B 188 -19.26 11.25 -4.91
CA LEU B 188 -19.37 10.41 -6.10
C LEU B 188 -19.16 11.26 -7.34
N ASN B 189 -18.24 10.84 -8.20
CA ASN B 189 -18.08 11.46 -9.50
C ASN B 189 -18.69 10.64 -10.63
N GLN B 190 -18.69 9.32 -10.50
CA GLN B 190 -19.12 8.42 -11.57
C GLN B 190 -20.52 7.84 -11.33
N TYR B 191 -21.09 8.01 -10.14
CA TYR B 191 -22.34 7.38 -9.80
C TYR B 191 -23.35 8.41 -9.29
N ASP B 192 -24.60 7.95 -9.21
CA ASP B 192 -25.70 8.69 -8.64
C ASP B 192 -26.29 7.87 -7.52
N LEU B 193 -26.33 8.42 -6.31
CA LEU B 193 -27.01 7.77 -5.20
C LEU B 193 -28.50 7.99 -5.36
N LEU B 194 -29.24 6.89 -5.57
CA LEU B 194 -30.68 6.97 -5.76
C LEU B 194 -31.43 6.93 -4.44
N GLY B 195 -31.04 6.02 -3.54
CA GLY B 195 -31.70 5.91 -2.26
C GLY B 195 -31.10 4.78 -1.45
N GLN B 196 -31.72 4.50 -0.32
CA GLN B 196 -31.28 3.41 0.53
C GLN B 196 -32.46 2.52 0.91
N THR B 197 -32.12 1.33 1.34
CA THR B 197 -33.06 0.31 1.78
C THR B 197 -32.45 -0.35 3.01
N VAL B 198 -33.25 -0.64 4.03
CA VAL B 198 -32.72 -1.30 5.20
C VAL B 198 -33.43 -2.63 5.39
N ASP B 199 -32.77 -3.52 6.13
CA ASP B 199 -33.34 -4.82 6.44
C ASP B 199 -32.66 -5.38 7.68
N SER B 200 -33.27 -6.38 8.26
CA SER B 200 -32.73 -7.07 9.42
C SER B 200 -32.91 -8.56 9.20
N GLY B 201 -32.02 -9.36 9.78
CA GLY B 201 -32.14 -10.78 9.62
C GLY B 201 -31.18 -11.55 10.48
N ILE B 202 -31.01 -12.82 10.13
CA ILE B 202 -30.19 -13.76 10.87
C ILE B 202 -29.09 -14.30 9.97
N VAL B 203 -27.88 -14.38 10.50
CA VAL B 203 -26.78 -15.07 9.86
C VAL B 203 -26.31 -16.18 10.78
N GLN B 204 -26.23 -17.39 10.25
CA GLN B 204 -25.69 -18.53 10.97
C GLN B 204 -24.23 -18.70 10.61
N SER B 205 -23.39 -18.91 11.61
CA SER B 205 -21.96 -19.05 11.42
C SER B 205 -21.44 -20.11 12.38
N SER B 206 -20.16 -20.44 12.24
CA SER B 206 -19.56 -21.51 13.03
C SER B 206 -19.62 -21.24 14.52
N THR B 207 -19.89 -20.00 14.94
CA THR B 207 -19.96 -19.67 16.35
C THR B 207 -21.38 -19.43 16.84
N GLY B 208 -22.39 -19.55 15.99
CA GLY B 208 -23.76 -19.43 16.42
C GLY B 208 -24.57 -18.60 15.47
N GLU B 209 -25.70 -18.10 15.96
CA GLU B 209 -26.67 -17.38 15.14
C GLU B 209 -26.73 -15.92 15.60
N TYR B 210 -26.58 -15.00 14.66
CA TYR B 210 -26.40 -13.59 14.97
C TYR B 210 -27.40 -12.73 14.22
N VAL B 211 -27.89 -11.69 14.89
CA VAL B 211 -28.67 -10.65 14.23
C VAL B 211 -27.75 -9.82 13.34
N VAL B 212 -28.16 -9.59 12.11
CA VAL B 212 -27.41 -8.79 11.16
C VAL B 212 -28.31 -7.71 10.60
N MET B 213 -27.81 -6.48 10.59
CA MET B 213 -28.55 -5.33 10.08
C MET B 213 -27.92 -4.89 8.77
N THR B 214 -28.75 -4.73 7.74
CA THR B 214 -28.29 -4.49 6.39
C THR B 214 -28.81 -3.16 5.88
N THR B 215 -27.96 -2.44 5.16
CA THR B 215 -28.34 -1.31 4.34
C THR B 215 -27.92 -1.57 2.91
N HIS B 216 -28.69 -1.07 1.96
CA HIS B 216 -28.38 -1.14 0.53
C HIS B 216 -28.49 0.26 -0.02
N PHE B 217 -27.39 0.78 -0.54
CA PHE B 217 -27.38 2.06 -1.25
C PHE B 217 -27.45 1.78 -2.74
N HIS B 218 -28.43 2.35 -3.42
CA HIS B 218 -28.68 2.08 -4.83
C HIS B 218 -27.98 3.13 -5.68
N LEU B 219 -27.04 2.68 -6.50
CA LEU B 219 -26.20 3.53 -7.32
C LEU B 219 -26.43 3.26 -8.79
N LYS B 220 -26.52 4.33 -9.57
CA LYS B 220 -26.60 4.25 -11.02
C LYS B 220 -25.38 4.94 -11.60
N ARG B 221 -24.72 4.29 -12.56
CA ARG B 221 -23.55 4.88 -13.17
C ARG B 221 -23.94 5.96 -14.17
N LYS B 222 -23.24 7.08 -14.11
CA LYS B 222 -23.39 8.12 -15.13
C LYS B 222 -22.56 7.73 -16.35
N ILE B 223 -23.15 7.88 -17.53
CA ILE B 223 -22.54 7.40 -18.76
C ILE B 223 -21.72 8.45 -19.50
N GLY B 224 -21.75 9.70 -19.06
CA GLY B 224 -21.19 10.78 -19.87
C GLY B 224 -19.71 10.61 -20.15
N TYR B 225 -18.95 10.12 -19.18
CA TYR B 225 -17.51 9.96 -19.36
C TYR B 225 -17.20 9.01 -20.51
N PHE B 226 -17.96 7.91 -20.61
CA PHE B 226 -17.71 6.91 -21.64
C PHE B 226 -18.27 7.31 -22.98
N VAL B 227 -19.24 8.22 -23.01
CA VAL B 227 -19.66 8.84 -24.27
C VAL B 227 -18.57 9.77 -24.76
N ILE B 228 -17.93 10.51 -23.86
CA ILE B 228 -16.92 11.47 -24.25
C ILE B 228 -15.63 10.76 -24.67
N GLN B 229 -15.26 9.69 -23.95
CA GLN B 229 -13.94 9.09 -24.13
C GLN B 229 -13.94 7.85 -25.01
N THR B 230 -15.04 7.12 -25.13
CA THR B 230 -15.03 5.88 -25.90
C THR B 230 -16.02 5.84 -27.05
N TYR B 231 -17.29 6.17 -26.80
CA TYR B 231 -18.32 5.99 -27.83
C TYR B 231 -18.13 6.95 -28.99
N LEU B 232 -17.90 8.23 -28.70
CA LEU B 232 -17.68 9.19 -29.77
C LEU B 232 -16.41 8.89 -30.57
N PRO B 233 -15.27 8.53 -29.97
CA PRO B 233 -14.13 8.09 -30.80
C PRO B 233 -14.46 6.92 -31.70
N CYS B 234 -15.16 5.89 -31.21
CA CYS B 234 -15.48 4.75 -32.05
C CYS B 234 -16.41 5.14 -33.20
N ILE B 235 -17.42 5.97 -32.92
CA ILE B 235 -18.36 6.38 -33.95
C ILE B 235 -17.66 7.22 -35.01
N MET B 236 -16.77 8.13 -34.59
CA MET B 236 -16.05 8.92 -35.58
C MET B 236 -15.07 8.06 -36.36
N THR B 237 -14.49 7.03 -35.74
CA THR B 237 -13.64 6.11 -36.48
C THR B 237 -14.42 5.36 -37.55
N VAL B 238 -15.65 4.97 -37.23
CA VAL B 238 -16.49 4.29 -38.23
C VAL B 238 -16.86 5.25 -39.36
N ILE B 239 -17.24 6.48 -39.04
CA ILE B 239 -17.56 7.46 -40.06
C ILE B 239 -16.35 7.73 -40.95
N LEU B 240 -15.15 7.80 -40.34
CA LEU B 240 -13.94 8.03 -41.10
C LEU B 240 -13.61 6.86 -42.02
N SER B 241 -13.82 5.63 -41.54
CA SER B 241 -13.57 4.47 -42.38
C SER B 241 -14.57 4.40 -43.52
N GLN B 242 -15.77 4.95 -43.35
CA GLN B 242 -16.74 4.99 -44.43
C GLN B 242 -16.53 6.18 -45.37
N VAL B 243 -15.79 7.20 -44.94
CA VAL B 243 -15.45 8.30 -45.83
C VAL B 243 -14.71 7.79 -47.07
N SER B 244 -13.87 6.76 -46.89
CA SER B 244 -13.03 6.27 -47.98
C SER B 244 -13.83 5.71 -49.16
N PHE B 245 -15.14 5.47 -49.00
CA PHE B 245 -15.94 5.02 -50.13
C PHE B 245 -16.09 6.08 -51.20
N TRP B 246 -15.91 7.35 -50.85
CA TRP B 246 -16.04 8.45 -51.79
C TRP B 246 -14.73 8.81 -52.49
N LEU B 247 -13.61 8.25 -52.05
CA LEU B 247 -12.36 8.48 -52.75
C LEU B 247 -12.35 7.71 -54.07
N ASN B 248 -11.45 8.12 -54.96
CA ASN B 248 -11.36 7.50 -56.28
C ASN B 248 -10.58 6.20 -56.18
N ARG B 249 -11.13 5.14 -56.78
CA ARG B 249 -10.54 3.81 -56.64
C ARG B 249 -9.17 3.70 -57.33
N GLU B 250 -8.82 4.64 -58.21
CA GLU B 250 -7.46 4.69 -58.72
C GLU B 250 -6.46 5.11 -57.66
N SER B 251 -6.92 5.63 -56.53
CA SER B 251 -6.04 6.03 -55.44
C SER B 251 -5.93 4.89 -54.44
N VAL B 252 -5.21 3.84 -54.86
CA VAL B 252 -5.04 2.66 -54.00
C VAL B 252 -4.30 2.98 -52.71
N PRO B 253 -3.15 3.68 -52.73
CA PRO B 253 -2.46 3.95 -51.45
C PRO B 253 -3.30 4.73 -50.47
N ALA B 254 -4.12 5.68 -50.95
CA ALA B 254 -4.91 6.50 -50.05
C ALA B 254 -5.97 5.69 -49.32
N ARG B 255 -6.74 4.88 -50.06
CA ARG B 255 -7.77 4.08 -49.43
C ARG B 255 -7.17 2.99 -48.55
N THR B 256 -5.97 2.51 -48.91
CA THR B 256 -5.28 1.58 -48.03
C THR B 256 -4.89 2.26 -46.72
N VAL B 257 -4.35 3.48 -46.80
CA VAL B 257 -4.04 4.23 -45.58
C VAL B 257 -5.30 4.38 -44.73
N PHE B 258 -6.41 4.73 -45.36
CA PHE B 258 -7.69 4.81 -44.67
C PHE B 258 -7.98 3.54 -43.88
N GLY B 259 -8.05 2.41 -44.59
CA GLY B 259 -8.43 1.17 -43.95
C GLY B 259 -7.48 0.76 -42.83
N VAL B 260 -6.17 0.80 -43.11
CA VAL B 260 -5.18 0.37 -42.13
C VAL B 260 -5.25 1.24 -40.89
N THR B 261 -5.25 2.57 -41.08
CA THR B 261 -5.25 3.46 -39.93
C THR B 261 -6.53 3.31 -39.11
N THR B 262 -7.67 3.11 -39.76
CA THR B 262 -8.91 2.99 -39.00
C THR B 262 -8.96 1.69 -38.21
N VAL B 263 -8.52 0.57 -38.81
CA VAL B 263 -8.55 -0.69 -38.05
C VAL B 263 -7.56 -0.64 -36.89
N LEU B 264 -6.41 0.02 -37.08
CA LEU B 264 -5.45 0.10 -35.97
C LEU B 264 -5.96 1.03 -34.87
N THR B 265 -6.65 2.10 -35.26
CA THR B 265 -7.27 2.96 -34.26
C THR B 265 -8.33 2.20 -33.47
N MET B 266 -9.11 1.36 -34.15
CA MET B 266 -10.10 0.56 -33.44
C MET B 266 -9.43 -0.40 -32.46
N THR B 267 -8.31 -0.99 -32.86
CA THR B 267 -7.57 -1.87 -31.95
C THR B 267 -7.09 -1.10 -30.72
N THR B 268 -6.54 0.09 -30.92
CA THR B 268 -6.07 0.89 -29.79
C THR B 268 -7.22 1.29 -28.86
N LEU B 269 -8.35 1.69 -29.44
CA LEU B 269 -9.51 2.07 -28.63
C LEU B 269 -10.01 0.89 -27.82
N SER B 270 -10.11 -0.29 -28.44
CA SER B 270 -10.56 -1.48 -27.74
C SER B 270 -9.62 -1.81 -26.58
N ILE B 271 -8.31 -1.73 -26.81
CA ILE B 271 -7.36 -2.06 -25.76
C ILE B 271 -7.50 -1.09 -24.59
N SER B 272 -7.59 0.21 -24.88
CA SER B 272 -7.73 1.17 -23.80
C SER B 272 -9.03 0.98 -23.02
N ALA B 273 -10.14 0.78 -23.73
CA ALA B 273 -11.43 0.64 -23.05
C ALA B 273 -11.46 -0.62 -22.20
N ARG B 274 -10.86 -1.71 -22.68
CA ARG B 274 -10.79 -2.90 -21.85
C ARG B 274 -9.76 -2.75 -20.72
N ASN B 275 -8.88 -1.76 -20.82
CA ASN B 275 -8.06 -1.37 -19.68
C ASN B 275 -8.76 -0.41 -18.73
N SER B 276 -9.93 0.10 -19.12
CA SER B 276 -10.63 1.05 -18.25
C SER B 276 -11.12 0.39 -16.97
N LEU B 277 -11.83 -0.73 -17.09
CA LEU B 277 -12.55 -1.37 -15.99
C LEU B 277 -11.84 -2.64 -15.51
N PRO B 278 -12.28 -3.21 -14.39
CA PRO B 278 -11.63 -4.41 -13.85
C PRO B 278 -11.63 -5.59 -14.83
N LYS B 279 -10.89 -6.62 -14.45
CA LYS B 279 -10.65 -7.79 -15.30
C LYS B 279 -11.75 -8.82 -15.09
N VAL B 280 -12.95 -8.44 -15.53
CA VAL B 280 -14.07 -9.38 -15.57
C VAL B 280 -13.90 -10.30 -16.77
N ALA B 281 -14.29 -11.57 -16.60
CA ALA B 281 -14.08 -12.57 -17.64
C ALA B 281 -15.15 -12.54 -18.71
N TYR B 282 -16.20 -11.74 -18.53
CA TYR B 282 -17.30 -11.64 -19.47
C TYR B 282 -17.22 -10.32 -20.23
N ALA B 283 -18.06 -10.19 -21.25
CA ALA B 283 -18.09 -9.00 -22.07
C ALA B 283 -19.13 -8.02 -21.55
N THR B 284 -18.80 -6.73 -21.64
CA THR B 284 -19.69 -5.65 -21.26
C THR B 284 -20.42 -5.13 -22.48
N ALA B 285 -21.32 -4.17 -22.26
CA ALA B 285 -22.04 -3.55 -23.38
C ALA B 285 -21.08 -2.73 -24.24
N MET B 286 -20.12 -2.05 -23.62
CA MET B 286 -19.14 -1.28 -24.38
C MET B 286 -18.26 -2.21 -25.23
N ASP B 287 -17.95 -3.39 -24.71
CA ASP B 287 -17.20 -4.37 -25.49
C ASP B 287 -17.96 -4.75 -26.76
N TRP B 288 -19.27 -4.94 -26.64
CA TRP B 288 -20.08 -5.27 -27.81
C TRP B 288 -20.12 -4.12 -28.80
N PHE B 289 -20.31 -2.90 -28.31
CA PHE B 289 -20.32 -1.75 -29.21
C PHE B 289 -18.99 -1.63 -29.96
N ILE B 290 -17.88 -1.83 -29.26
CA ILE B 290 -16.57 -1.74 -29.88
C ILE B 290 -16.36 -2.86 -30.89
N ALA B 291 -16.81 -4.07 -30.57
CA ALA B 291 -16.68 -5.17 -31.50
C ALA B 291 -17.47 -4.92 -32.78
N VAL B 292 -18.67 -4.35 -32.66
CA VAL B 292 -19.46 -4.07 -33.85
C VAL B 292 -18.82 -2.96 -34.67
N CYS B 293 -18.32 -1.90 -34.01
CA CYS B 293 -17.65 -0.84 -34.74
C CYS B 293 -16.41 -1.36 -35.46
N TYR B 294 -15.65 -2.23 -34.80
CA TYR B 294 -14.50 -2.84 -35.45
C TYR B 294 -14.93 -3.67 -36.65
N ALA B 295 -16.04 -4.40 -36.52
CA ALA B 295 -16.54 -5.17 -37.65
C ALA B 295 -16.89 -4.28 -38.83
N PHE B 296 -17.55 -3.14 -38.56
CA PHE B 296 -17.89 -2.20 -39.62
C PHE B 296 -16.63 -1.66 -40.32
N VAL B 297 -15.62 -1.28 -39.52
CA VAL B 297 -14.41 -0.71 -40.10
C VAL B 297 -13.67 -1.75 -40.94
N PHE B 298 -13.54 -2.98 -40.41
CA PHE B 298 -12.90 -4.05 -41.16
C PHE B 298 -13.68 -4.38 -42.42
N SER B 299 -15.01 -4.33 -42.36
CA SER B 299 -15.82 -4.57 -43.54
C SER B 299 -15.59 -3.50 -44.59
N ALA B 300 -15.39 -2.25 -44.15
CA ALA B 300 -15.05 -1.19 -45.10
C ALA B 300 -13.74 -1.47 -45.81
N LEU B 301 -12.72 -1.91 -45.05
CA LEU B 301 -11.44 -2.26 -45.67
C LEU B 301 -11.60 -3.43 -46.65
N ILE B 302 -12.41 -4.43 -46.28
CA ILE B 302 -12.62 -5.58 -47.16
C ILE B 302 -13.38 -5.16 -48.41
N GLU B 303 -14.32 -4.22 -48.28
CA GLU B 303 -15.01 -3.70 -49.45
C GLU B 303 -14.03 -3.01 -50.38
N PHE B 304 -13.09 -2.24 -49.82
CA PHE B 304 -12.05 -1.65 -50.66
C PHE B 304 -11.25 -2.73 -51.37
N ALA B 305 -10.88 -3.80 -50.67
CA ALA B 305 -10.11 -4.87 -51.27
C ALA B 305 -10.87 -5.52 -52.42
N THR B 306 -12.18 -5.71 -52.24
CA THR B 306 -13.01 -6.29 -53.31
C THR B 306 -13.09 -5.35 -54.51
N VAL B 307 -13.34 -4.06 -54.26
CA VAL B 307 -13.39 -3.07 -55.32
C VAL B 307 -12.09 -3.06 -56.11
N ASN B 308 -10.96 -3.09 -55.40
CA ASN B 308 -9.66 -3.09 -56.07
C ASN B 308 -9.46 -4.38 -56.85
N TYR B 309 -9.93 -5.51 -56.32
CA TYR B 309 -9.81 -6.77 -57.04
C TYR B 309 -10.64 -6.78 -58.31
N PHE B 310 -11.72 -6.01 -58.35
CA PHE B 310 -12.58 -5.96 -59.52
C PHE B 310 -12.32 -4.76 -60.43
N THR B 311 -11.32 -3.94 -60.12
CA THR B 311 -11.00 -2.83 -61.00
C THR B 311 -10.08 -3.31 -62.12
N LYS B 312 -10.23 -2.68 -63.29
CA LYS B 312 -9.51 -3.03 -64.51
C LYS B 312 -9.75 -4.48 -64.95
N SER B 313 -10.69 -5.17 -64.32
CA SER B 313 -11.04 -6.53 -64.73
C SER B 313 -12.53 -6.62 -64.97
N GLN B 314 -13.29 -5.81 -64.24
CA GLN B 314 -14.74 -5.67 -64.40
C GLN B 314 -15.16 -4.35 -63.77
N PRO B 315 -14.95 -3.23 -64.45
CA PRO B 315 -15.06 -1.92 -63.78
C PRO B 315 -16.49 -1.57 -63.36
N ALA B 316 -17.49 -1.95 -64.16
CA ALA B 316 -18.87 -1.69 -63.79
C ALA B 316 -19.22 -2.31 -62.45
N ARG B 317 -18.66 -3.49 -62.18
CA ARG B 317 -18.94 -4.18 -60.91
C ARG B 317 -18.36 -3.42 -59.73
N ALA B 318 -17.12 -2.96 -59.84
CA ALA B 318 -16.51 -2.19 -58.76
C ALA B 318 -17.23 -0.86 -58.53
N ALA B 319 -17.64 -0.21 -59.62
CA ALA B 319 -18.43 1.01 -59.48
C ALA B 319 -19.74 0.74 -58.76
N LYS B 320 -20.42 -0.36 -59.12
CA LYS B 320 -21.68 -0.70 -58.47
C LYS B 320 -21.46 -1.02 -56.99
N ILE B 321 -20.36 -1.69 -56.66
CA ILE B 321 -20.08 -2.04 -55.27
C ILE B 321 -19.84 -0.79 -54.45
N ASP B 322 -19.04 0.15 -54.97
CA ASP B 322 -18.82 1.40 -54.26
C ASP B 322 -20.14 2.16 -54.06
N ARG B 323 -20.94 2.26 -55.13
CA ARG B 323 -22.19 3.01 -55.03
C ARG B 323 -23.13 2.40 -54.01
N LEU B 324 -23.21 1.06 -53.98
CA LEU B 324 -24.13 0.41 -53.03
C LEU B 324 -23.60 0.50 -51.60
N SER B 325 -22.29 0.37 -51.41
CA SER B 325 -21.73 0.49 -50.06
C SER B 325 -21.95 1.87 -49.49
N ARG B 326 -21.83 2.91 -50.32
CA ARG B 326 -22.01 4.29 -49.87
C ARG B 326 -23.34 4.52 -49.16
N ILE B 327 -24.33 3.66 -49.37
CA ILE B 327 -25.60 3.76 -48.66
C ILE B 327 -25.85 2.57 -47.74
N ALA B 328 -25.21 1.43 -47.96
CA ALA B 328 -25.45 0.27 -47.10
C ALA B 328 -24.65 0.31 -45.81
N PHE B 329 -23.51 0.99 -45.78
CA PHE B 329 -22.76 1.03 -44.53
C PHE B 329 -23.37 2.02 -43.53
N PRO B 330 -23.60 3.30 -43.91
CA PRO B 330 -24.12 4.25 -42.90
C PRO B 330 -25.51 3.91 -42.40
N LEU B 331 -26.39 3.42 -43.27
CA LEU B 331 -27.72 3.02 -42.83
C LEU B 331 -27.63 1.87 -41.83
N LEU B 332 -26.78 0.87 -42.11
CA LEU B 332 -26.64 -0.26 -41.21
C LEU B 332 -26.06 0.18 -39.86
N PHE B 333 -25.12 1.13 -39.88
CA PHE B 333 -24.55 1.58 -38.61
C PHE B 333 -25.56 2.41 -37.82
N GLY B 334 -26.38 3.21 -38.50
CA GLY B 334 -27.46 3.90 -37.81
C GLY B 334 -28.47 2.96 -37.20
N ILE B 335 -28.81 1.89 -37.92
CA ILE B 335 -29.76 0.92 -37.38
C ILE B 335 -29.17 0.20 -36.18
N PHE B 336 -27.88 -0.16 -36.25
CA PHE B 336 -27.25 -0.80 -35.10
C PHE B 336 -27.21 0.14 -33.90
N ASN B 337 -26.89 1.41 -34.12
CA ASN B 337 -26.87 2.36 -33.00
C ASN B 337 -28.26 2.50 -32.38
N LEU B 338 -29.30 2.58 -33.22
CA LEU B 338 -30.65 2.67 -32.69
C LEU B 338 -30.98 1.46 -31.82
N VAL B 339 -30.76 0.25 -32.35
CA VAL B 339 -31.08 -0.96 -31.60
C VAL B 339 -30.26 -1.04 -30.32
N TYR B 340 -28.98 -0.69 -30.39
CA TYR B 340 -28.09 -0.79 -29.23
C TYR B 340 -28.53 0.14 -28.11
N TRP B 341 -28.70 1.43 -28.44
CA TRP B 341 -29.08 2.39 -27.41
C TRP B 341 -30.49 2.13 -26.90
N ALA B 342 -31.40 1.66 -27.75
CA ALA B 342 -32.73 1.31 -27.28
C ALA B 342 -32.69 0.14 -26.31
N THR B 343 -31.87 -0.88 -26.61
CA THR B 343 -31.77 -2.01 -25.72
C THR B 343 -31.19 -1.61 -24.37
N TYR B 344 -30.09 -0.86 -24.38
CA TYR B 344 -29.35 -0.69 -23.15
C TYR B 344 -29.79 0.53 -22.33
N LEU B 345 -30.31 1.58 -22.96
CA LEU B 345 -30.75 2.74 -22.20
C LEU B 345 -32.12 2.55 -21.57
N ASN B 346 -32.82 1.45 -21.89
CA ASN B 346 -34.08 1.15 -21.22
C ASN B 346 -33.87 0.43 -19.89
N ARG B 347 -32.83 -0.39 -19.80
CA ARG B 347 -32.56 -1.15 -18.59
C ARG B 347 -32.30 -0.24 -17.39
N SER C 7 -27.76 -11.43 43.27
CA SER C 7 -28.25 -11.46 41.90
C SER C 7 -27.28 -12.23 41.01
N ASN C 8 -27.77 -12.65 39.82
CA ASN C 8 -27.00 -13.52 38.95
C ASN C 8 -25.71 -12.84 38.48
N MET C 9 -25.81 -11.58 38.05
CA MET C 9 -24.62 -10.86 37.61
C MET C 9 -23.58 -10.77 38.72
N SER C 10 -24.02 -10.69 39.98
CA SER C 10 -23.07 -10.66 41.09
C SER C 10 -22.31 -11.98 41.20
N LEU C 11 -23.01 -13.10 41.00
CA LEU C 11 -22.33 -14.40 41.05
C LEU C 11 -21.39 -14.57 39.87
N VAL C 12 -21.80 -14.11 38.69
CA VAL C 12 -20.91 -14.19 37.52
C VAL C 12 -19.66 -13.34 37.75
N LYS C 13 -19.82 -12.14 38.30
CA LYS C 13 -18.69 -11.29 38.59
C LYS C 13 -17.76 -11.93 39.60
N GLU C 14 -18.34 -12.52 40.66
CA GLU C 14 -17.53 -13.23 41.66
C GLU C 14 -16.76 -14.38 41.02
N THR C 15 -17.41 -15.14 40.15
CA THR C 15 -16.75 -16.26 39.49
C THR C 15 -15.59 -15.79 38.61
N VAL C 16 -15.82 -14.74 37.82
CA VAL C 16 -14.77 -14.25 36.92
C VAL C 16 -13.59 -13.70 37.73
N ASP C 17 -13.88 -13.00 38.84
CA ASP C 17 -12.80 -12.50 39.68
C ASP C 17 -12.02 -13.64 40.31
N ARG C 18 -12.72 -14.70 40.73
CA ARG C 18 -12.01 -15.87 41.26
C ARG C 18 -11.14 -16.52 40.20
N LEU C 19 -11.63 -16.60 38.97
CA LEU C 19 -10.84 -17.20 37.90
C LEU C 19 -9.58 -16.42 37.64
N LEU C 20 -9.69 -15.08 37.56
CA LEU C 20 -8.56 -14.28 37.11
C LEU C 20 -7.62 -13.85 38.23
N LYS C 21 -7.94 -14.10 39.49
CA LYS C 21 -7.02 -13.76 40.57
C LYS C 21 -6.04 -14.90 40.77
N GLY C 22 -4.75 -14.56 40.90
CA GLY C 22 -3.73 -15.57 40.96
C GLY C 22 -3.48 -16.28 39.66
N TYR C 23 -3.84 -15.68 38.53
CA TYR C 23 -3.67 -16.27 37.22
C TYR C 23 -2.39 -15.75 36.60
N ASP C 24 -1.48 -16.66 36.26
CA ASP C 24 -0.19 -16.30 35.67
C ASP C 24 -0.31 -16.41 34.15
N ILE C 25 -0.32 -15.26 33.48
CA ILE C 25 -0.42 -15.24 32.02
C ILE C 25 0.89 -15.67 31.37
N ARG C 26 2.00 -15.60 32.11
CA ARG C 26 3.30 -16.00 31.58
C ARG C 26 3.44 -17.51 31.42
N LEU C 27 2.50 -18.29 31.95
CA LEU C 27 2.57 -19.75 31.91
C LEU C 27 1.44 -20.27 31.05
N ARG C 28 1.77 -21.16 30.12
CA ARG C 28 0.75 -21.87 29.37
C ARG C 28 0.00 -22.82 30.28
N PRO C 29 -1.18 -23.29 29.87
CA PRO C 29 -1.83 -24.38 30.60
C PRO C 29 -0.99 -25.64 30.56
N ASP C 30 -0.89 -26.29 31.72
CA ASP C 30 -0.04 -27.48 31.90
C ASP C 30 1.42 -27.15 31.64
N PHE C 31 1.89 -26.05 32.24
CA PHE C 31 3.20 -25.51 31.91
C PHE C 31 4.31 -26.54 32.10
N GLY C 32 4.31 -27.25 33.21
CA GLY C 32 5.32 -28.25 33.44
C GLY C 32 4.86 -29.66 33.10
N GLY C 33 3.95 -29.79 32.14
CA GLY C 33 3.38 -31.09 31.82
C GLY C 33 3.15 -31.31 30.35
N PRO C 34 2.13 -32.11 30.02
CA PRO C 34 1.91 -32.49 28.63
C PRO C 34 1.50 -31.30 27.79
N PRO C 35 1.75 -31.34 26.48
CA PRO C 35 1.41 -30.20 25.62
C PRO C 35 -0.09 -29.95 25.56
N VAL C 36 -0.44 -28.68 25.39
CA VAL C 36 -1.84 -28.28 25.26
C VAL C 36 -2.25 -28.41 23.81
N ALA C 37 -3.38 -29.08 23.57
CA ALA C 37 -3.92 -29.23 22.23
C ALA C 37 -4.77 -28.02 21.87
N VAL C 38 -4.52 -27.43 20.71
CA VAL C 38 -5.23 -26.26 20.23
C VAL C 38 -5.86 -26.62 18.90
N GLY C 39 -7.19 -26.65 18.86
CA GLY C 39 -7.91 -26.85 17.62
C GLY C 39 -8.15 -25.54 16.91
N MET C 40 -8.03 -25.56 15.59
CA MET C 40 -8.19 -24.37 14.77
C MET C 40 -9.32 -24.57 13.77
N ASN C 41 -10.07 -23.51 13.50
CA ASN C 41 -11.01 -23.53 12.41
C ASN C 41 -11.13 -22.13 11.84
N ILE C 42 -11.50 -22.04 10.56
CA ILE C 42 -11.40 -20.81 9.79
C ILE C 42 -12.66 -20.66 8.94
N ASP C 43 -13.25 -19.47 8.97
CA ASP C 43 -14.34 -19.11 8.06
C ASP C 43 -13.80 -18.05 7.12
N ILE C 44 -13.61 -18.41 5.85
CA ILE C 44 -12.97 -17.52 4.89
C ILE C 44 -14.04 -16.62 4.30
N ALA C 45 -13.85 -15.29 4.47
CA ALA C 45 -14.83 -14.31 4.03
C ALA C 45 -14.44 -13.62 2.73
N SER C 46 -13.16 -13.61 2.37
CA SER C 46 -12.73 -12.91 1.17
C SER C 46 -11.36 -13.43 0.75
N ILE C 47 -11.17 -13.56 -0.56
CA ILE C 47 -9.86 -13.61 -1.18
C ILE C 47 -9.86 -12.45 -2.18
N ASP C 48 -9.13 -11.38 -1.85
CA ASP C 48 -9.40 -10.09 -2.46
C ASP C 48 -8.53 -9.82 -3.68
N MET C 49 -7.22 -9.80 -3.52
CA MET C 49 -6.31 -9.39 -4.58
C MET C 49 -5.25 -10.46 -4.78
N VAL C 50 -5.17 -11.00 -5.98
CA VAL C 50 -4.17 -11.99 -6.34
C VAL C 50 -3.22 -11.31 -7.32
N SER C 51 -2.08 -10.86 -6.80
CA SER C 51 -1.17 -10.01 -7.55
C SER C 51 0.01 -10.82 -8.05
N GLU C 52 0.20 -10.85 -9.36
CA GLU C 52 1.41 -11.41 -9.94
C GLU C 52 2.61 -10.49 -9.78
N VAL C 53 2.37 -9.18 -9.65
CA VAL C 53 3.46 -8.22 -9.47
C VAL C 53 4.12 -8.42 -8.12
N ASN C 54 3.33 -8.55 -7.07
CA ASN C 54 3.84 -8.69 -5.72
C ASN C 54 3.96 -10.14 -5.27
N MET C 55 3.47 -11.07 -6.07
CA MET C 55 3.51 -12.50 -5.77
C MET C 55 2.91 -12.77 -4.39
N ASP C 56 1.66 -12.34 -4.22
CA ASP C 56 0.97 -12.52 -2.95
C ASP C 56 -0.53 -12.42 -3.20
N TYR C 57 -1.30 -12.73 -2.15
CA TYR C 57 -2.74 -12.62 -2.18
C TYR C 57 -3.23 -12.19 -0.82
N THR C 58 -4.33 -11.48 -0.80
CA THR C 58 -4.94 -11.01 0.44
C THR C 58 -6.17 -11.85 0.75
N LEU C 59 -6.31 -12.25 2.02
CA LEU C 59 -7.48 -12.99 2.43
C LEU C 59 -7.97 -12.47 3.77
N THR C 60 -9.30 -12.41 3.91
CA THR C 60 -9.95 -12.05 5.17
C THR C 60 -10.63 -13.29 5.72
N MET C 61 -10.46 -13.53 7.02
CA MET C 61 -11.00 -14.73 7.62
C MET C 61 -11.40 -14.48 9.05
N TYR C 62 -12.28 -15.35 9.54
CA TYR C 62 -12.56 -15.52 10.96
C TYR C 62 -11.73 -16.70 11.42
N PHE C 63 -10.74 -16.44 12.26
CA PHE C 63 -9.76 -17.42 12.72
C PHE C 63 -10.10 -17.75 14.17
N GLN C 64 -10.52 -18.99 14.44
CA GLN C 64 -10.94 -19.42 15.76
C GLN C 64 -9.99 -20.48 16.28
N GLN C 65 -9.56 -20.32 17.53
CA GLN C 65 -8.71 -21.28 18.23
C GLN C 65 -9.39 -21.69 19.52
N ALA C 66 -9.46 -23.00 19.75
CA ALA C 66 -10.09 -23.55 20.94
C ALA C 66 -9.10 -24.42 21.69
N TRP C 67 -9.05 -24.28 23.01
CA TRP C 67 -8.18 -25.10 23.82
C TRP C 67 -8.79 -25.24 25.20
N ARG C 68 -8.11 -25.94 26.09
CA ARG C 68 -8.58 -26.11 27.45
C ARG C 68 -7.57 -25.56 28.45
N ASP C 69 -8.06 -24.84 29.44
CA ASP C 69 -7.25 -24.28 30.52
C ASP C 69 -7.98 -24.59 31.82
N LYS C 70 -7.47 -25.57 32.57
CA LYS C 70 -8.14 -25.97 33.81
C LYS C 70 -8.21 -24.84 34.82
N ARG C 71 -7.30 -23.87 34.73
CA ARG C 71 -7.37 -22.70 35.58
C ARG C 71 -8.67 -21.93 35.36
N LEU C 72 -9.16 -21.90 34.13
CA LEU C 72 -10.39 -21.17 33.81
C LEU C 72 -11.61 -22.08 33.84
N SER C 73 -11.77 -22.84 34.91
CA SER C 73 -12.91 -23.74 35.08
C SER C 73 -13.77 -23.25 36.23
N TYR C 74 -15.08 -23.39 36.08
CA TYR C 74 -16.02 -22.84 37.04
C TYR C 74 -17.27 -23.72 37.05
N ASN C 75 -17.80 -23.97 38.25
CA ASN C 75 -18.89 -24.91 38.41
C ASN C 75 -20.10 -24.32 39.13
N VAL C 76 -20.12 -23.00 39.33
CA VAL C 76 -21.28 -22.35 39.95
C VAL C 76 -22.27 -21.98 38.86
N ILE C 77 -21.85 -21.14 37.92
CA ILE C 77 -22.71 -20.71 36.83
C ILE C 77 -22.84 -21.85 35.82
N PRO C 78 -24.04 -22.23 35.41
CA PRO C 78 -24.20 -23.33 34.46
C PRO C 78 -24.18 -22.93 32.98
N LEU C 79 -24.01 -21.66 32.65
CA LEU C 79 -24.09 -21.21 31.27
C LEU C 79 -22.72 -20.82 30.74
N ASN C 80 -22.57 -20.92 29.43
CA ASN C 80 -21.35 -20.47 28.76
C ASN C 80 -21.23 -18.95 28.87
N LEU C 81 -19.98 -18.48 28.94
CA LEU C 81 -19.70 -17.08 29.24
C LEU C 81 -19.02 -16.41 28.06
N THR C 82 -19.75 -15.55 27.35
CA THR C 82 -19.13 -14.68 26.36
C THR C 82 -18.66 -13.42 27.07
N LEU C 83 -17.36 -13.15 27.02
CA LEU C 83 -16.81 -12.04 27.77
C LEU C 83 -16.41 -10.90 26.84
N ASP C 84 -16.35 -9.71 27.41
CA ASP C 84 -15.80 -8.55 26.72
C ASP C 84 -14.40 -8.87 26.21
N ASN C 85 -14.13 -8.52 24.96
CA ASN C 85 -12.95 -9.02 24.28
C ASN C 85 -11.66 -8.57 24.96
N ARG C 86 -11.70 -7.46 25.70
CA ARG C 86 -10.49 -6.96 26.36
C ARG C 86 -9.94 -7.94 27.37
N VAL C 87 -10.77 -8.84 27.90
CA VAL C 87 -10.28 -9.82 28.86
C VAL C 87 -9.29 -10.77 28.21
N ALA C 88 -9.25 -10.82 26.88
CA ALA C 88 -8.21 -11.58 26.20
C ALA C 88 -6.83 -11.13 26.62
N ASP C 89 -6.65 -9.85 26.90
CA ASP C 89 -5.34 -9.36 27.34
C ASP C 89 -4.91 -9.99 28.66
N GLN C 90 -5.85 -10.44 29.47
CA GLN C 90 -5.56 -11.00 30.79
C GLN C 90 -5.54 -12.52 30.79
N LEU C 91 -5.65 -13.15 29.63
CA LEU C 91 -5.63 -14.60 29.50
C LEU C 91 -4.43 -15.02 28.67
N TRP C 92 -4.04 -16.28 28.84
CA TRP C 92 -3.04 -16.88 27.97
C TRP C 92 -3.69 -17.30 26.66
N VAL C 93 -3.07 -16.90 25.55
CA VAL C 93 -3.51 -17.35 24.23
C VAL C 93 -2.30 -17.90 23.49
N PRO C 94 -2.46 -18.88 22.61
CA PRO C 94 -1.30 -19.43 21.90
C PRO C 94 -0.67 -18.41 20.95
N ASP C 95 0.64 -18.52 20.79
CA ASP C 95 1.39 -17.54 19.99
C ASP C 95 1.43 -18.01 18.53
N THR C 96 0.25 -18.03 17.93
CA THR C 96 0.09 -18.45 16.56
C THR C 96 0.54 -17.35 15.60
N TYR C 97 1.33 -17.73 14.59
CA TYR C 97 1.74 -16.80 13.55
C TYR C 97 1.63 -17.48 12.19
N PHE C 98 1.76 -16.69 11.14
CA PHE C 98 1.70 -17.17 9.77
C PHE C 98 3.05 -16.91 9.11
N LEU C 99 3.68 -17.97 8.62
CA LEU C 99 5.07 -17.83 8.16
C LEU C 99 5.15 -17.03 6.86
N ASN C 100 4.28 -17.31 5.90
CA ASN C 100 4.29 -16.60 4.64
C ASN C 100 3.57 -15.25 4.69
N ASP C 101 3.21 -14.79 5.88
CA ASP C 101 2.50 -13.53 6.03
C ASP C 101 3.45 -12.34 5.86
N LYS C 102 3.04 -11.38 5.03
CA LYS C 102 3.79 -10.16 4.82
C LYS C 102 3.20 -8.97 5.55
N LYS C 103 1.88 -8.85 5.56
CA LYS C 103 1.19 -7.78 6.27
C LYS C 103 -0.14 -8.31 6.78
N SER C 104 -0.47 -7.99 8.03
CA SER C 104 -1.71 -8.47 8.63
C SER C 104 -2.25 -7.42 9.59
N PHE C 105 -3.51 -7.59 9.95
CA PHE C 105 -4.13 -6.80 11.01
C PHE C 105 -5.41 -7.48 11.46
N VAL C 106 -5.78 -7.26 12.71
CA VAL C 106 -7.12 -7.53 13.20
C VAL C 106 -7.94 -6.26 13.01
N HIS C 107 -9.18 -6.43 12.57
CA HIS C 107 -10.04 -5.27 12.35
C HIS C 107 -10.40 -4.61 13.67
N GLY C 108 -10.43 -3.28 13.67
CA GLY C 108 -10.59 -2.55 14.91
C GLY C 108 -11.82 -1.66 15.03
N VAL C 109 -12.77 -1.79 14.09
CA VAL C 109 -13.99 -0.99 14.09
C VAL C 109 -15.18 -1.91 14.25
N THR C 110 -16.05 -1.63 15.23
CA THR C 110 -15.96 -0.45 16.08
C THR C 110 -15.01 -0.66 17.26
N VAL C 111 -14.80 -1.92 17.62
CA VAL C 111 -13.77 -2.30 18.58
C VAL C 111 -12.92 -3.39 17.92
N LYS C 112 -11.91 -3.87 18.64
CA LYS C 112 -11.12 -4.96 18.12
C LYS C 112 -12.01 -6.17 17.88
N ASN C 113 -12.05 -6.62 16.63
CA ASN C 113 -12.98 -7.68 16.24
C ASN C 113 -12.51 -9.04 16.77
N ARG C 114 -12.61 -9.25 18.08
CA ARG C 114 -12.22 -10.52 18.67
C ARG C 114 -13.26 -10.98 19.68
N MET C 115 -13.35 -12.29 19.81
CA MET C 115 -14.31 -12.97 20.65
C MET C 115 -13.58 -13.84 21.66
N ILE C 116 -14.07 -13.85 22.89
CA ILE C 116 -13.55 -14.70 23.94
C ILE C 116 -14.72 -15.36 24.65
N ARG C 117 -14.70 -16.69 24.73
CA ARG C 117 -15.85 -17.45 25.18
C ARG C 117 -15.38 -18.60 26.07
N LEU C 118 -15.76 -18.55 27.34
CA LEU C 118 -15.41 -19.56 28.32
C LEU C 118 -16.55 -20.56 28.50
N HIS C 119 -16.19 -21.79 28.82
CA HIS C 119 -17.10 -22.85 29.17
C HIS C 119 -16.76 -23.38 30.56
N PRO C 120 -17.72 -24.03 31.24
CA PRO C 120 -17.45 -24.44 32.63
C PRO C 120 -16.31 -25.43 32.80
N ASP C 121 -16.03 -26.27 31.81
CA ASP C 121 -14.94 -27.23 31.97
C ASP C 121 -13.56 -26.60 31.77
N GLY C 122 -13.49 -25.34 31.34
CA GLY C 122 -12.23 -24.67 31.14
C GLY C 122 -11.84 -24.44 29.71
N THR C 123 -12.64 -24.88 28.74
CA THR C 123 -12.27 -24.68 27.35
C THR C 123 -12.55 -23.24 26.91
N VAL C 124 -11.54 -22.63 26.30
CA VAL C 124 -11.60 -21.29 25.77
C VAL C 124 -11.77 -21.37 24.26
N LEU C 125 -12.72 -20.59 23.74
CA LEU C 125 -12.82 -20.31 22.31
C LEU C 125 -12.43 -18.87 22.08
N TYR C 126 -11.55 -18.64 21.11
CA TYR C 126 -10.91 -17.34 20.92
C TYR C 126 -10.88 -17.05 19.43
N GLY C 127 -11.60 -16.03 19.01
CA GLY C 127 -11.77 -15.72 17.59
C GLY C 127 -11.25 -14.34 17.23
N LEU C 128 -10.59 -14.26 16.08
CA LEU C 128 -10.10 -13.01 15.53
C LEU C 128 -10.61 -12.86 14.11
N ARG C 129 -10.79 -11.61 13.68
CA ARG C 129 -11.11 -11.33 12.29
C ARG C 129 -9.87 -10.71 11.67
N ILE C 130 -9.19 -11.50 10.84
CA ILE C 130 -7.84 -11.18 10.38
C ILE C 130 -7.87 -10.99 8.87
N THR C 131 -7.33 -9.88 8.39
CA THR C 131 -6.98 -9.71 6.99
C THR C 131 -5.47 -9.83 6.86
N THR C 132 -5.01 -10.75 6.03
CA THR C 132 -3.58 -10.97 5.86
C THR C 132 -3.22 -11.03 4.38
N THR C 133 -2.14 -10.36 4.02
CA THR C 133 -1.49 -10.52 2.72
C THR C 133 -0.43 -11.59 2.88
N ALA C 134 -0.65 -12.76 2.28
CA ALA C 134 0.27 -13.87 2.35
C ALA C 134 0.99 -14.04 1.03
N ALA C 135 2.26 -14.41 1.10
CA ALA C 135 3.09 -14.55 -0.09
C ALA C 135 2.77 -15.82 -0.84
N CYS C 136 2.63 -15.72 -2.15
CA CYS C 136 2.31 -16.86 -3.02
C CYS C 136 3.16 -16.73 -4.28
N MET C 137 4.26 -17.47 -4.33
CA MET C 137 5.13 -17.44 -5.50
C MET C 137 4.49 -18.23 -6.63
N MET C 138 4.18 -17.54 -7.73
CA MET C 138 3.46 -18.10 -8.85
C MET C 138 4.40 -18.50 -9.97
N ASP C 139 4.05 -19.59 -10.65
CA ASP C 139 4.76 -20.08 -11.82
C ASP C 139 3.97 -19.66 -13.06
N LEU C 140 4.53 -18.72 -13.83
CA LEU C 140 3.80 -18.04 -14.89
C LEU C 140 4.19 -18.53 -16.28
N ARG C 141 4.80 -19.71 -16.39
CA ARG C 141 5.17 -20.22 -17.69
C ARG C 141 3.96 -20.49 -18.58
N ARG C 142 2.83 -20.89 -17.98
CA ARG C 142 1.61 -21.12 -18.73
C ARG C 142 0.62 -19.97 -18.61
N TYR C 143 1.05 -18.84 -18.05
CA TYR C 143 0.20 -17.67 -17.96
C TYR C 143 -0.24 -17.23 -19.36
N PRO C 144 -1.52 -16.86 -19.55
CA PRO C 144 -2.60 -16.79 -18.56
C PRO C 144 -3.44 -18.06 -18.45
N LEU C 145 -2.98 -19.16 -19.01
CA LEU C 145 -3.64 -20.46 -18.84
C LEU C 145 -2.99 -21.25 -17.72
N ASP C 146 -2.84 -20.64 -16.55
CA ASP C 146 -2.06 -21.22 -15.47
C ASP C 146 -2.95 -21.56 -14.29
N GLU C 147 -2.44 -22.46 -13.45
CA GLU C 147 -3.06 -22.80 -12.18
C GLU C 147 -2.05 -22.58 -11.08
N GLN C 148 -2.45 -21.83 -10.06
CA GLN C 148 -1.59 -21.53 -8.93
C GLN C 148 -2.05 -22.30 -7.70
N ASN C 149 -1.15 -22.35 -6.71
CA ASN C 149 -1.36 -23.09 -5.47
C ASN C 149 -0.90 -22.16 -4.36
N CYS C 150 -1.85 -21.52 -3.70
CA CYS C 150 -1.55 -20.50 -2.69
C CYS C 150 -1.81 -21.04 -1.30
N THR C 151 -0.83 -20.94 -0.42
CA THR C 151 -0.88 -21.57 0.88
C THR C 151 -0.86 -20.54 2.01
N LEU C 152 -1.39 -20.95 3.15
CA LEU C 152 -1.26 -20.24 4.41
C LEU C 152 -0.69 -21.22 5.43
N GLU C 153 0.42 -20.85 6.05
CA GLU C 153 1.15 -21.71 6.96
C GLU C 153 0.96 -21.20 8.38
N ILE C 154 0.21 -21.94 9.19
CA ILE C 154 -0.12 -21.57 10.56
C ILE C 154 0.84 -22.32 11.48
N GLU C 155 1.63 -21.59 12.26
CA GLU C 155 2.65 -22.20 13.09
C GLU C 155 2.62 -21.58 14.48
N SER C 156 3.25 -22.26 15.43
CA SER C 156 3.50 -21.74 16.76
C SER C 156 4.91 -21.17 16.80
N TYR C 157 5.06 -19.94 17.30
CA TYR C 157 6.37 -19.33 17.24
C TYR C 157 7.29 -19.85 18.34
N GLY C 158 6.84 -19.78 19.59
CA GLY C 158 7.72 -20.08 20.70
C GLY C 158 7.62 -21.49 21.24
N TYR C 159 6.44 -22.11 21.13
CA TYR C 159 6.21 -23.41 21.74
C TYR C 159 6.46 -24.52 20.74
N THR C 160 7.26 -25.50 21.15
CA THR C 160 7.56 -26.66 20.34
C THR C 160 6.47 -27.71 20.50
N THR C 161 6.68 -28.87 19.88
CA THR C 161 5.73 -29.97 20.00
C THR C 161 5.71 -30.59 21.39
N ASP C 162 6.63 -30.21 22.27
CA ASP C 162 6.56 -30.60 23.67
C ASP C 162 5.64 -29.72 24.49
N ASP C 163 5.23 -28.59 23.93
CA ASP C 163 4.39 -27.63 24.63
C ASP C 163 3.01 -27.45 24.02
N ILE C 164 2.86 -27.66 22.73
CA ILE C 164 1.62 -27.28 22.04
C ILE C 164 1.42 -28.20 20.85
N GLU C 165 0.16 -28.53 20.58
CA GLU C 165 -0.22 -29.32 19.41
C GLU C 165 -1.28 -28.57 18.63
N PHE C 166 -1.22 -28.70 17.29
CA PHE C 166 -2.19 -28.09 16.41
C PHE C 166 -3.01 -29.17 15.72
N TYR C 167 -4.32 -28.94 15.60
CA TYR C 167 -5.17 -29.81 14.82
C TYR C 167 -6.34 -28.99 14.28
N TRP C 168 -6.91 -29.45 13.17
CA TRP C 168 -8.08 -28.81 12.58
C TRP C 168 -9.34 -29.31 13.29
N ARG C 169 -10.14 -28.39 13.81
CA ARG C 169 -11.35 -28.76 14.54
C ARG C 169 -12.44 -29.07 13.53
N GLY C 170 -12.76 -30.36 13.40
CA GLY C 170 -13.54 -30.90 12.31
C GLY C 170 -12.71 -31.70 11.33
N ASP C 171 -11.46 -31.29 11.11
CA ASP C 171 -10.40 -32.04 10.42
C ASP C 171 -10.62 -32.13 8.91
N ASP C 172 -11.85 -31.87 8.46
CA ASP C 172 -12.10 -31.54 7.06
C ASP C 172 -13.12 -30.42 6.87
N ASN C 173 -14.06 -30.26 7.81
CA ASN C 173 -15.03 -29.18 7.80
C ASN C 173 -14.56 -27.98 8.60
N ALA C 174 -13.26 -27.94 8.94
CA ALA C 174 -12.74 -26.85 9.76
C ALA C 174 -12.71 -25.53 9.00
N VAL C 175 -12.70 -25.59 7.67
CA VAL C 175 -12.64 -24.39 6.83
C VAL C 175 -13.96 -24.28 6.07
N THR C 176 -14.67 -23.17 6.26
CA THR C 176 -15.92 -22.92 5.56
C THR C 176 -15.80 -21.68 4.70
N GLY C 177 -16.72 -21.57 3.74
CA GLY C 177 -16.81 -20.38 2.91
C GLY C 177 -15.96 -20.39 1.67
N VAL C 178 -15.34 -21.51 1.33
CA VAL C 178 -14.49 -21.57 0.14
C VAL C 178 -15.33 -21.60 -1.13
N THR C 179 -16.46 -22.30 -1.10
CA THR C 179 -17.33 -22.33 -2.27
C THR C 179 -18.11 -21.04 -2.46
N LYS C 180 -18.17 -20.19 -1.44
CA LYS C 180 -18.90 -18.93 -1.50
C LYS C 180 -17.98 -17.75 -1.83
N ILE C 181 -16.82 -18.01 -2.43
CA ILE C 181 -15.83 -16.99 -2.73
C ILE C 181 -15.85 -16.74 -4.22
N GLU C 182 -16.07 -15.48 -4.60
CA GLU C 182 -16.12 -15.07 -6.00
C GLU C 182 -14.92 -14.18 -6.29
N LEU C 183 -13.94 -14.74 -6.99
CA LEU C 183 -12.79 -14.02 -7.52
C LEU C 183 -13.06 -13.61 -8.96
N PRO C 184 -12.69 -12.39 -9.37
CA PRO C 184 -13.03 -11.95 -10.73
C PRO C 184 -12.17 -12.60 -11.80
N GLN C 185 -10.92 -12.93 -11.48
CA GLN C 185 -10.01 -13.50 -12.47
C GLN C 185 -9.71 -14.97 -12.25
N PHE C 186 -10.16 -15.54 -11.13
CA PHE C 186 -9.80 -16.91 -10.78
C PHE C 186 -11.02 -17.70 -10.35
N SER C 187 -10.87 -19.02 -10.39
CA SER C 187 -11.84 -19.95 -9.85
C SER C 187 -11.13 -20.89 -8.90
N ILE C 188 -11.65 -21.05 -7.70
CA ILE C 188 -11.08 -22.01 -6.76
C ILE C 188 -11.47 -23.41 -7.21
N VAL C 189 -10.47 -24.26 -7.42
CA VAL C 189 -10.70 -25.62 -7.89
C VAL C 189 -10.70 -26.60 -6.73
N ASP C 190 -9.77 -26.45 -5.78
CA ASP C 190 -9.67 -27.34 -4.65
C ASP C 190 -8.98 -26.61 -3.50
N TYR C 191 -9.28 -27.04 -2.29
CA TYR C 191 -8.56 -26.58 -1.10
C TYR C 191 -8.25 -27.79 -0.23
N LYS C 192 -7.10 -27.72 0.44
CA LYS C 192 -6.57 -28.84 1.20
C LYS C 192 -6.09 -28.38 2.56
N LEU C 193 -6.36 -29.20 3.58
CA LEU C 193 -5.90 -29.01 4.94
C LEU C 193 -4.81 -30.03 5.25
N ILE C 194 -3.70 -29.56 5.80
CA ILE C 194 -2.55 -30.40 6.09
C ILE C 194 -2.11 -30.16 7.52
N THR C 195 -1.68 -31.23 8.20
CA THR C 195 -1.18 -31.18 9.56
C THR C 195 0.19 -31.82 9.60
N LYS C 196 1.22 -31.05 9.95
CA LYS C 196 2.58 -31.55 9.89
C LYS C 196 3.42 -30.93 11.01
N LYS C 197 4.71 -31.24 10.98
CA LYS C 197 5.68 -30.68 11.91
C LYS C 197 6.87 -30.16 11.11
N VAL C 198 7.39 -29.01 11.51
CA VAL C 198 8.58 -28.45 10.89
C VAL C 198 9.70 -28.44 11.92
N VAL C 199 10.93 -28.36 11.43
CA VAL C 199 12.11 -28.38 12.29
C VAL C 199 12.98 -27.18 11.96
N PHE C 200 13.31 -26.40 12.97
CA PHE C 200 14.33 -25.36 12.88
C PHE C 200 15.39 -25.65 13.94
N SER C 201 16.47 -24.88 13.89
CA SER C 201 17.56 -25.04 14.85
C SER C 201 17.09 -24.99 16.29
N THR C 202 15.93 -24.37 16.55
CA THR C 202 15.43 -24.19 17.91
C THR C 202 14.45 -25.26 18.34
N GLY C 203 14.12 -26.22 17.47
CA GLY C 203 13.27 -27.32 17.85
C GLY C 203 12.30 -27.65 16.73
N SER C 204 11.35 -28.52 17.04
CA SER C 204 10.30 -28.90 16.09
C SER C 204 8.99 -28.27 16.54
N TYR C 205 8.25 -27.73 15.59
CA TYR C 205 7.05 -26.97 15.85
C TYR C 205 5.88 -27.52 15.05
N PRO C 206 4.68 -27.48 15.62
CA PRO C 206 3.50 -27.94 14.88
C PRO C 206 3.12 -26.93 13.82
N ARG C 207 2.59 -27.44 12.70
CA ARG C 207 2.14 -26.55 11.64
C ARG C 207 0.88 -27.09 11.00
N LEU C 208 -0.03 -26.19 10.68
CA LEU C 208 -1.17 -26.46 9.82
C LEU C 208 -0.99 -25.72 8.52
N SER C 209 -1.51 -26.29 7.44
CA SER C 209 -1.40 -25.68 6.13
C SER C 209 -2.77 -25.66 5.48
N LEU C 210 -3.16 -24.50 4.97
CA LEU C 210 -4.38 -24.35 4.19
C LEU C 210 -3.99 -23.93 2.78
N SER C 211 -4.26 -24.77 1.79
CA SER C 211 -3.85 -24.46 0.43
C SER C 211 -5.07 -24.39 -0.48
N PHE C 212 -5.03 -23.47 -1.44
CA PHE C 212 -6.05 -23.30 -2.45
C PHE C 212 -5.46 -23.51 -3.83
N LYS C 213 -6.24 -24.13 -4.69
CA LYS C 213 -5.92 -24.26 -6.11
C LYS C 213 -6.71 -23.22 -6.89
N LEU C 214 -6.02 -22.42 -7.69
CA LEU C 214 -6.63 -21.30 -8.42
C LEU C 214 -6.42 -21.50 -9.91
N LYS C 215 -7.51 -21.67 -10.65
CA LYS C 215 -7.44 -21.71 -12.11
C LYS C 215 -7.82 -20.34 -12.66
N ARG C 216 -6.97 -19.79 -13.52
CA ARG C 216 -7.19 -18.47 -14.06
C ARG C 216 -8.28 -18.48 -15.12
N ASN C 217 -9.07 -17.42 -15.17
CA ASN C 217 -10.08 -17.23 -16.19
C ASN C 217 -9.49 -16.48 -17.38
N ILE C 218 -9.70 -17.00 -18.59
CA ILE C 218 -9.00 -16.50 -19.77
C ILE C 218 -9.87 -15.57 -20.62
N GLY C 219 -11.12 -15.33 -20.23
CA GLY C 219 -11.98 -14.47 -21.04
C GLY C 219 -11.42 -13.06 -21.19
N TYR C 220 -10.98 -12.48 -20.07
CA TYR C 220 -10.37 -11.15 -20.11
C TYR C 220 -9.19 -11.11 -21.08
N PHE C 221 -8.40 -12.18 -21.13
CA PHE C 221 -7.24 -12.19 -21.99
C PHE C 221 -7.60 -12.48 -23.43
N ILE C 222 -8.69 -13.22 -23.67
CA ILE C 222 -9.24 -13.31 -25.01
C ILE C 222 -9.60 -11.92 -25.52
N LEU C 223 -10.17 -11.10 -24.65
CA LEU C 223 -10.62 -9.78 -25.08
C LEU C 223 -9.50 -8.75 -25.08
N GLN C 224 -8.39 -9.01 -24.40
CA GLN C 224 -7.33 -8.02 -24.19
C GLN C 224 -6.15 -8.21 -25.13
N THR C 225 -5.69 -9.43 -25.34
CA THR C 225 -4.45 -9.62 -26.08
C THR C 225 -4.58 -10.57 -27.25
N TYR C 226 -5.38 -11.63 -27.13
CA TYR C 226 -5.42 -12.65 -28.17
C TYR C 226 -6.16 -12.15 -29.41
N MET C 227 -7.34 -11.61 -29.23
CA MET C 227 -8.19 -11.18 -30.34
C MET C 227 -7.58 -10.02 -31.12
N PRO C 228 -7.02 -8.99 -30.45
CA PRO C 228 -6.29 -7.97 -31.23
C PRO C 228 -5.17 -8.56 -32.07
N SER C 229 -4.46 -9.56 -31.56
CA SER C 229 -3.36 -10.14 -32.31
C SER C 229 -3.87 -10.93 -33.52
N ILE C 230 -4.91 -11.72 -33.33
CA ILE C 230 -5.51 -12.44 -34.45
C ILE C 230 -6.01 -11.46 -35.52
N LEU C 231 -6.63 -10.37 -35.07
CA LEU C 231 -7.17 -9.40 -36.02
C LEU C 231 -6.07 -8.68 -36.78
N ILE C 232 -4.95 -8.40 -36.11
CA ILE C 232 -3.84 -7.74 -36.79
C ILE C 232 -3.19 -8.69 -37.79
N THR C 233 -3.11 -9.98 -37.45
CA THR C 233 -2.59 -10.95 -38.41
C THR C 233 -3.48 -11.05 -39.65
N ILE C 234 -4.80 -11.07 -39.45
CA ILE C 234 -5.71 -11.13 -40.59
C ILE C 234 -5.62 -9.86 -41.43
N LEU C 235 -5.53 -8.70 -40.78
CA LEU C 235 -5.26 -7.45 -41.49
C LEU C 235 -4.00 -7.55 -42.33
N SER C 236 -2.96 -8.17 -41.77
CA SER C 236 -1.74 -8.39 -42.55
C SER C 236 -2.02 -9.23 -43.80
N TRP C 237 -2.83 -10.27 -43.66
CA TRP C 237 -3.13 -11.11 -44.83
C TRP C 237 -3.88 -10.34 -45.90
N VAL C 238 -4.64 -9.31 -45.49
CA VAL C 238 -5.41 -8.53 -46.47
C VAL C 238 -4.54 -8.06 -47.64
N SER C 239 -3.24 -7.88 -47.42
CA SER C 239 -2.35 -7.37 -48.46
C SER C 239 -2.19 -8.33 -49.64
N PHE C 240 -2.39 -9.64 -49.42
CA PHE C 240 -2.20 -10.61 -50.49
C PHE C 240 -3.19 -10.43 -51.64
N TRP C 241 -4.24 -9.63 -51.45
CA TRP C 241 -5.23 -9.41 -52.49
C TRP C 241 -4.99 -8.13 -53.27
N ILE C 242 -4.22 -7.19 -52.72
CA ILE C 242 -3.80 -6.03 -53.48
C ILE C 242 -2.84 -6.47 -54.58
N ASN C 243 -2.87 -5.77 -55.70
CA ASN C 243 -1.99 -6.12 -56.80
C ASN C 243 -0.54 -5.80 -56.44
N TYR C 244 0.38 -6.61 -56.97
CA TYR C 244 1.77 -6.52 -56.53
C TYR C 244 2.48 -5.29 -57.10
N ASP C 245 1.92 -4.64 -58.11
CA ASP C 245 2.54 -3.42 -58.62
C ASP C 245 2.36 -2.26 -57.64
N ALA C 246 1.27 -2.24 -56.88
CA ALA C 246 1.06 -1.23 -55.85
C ALA C 246 2.06 -1.47 -54.72
N SER C 247 3.05 -0.59 -54.60
CA SER C 247 4.10 -0.78 -53.60
C SER C 247 3.78 -0.07 -52.30
N ALA C 248 3.28 1.16 -52.37
CA ALA C 248 3.01 1.93 -51.17
C ALA C 248 1.92 1.29 -50.31
N ALA C 249 0.89 0.74 -50.93
CA ALA C 249 -0.22 0.17 -50.16
C ALA C 249 0.22 -1.10 -49.43
N ARG C 250 0.88 -2.01 -50.14
CA ARG C 250 1.32 -3.24 -49.51
C ARG C 250 2.40 -2.98 -48.47
N VAL C 251 3.28 -2.00 -48.73
CA VAL C 251 4.29 -1.65 -47.74
C VAL C 251 3.63 -1.05 -46.51
N ALA C 252 2.59 -0.23 -46.68
CA ALA C 252 1.89 0.34 -45.54
C ALA C 252 1.24 -0.75 -44.70
N LEU C 253 0.51 -1.65 -45.34
CA LEU C 253 -0.06 -2.79 -44.62
C LEU C 253 1.00 -3.55 -43.83
N GLY C 254 2.06 -3.98 -44.52
CA GLY C 254 3.08 -4.78 -43.87
C GLY C 254 3.77 -4.07 -42.73
N ILE C 255 4.21 -2.83 -42.96
CA ILE C 255 4.96 -2.10 -41.94
C ILE C 255 4.08 -1.83 -40.73
N THR C 256 2.84 -1.37 -40.96
CA THR C 256 1.94 -1.09 -39.86
C THR C 256 1.71 -2.33 -39.02
N THR C 257 1.41 -3.46 -39.66
CA THR C 257 1.12 -4.66 -38.89
C THR C 257 2.35 -5.16 -38.14
N VAL C 258 3.52 -5.18 -38.80
CA VAL C 258 4.73 -5.64 -38.13
C VAL C 258 5.03 -4.77 -36.90
N LEU C 259 5.03 -3.45 -37.07
CA LEU C 259 5.39 -2.59 -35.95
C LEU C 259 4.32 -2.60 -34.86
N THR C 260 3.05 -2.73 -35.24
CA THR C 260 1.99 -2.81 -34.23
C THR C 260 2.15 -4.08 -33.40
N MET C 261 2.50 -5.21 -34.01
CA MET C 261 2.78 -6.41 -33.23
C MET C 261 4.02 -6.21 -32.35
N THR C 262 5.06 -5.58 -32.89
CA THR C 262 6.28 -5.38 -32.12
C THR C 262 6.07 -4.47 -30.92
N THR C 263 5.06 -3.58 -30.96
CA THR C 263 4.84 -2.65 -29.87
C THR C 263 3.59 -2.93 -29.03
N ILE C 264 2.77 -3.91 -29.40
CA ILE C 264 1.53 -4.13 -28.67
C ILE C 264 1.75 -4.64 -27.26
N ASN C 265 2.93 -5.22 -26.98
CA ASN C 265 3.16 -5.84 -25.68
C ASN C 265 3.27 -4.82 -24.55
N THR C 266 3.64 -3.58 -24.85
CA THR C 266 3.78 -2.56 -23.82
C THR C 266 2.48 -2.39 -23.04
N HIS C 267 1.35 -2.48 -23.72
CA HIS C 267 0.06 -2.36 -23.05
C HIS C 267 -0.16 -3.48 -22.06
N LEU C 268 0.37 -4.68 -22.35
CA LEU C 268 0.10 -5.85 -21.53
C LEU C 268 1.21 -6.17 -20.53
N ARG C 269 2.45 -5.76 -20.78
CA ARG C 269 3.57 -6.19 -19.94
C ARG C 269 3.59 -5.53 -18.57
N GLU C 270 2.88 -4.41 -18.38
CA GLU C 270 2.94 -3.71 -17.10
C GLU C 270 2.44 -4.59 -15.96
N THR C 271 1.39 -5.37 -16.20
CA THR C 271 0.82 -6.19 -15.14
C THR C 271 1.81 -7.23 -14.62
N LEU C 272 2.61 -7.80 -15.50
CA LEU C 272 3.53 -8.85 -15.10
C LEU C 272 4.79 -8.27 -14.46
N PRO C 273 5.47 -9.05 -13.63
CA PRO C 273 6.81 -8.66 -13.16
C PRO C 273 7.90 -9.03 -14.13
N LYS C 274 9.16 -8.80 -13.74
CA LYS C 274 10.32 -9.03 -14.62
C LYS C 274 10.78 -10.47 -14.49
N ILE C 275 10.10 -11.37 -15.19
CA ILE C 275 10.46 -12.78 -15.16
C ILE C 275 11.34 -13.11 -16.36
N PRO C 276 12.26 -14.06 -16.25
CA PRO C 276 13.19 -14.35 -17.34
C PRO C 276 12.76 -15.44 -18.31
N TYR C 277 11.57 -16.01 -18.17
CA TYR C 277 11.13 -17.05 -19.07
C TYR C 277 9.96 -16.57 -19.92
N VAL C 278 9.74 -17.29 -21.02
CA VAL C 278 8.68 -16.96 -21.97
C VAL C 278 7.36 -17.52 -21.44
N LYS C 279 6.36 -16.65 -21.32
CA LYS C 279 5.02 -17.07 -20.96
C LYS C 279 4.28 -17.56 -22.19
N ALA C 280 3.08 -18.11 -21.98
CA ALA C 280 2.27 -18.57 -23.09
C ALA C 280 1.81 -17.42 -23.96
N ILE C 281 1.46 -16.29 -23.34
CA ILE C 281 0.97 -15.14 -24.09
C ILE C 281 2.10 -14.53 -24.91
N ASP C 282 3.32 -14.49 -24.37
CA ASP C 282 4.46 -14.05 -25.14
C ASP C 282 4.72 -14.96 -26.32
N MET C 283 4.54 -16.27 -26.12
CA MET C 283 4.66 -17.23 -27.22
C MET C 283 3.66 -16.92 -28.33
N TYR C 284 2.41 -16.63 -27.96
CA TYR C 284 1.41 -16.30 -28.98
C TYR C 284 1.76 -15.01 -29.72
N LEU C 285 2.20 -13.99 -28.98
CA LEU C 285 2.57 -12.73 -29.62
C LEU C 285 3.75 -12.90 -30.56
N MET C 286 4.73 -13.73 -30.17
CA MET C 286 5.88 -13.98 -31.03
C MET C 286 5.48 -14.76 -32.28
N GLY C 287 4.55 -15.70 -32.13
CA GLY C 287 4.03 -16.40 -33.31
C GLY C 287 3.32 -15.47 -34.28
N CYS C 288 2.48 -14.57 -33.75
CA CYS C 288 1.82 -13.59 -34.60
C CYS C 288 2.84 -12.68 -35.28
N PHE C 289 3.88 -12.28 -34.56
CA PHE C 289 4.94 -11.49 -35.18
C PHE C 289 5.61 -12.26 -36.31
N VAL C 290 5.89 -13.54 -36.10
CA VAL C 290 6.50 -14.34 -37.16
C VAL C 290 5.61 -14.36 -38.40
N PHE C 291 4.30 -14.54 -38.19
CA PHE C 291 3.38 -14.57 -39.32
C PHE C 291 3.35 -13.24 -40.08
N VAL C 292 3.28 -12.13 -39.35
CA VAL C 292 3.20 -10.84 -40.01
C VAL C 292 4.50 -10.49 -40.72
N PHE C 293 5.63 -10.80 -40.09
CA PHE C 293 6.93 -10.59 -40.70
C PHE C 293 7.08 -11.44 -41.96
N MET C 294 6.54 -12.65 -41.95
CA MET C 294 6.60 -13.48 -43.13
C MET C 294 5.72 -12.94 -44.25
N ALA C 295 4.57 -12.35 -43.90
CA ALA C 295 3.75 -11.69 -44.92
C ALA C 295 4.50 -10.54 -45.58
N LEU C 296 5.18 -9.72 -44.77
CA LEU C 296 5.96 -8.62 -45.34
C LEU C 296 7.13 -9.14 -46.19
N LEU C 297 7.76 -10.23 -45.76
CA LEU C 297 8.84 -10.81 -46.56
C LEU C 297 8.30 -11.38 -47.87
N GLU C 298 7.10 -11.94 -47.86
CA GLU C 298 6.49 -12.39 -49.10
C GLU C 298 6.25 -11.22 -50.04
N TYR C 299 5.83 -10.09 -49.50
CA TYR C 299 5.68 -8.91 -50.36
C TYR C 299 7.02 -8.51 -50.96
N ALA C 300 8.08 -8.49 -50.13
CA ALA C 300 9.39 -8.10 -50.64
C ALA C 300 9.86 -9.06 -51.73
N LEU C 301 9.59 -10.36 -51.55
CA LEU C 301 9.97 -11.35 -52.55
C LEU C 301 9.21 -11.13 -53.85
N VAL C 302 7.90 -10.88 -53.76
CA VAL C 302 7.11 -10.66 -54.98
C VAL C 302 7.55 -9.39 -55.68
N ASN C 303 7.91 -8.36 -54.91
CA ASN C 303 8.36 -7.10 -55.50
C ASN C 303 9.75 -7.25 -56.11
N TYR C 304 10.56 -8.18 -55.62
CA TYR C 304 11.90 -8.37 -56.15
C TYR C 304 11.89 -9.08 -57.50
N ILE C 305 10.86 -9.87 -57.79
CA ILE C 305 10.76 -10.62 -59.04
C ILE C 305 9.62 -10.09 -59.91
N PHE C 306 9.20 -8.85 -59.67
CA PHE C 306 7.99 -8.32 -60.28
C PHE C 306 8.27 -7.75 -61.66
N PHE C 307 9.36 -7.01 -61.81
CA PHE C 307 9.73 -6.43 -63.11
C PHE C 307 10.32 -7.45 -64.07
N SER C 308 10.56 -8.68 -63.63
CA SER C 308 11.19 -9.69 -64.46
C SER C 308 10.29 -10.87 -64.76
N GLN C 309 9.52 -11.35 -63.79
CA GLN C 309 8.67 -12.53 -63.95
C GLN C 309 7.39 -12.33 -63.17
N PRO C 310 6.39 -11.66 -63.76
CA PRO C 310 5.13 -11.43 -63.04
C PRO C 310 4.28 -12.68 -62.88
N ALA C 311 4.52 -13.71 -63.69
CA ALA C 311 3.74 -14.94 -63.56
C ALA C 311 4.00 -15.62 -62.23
N ARG C 312 5.27 -15.87 -61.91
CA ARG C 312 5.62 -16.41 -60.61
C ARG C 312 5.18 -15.48 -59.48
N ALA C 313 5.17 -14.17 -59.74
CA ALA C 313 4.70 -13.22 -58.72
C ALA C 313 3.25 -13.49 -58.38
N ALA C 314 2.37 -13.56 -59.39
CA ALA C 314 0.97 -13.85 -59.12
C ALA C 314 0.78 -15.25 -58.53
N ALA C 315 1.60 -16.20 -58.94
CA ALA C 315 1.55 -17.54 -58.35
C ALA C 315 1.82 -17.49 -56.85
N ILE C 316 2.90 -16.78 -56.47
CA ILE C 316 3.23 -16.67 -55.05
C ILE C 316 2.15 -15.90 -54.30
N ASP C 317 1.56 -14.89 -54.94
CA ASP C 317 0.50 -14.12 -54.30
C ASP C 317 -0.71 -15.00 -53.98
N ARG C 318 -1.15 -15.79 -54.96
CA ARG C 318 -2.28 -16.69 -54.72
C ARG C 318 -1.93 -17.76 -53.69
N TRP C 319 -0.72 -18.32 -53.79
CA TRP C 319 -0.29 -19.31 -52.82
C TRP C 319 -0.31 -18.75 -51.40
N SER C 320 0.13 -17.50 -51.24
CA SER C 320 0.08 -16.87 -49.93
C SER C 320 -1.35 -16.67 -49.47
N ARG C 321 -2.20 -16.16 -50.37
CA ARG C 321 -3.63 -16.01 -50.07
C ARG C 321 -4.21 -17.27 -49.46
N ILE C 322 -3.90 -18.42 -50.07
CA ILE C 322 -4.54 -19.63 -49.59
C ILE C 322 -3.81 -20.23 -48.38
N PHE C 323 -2.51 -20.04 -48.25
CA PHE C 323 -1.75 -20.83 -47.28
C PHE C 323 -1.39 -20.09 -46.00
N PHE C 324 -1.32 -18.75 -46.00
CA PHE C 324 -1.08 -18.05 -44.74
C PHE C 324 -2.19 -18.31 -43.72
N PRO C 325 -3.48 -18.17 -44.06
CA PRO C 325 -4.52 -18.52 -43.08
C PRO C 325 -4.52 -19.99 -42.69
N VAL C 326 -4.15 -20.89 -43.59
CA VAL C 326 -4.13 -22.32 -43.27
C VAL C 326 -3.11 -22.60 -42.18
N VAL C 327 -1.89 -22.09 -42.35
CA VAL C 327 -0.85 -22.37 -41.36
C VAL C 327 -1.05 -21.55 -40.09
N PHE C 328 -1.73 -20.41 -40.16
CA PHE C 328 -2.10 -19.74 -38.92
C PHE C 328 -3.16 -20.53 -38.16
N SER C 329 -4.10 -21.14 -38.88
CA SER C 329 -5.07 -22.03 -38.24
C SER C 329 -4.36 -23.22 -37.60
N PHE C 330 -3.36 -23.77 -38.27
CA PHE C 330 -2.61 -24.88 -37.69
C PHE C 330 -1.83 -24.45 -36.46
N PHE C 331 -1.22 -23.26 -36.51
CA PHE C 331 -0.51 -22.73 -35.35
C PHE C 331 -1.45 -22.53 -34.18
N ASN C 332 -2.64 -21.99 -34.42
CA ASN C 332 -3.59 -21.77 -33.34
C ASN C 332 -4.09 -23.10 -32.77
N ILE C 333 -4.35 -24.07 -33.63
CA ILE C 333 -4.74 -25.40 -33.15
C ILE C 333 -3.67 -25.98 -32.24
N VAL C 334 -2.42 -25.94 -32.68
CA VAL C 334 -1.33 -26.50 -31.89
C VAL C 334 -1.17 -25.76 -30.57
N TYR C 335 -1.22 -24.43 -30.61
CA TYR C 335 -1.07 -23.63 -29.40
C TYR C 335 -2.16 -23.96 -28.38
N TRP C 336 -3.42 -23.86 -28.80
CA TRP C 336 -4.52 -24.06 -27.86
C TRP C 336 -4.66 -25.52 -27.45
N LEU C 337 -4.10 -26.47 -28.21
CA LEU C 337 -4.08 -27.85 -27.73
C LEU C 337 -2.96 -28.09 -26.74
N TYR C 338 -1.81 -27.42 -26.92
CA TYR C 338 -0.72 -27.57 -25.97
C TYR C 338 -1.04 -26.91 -24.63
N TYR C 339 -1.80 -25.81 -24.65
CA TYR C 339 -2.00 -25.06 -23.41
C TYR C 339 -3.35 -25.31 -22.74
N VAL C 340 -4.44 -25.45 -23.49
CA VAL C 340 -5.74 -25.69 -22.87
C VAL C 340 -5.85 -27.14 -22.43
N ASP D 10 1.32 -29.49 41.90
CA ASP D 10 0.91 -28.15 41.48
C ASP D 10 2.11 -27.37 40.94
N ASN D 11 2.37 -27.51 39.64
CA ASN D 11 3.48 -26.77 39.04
C ASN D 11 3.17 -25.31 38.83
N THR D 12 1.90 -24.93 38.81
CA THR D 12 1.54 -23.53 38.60
C THR D 12 2.19 -22.61 39.64
N THR D 13 1.97 -22.90 40.92
CA THR D 13 2.50 -22.04 41.97
C THR D 13 4.02 -22.14 42.05
N VAL D 14 4.58 -23.33 41.89
CA VAL D 14 6.04 -23.48 41.93
C VAL D 14 6.69 -22.62 40.87
N PHE D 15 6.18 -22.68 39.64
CA PHE D 15 6.81 -21.94 38.55
C PHE D 15 6.52 -20.45 38.64
N THR D 16 5.34 -20.06 39.14
CA THR D 16 5.09 -18.65 39.37
C THR D 16 6.05 -18.08 40.41
N ARG D 17 6.33 -18.86 41.45
CA ARG D 17 7.28 -18.42 42.46
C ARG D 17 8.68 -18.34 41.90
N ILE D 18 9.05 -19.27 41.02
CA ILE D 18 10.37 -19.19 40.37
C ILE D 18 10.48 -17.91 39.55
N LEU D 19 9.45 -17.59 38.76
CA LEU D 19 9.50 -16.38 37.94
C LEU D 19 9.54 -15.12 38.80
N ASP D 20 8.71 -15.07 39.84
CA ASP D 20 8.72 -13.90 40.73
C ASP D 20 10.04 -13.78 41.47
N ARG D 21 10.69 -14.89 41.79
CA ARG D 21 12.02 -14.84 42.36
C ARG D 21 13.03 -14.29 41.36
N LEU D 22 12.90 -14.68 40.09
CA LEU D 22 13.82 -14.19 39.07
C LEU D 22 13.71 -12.68 38.90
N LEU D 23 12.49 -12.17 38.77
CA LEU D 23 12.29 -10.76 38.47
C LEU D 23 12.30 -9.86 39.70
N ASP D 24 12.59 -10.41 40.87
CA ASP D 24 12.59 -9.65 42.12
C ASP D 24 13.95 -9.01 42.32
N GLY D 25 13.98 -7.69 42.50
CA GLY D 25 15.23 -6.97 42.62
C GLY D 25 16.02 -6.85 41.34
N TYR D 26 15.45 -7.23 40.21
CA TYR D 26 16.13 -7.23 38.93
C TYR D 26 16.03 -5.87 38.27
N ASP D 27 17.16 -5.40 37.74
CA ASP D 27 17.23 -4.10 37.09
C ASP D 27 17.51 -4.32 35.61
N ASN D 28 16.51 -4.07 34.76
CA ASN D 28 16.65 -4.25 33.33
C ASN D 28 17.31 -3.07 32.65
N ARG D 29 17.61 -2.00 33.38
CA ARG D 29 18.34 -0.88 32.83
C ARG D 29 19.84 -1.15 32.68
N LEU D 30 20.35 -2.20 33.31
CA LEU D 30 21.77 -2.49 33.34
C LEU D 30 22.06 -3.78 32.60
N ARG D 31 23.18 -3.81 31.91
CA ARG D 31 23.55 -5.00 31.16
C ARG D 31 24.16 -6.05 32.09
N PRO D 32 24.05 -7.32 31.74
CA PRO D 32 24.68 -8.37 32.56
C PRO D 32 26.19 -8.24 32.56
N GLY D 33 26.78 -8.29 33.76
CA GLY D 33 28.20 -8.09 33.90
C GLY D 33 28.66 -6.66 33.77
N LEU D 34 27.76 -5.70 34.07
CA LEU D 34 28.04 -4.29 33.81
C LEU D 34 29.37 -3.84 34.39
N GLY D 35 29.59 -4.10 35.67
CA GLY D 35 30.79 -3.57 36.29
C GLY D 35 32.06 -4.35 36.04
N GLU D 36 31.98 -5.57 35.53
CA GLU D 36 33.16 -6.43 35.52
C GLU D 36 33.36 -7.27 34.26
N ARG D 37 32.53 -7.11 33.22
CA ARG D 37 32.60 -8.03 32.10
C ARG D 37 31.94 -7.41 30.87
N VAL D 38 32.55 -7.66 29.71
CA VAL D 38 31.93 -7.29 28.44
C VAL D 38 30.82 -8.29 28.13
N THR D 39 29.64 -7.79 27.78
CA THR D 39 28.51 -8.64 27.45
C THR D 39 28.71 -9.27 26.09
N GLU D 40 28.88 -10.59 26.06
CA GLU D 40 29.05 -11.33 24.82
C GLU D 40 27.69 -11.75 24.29
N VAL D 41 27.37 -11.33 23.08
CA VAL D 41 26.10 -11.63 22.43
C VAL D 41 26.40 -12.47 21.20
N LYS D 42 25.97 -13.73 21.21
CA LYS D 42 26.11 -14.62 20.08
C LYS D 42 24.85 -14.57 19.22
N THR D 43 25.01 -14.36 17.92
CA THR D 43 23.87 -14.18 17.04
C THR D 43 23.94 -15.11 15.85
N ASP D 44 22.77 -15.50 15.36
CA ASP D 44 22.67 -16.15 14.06
C ASP D 44 21.39 -15.69 13.36
N ILE D 45 21.33 -15.96 12.06
CA ILE D 45 20.22 -15.53 11.22
C ILE D 45 19.74 -16.72 10.40
N PHE D 46 18.45 -17.02 10.49
CA PHE D 46 17.83 -17.98 9.58
C PHE D 46 16.90 -17.21 8.65
N VAL D 47 17.31 -17.06 7.40
CA VAL D 47 16.48 -16.41 6.38
C VAL D 47 15.43 -17.41 5.91
N THR D 48 14.16 -17.09 6.18
CA THR D 48 13.06 -17.93 5.71
C THR D 48 12.64 -17.58 4.30
N SER D 49 12.78 -16.33 3.89
CA SER D 49 12.59 -15.94 2.50
C SER D 49 13.45 -14.73 2.19
N PHE D 50 13.99 -14.68 0.99
CA PHE D 50 14.84 -13.59 0.53
C PHE D 50 14.01 -12.81 -0.49
N GLY D 51 13.30 -11.80 -0.01
CA GLY D 51 12.29 -11.11 -0.76
C GLY D 51 12.82 -10.40 -1.99
N PRO D 52 11.95 -9.66 -2.67
CA PRO D 52 12.33 -9.05 -3.93
C PRO D 52 13.37 -7.95 -3.75
N VAL D 53 14.05 -7.64 -4.85
CA VAL D 53 15.04 -6.58 -4.91
C VAL D 53 14.43 -5.42 -5.70
N SER D 54 14.52 -4.22 -5.15
CA SER D 54 14.02 -3.02 -5.80
C SER D 54 15.21 -2.18 -6.23
N ASP D 55 15.61 -2.31 -7.50
CA ASP D 55 16.72 -1.52 -7.98
C ASP D 55 16.36 -0.04 -8.13
N HIS D 56 15.07 0.28 -8.27
CA HIS D 56 14.66 1.67 -8.28
C HIS D 56 14.93 2.34 -6.94
N ASP D 57 14.67 1.63 -5.85
CA ASP D 57 14.96 2.11 -4.51
C ASP D 57 16.34 1.70 -4.03
N MET D 58 17.06 0.89 -4.80
CA MET D 58 18.32 0.29 -4.40
C MET D 58 18.21 -0.30 -2.99
N GLU D 59 17.31 -1.26 -2.86
CA GLU D 59 17.07 -1.89 -1.58
C GLU D 59 16.51 -3.28 -1.82
N TYR D 60 16.58 -4.10 -0.79
CA TYR D 60 16.05 -5.46 -0.85
C TYR D 60 15.35 -5.78 0.45
N THR D 61 14.45 -6.74 0.38
CA THR D 61 13.71 -7.26 1.52
C THR D 61 14.26 -8.62 1.90
N ILE D 62 14.14 -8.95 3.18
CA ILE D 62 14.54 -10.25 3.68
C ILE D 62 13.71 -10.59 4.91
N ASP D 63 13.30 -11.85 5.03
CA ASP D 63 12.51 -12.32 6.17
C ASP D 63 13.36 -13.25 7.00
N VAL D 64 13.53 -12.93 8.27
CA VAL D 64 14.55 -13.60 9.09
C VAL D 64 13.97 -13.99 10.44
N PHE D 65 14.41 -15.14 10.93
CA PHE D 65 14.49 -15.39 12.37
C PHE D 65 15.85 -14.87 12.81
N PHE D 66 15.84 -13.77 13.56
CA PHE D 66 17.05 -13.16 14.10
C PHE D 66 17.20 -13.68 15.52
N ARG D 67 18.27 -14.45 15.76
CA ARG D 67 18.47 -15.14 17.04
C ARG D 67 19.67 -14.54 17.76
N GLN D 68 19.47 -14.21 19.04
CA GLN D 68 20.54 -13.71 19.89
C GLN D 68 20.59 -14.51 21.18
N SER D 69 21.76 -14.55 21.78
CA SER D 69 21.96 -15.38 22.97
C SER D 69 23.05 -14.75 23.82
N TRP D 70 22.84 -14.75 25.13
CA TRP D 70 23.84 -14.18 26.02
C TRP D 70 23.66 -14.72 27.43
N LYS D 71 24.70 -14.53 28.23
CA LYS D 71 24.69 -14.99 29.61
C LYS D 71 24.26 -13.87 30.54
N ASP D 72 23.34 -14.18 31.46
CA ASP D 72 22.87 -13.23 32.46
C ASP D 72 22.73 -13.99 33.77
N GLU D 73 23.68 -13.80 34.67
CA GLU D 73 23.71 -14.57 35.91
C GLU D 73 22.64 -14.15 36.90
N ARG D 74 22.03 -12.98 36.69
CA ARG D 74 20.91 -12.57 37.53
C ARG D 74 19.69 -13.44 37.35
N LEU D 75 19.64 -14.25 36.30
CA LEU D 75 18.49 -15.11 36.01
C LEU D 75 18.81 -16.59 36.19
N LYS D 76 19.70 -16.92 37.12
CA LYS D 76 19.95 -18.31 37.47
C LYS D 76 18.83 -18.84 38.35
N PHE D 77 18.32 -20.02 38.01
CA PHE D 77 17.27 -20.66 38.78
C PHE D 77 17.56 -22.14 38.88
N LYS D 78 16.98 -22.79 39.89
CA LYS D 78 17.02 -24.23 40.05
C LYS D 78 15.62 -24.71 40.34
N GLY D 79 15.13 -25.66 39.54
CA GLY D 79 13.77 -26.14 39.66
C GLY D 79 13.58 -27.46 38.96
N PRO D 80 12.32 -27.86 38.80
CA PRO D 80 12.03 -29.20 38.22
C PRO D 80 12.29 -29.29 36.72
N MET D 81 12.59 -28.18 36.03
CA MET D 81 12.98 -28.23 34.63
C MET D 81 14.18 -27.32 34.43
N THR D 82 14.94 -27.60 33.36
CA THR D 82 16.20 -26.91 33.14
C THR D 82 16.09 -25.68 32.26
N VAL D 83 15.04 -25.55 31.46
CA VAL D 83 14.90 -24.41 30.57
C VAL D 83 13.44 -23.95 30.59
N LEU D 84 13.25 -22.66 30.83
CA LEU D 84 11.93 -22.02 30.78
C LEU D 84 11.72 -21.45 29.38
N ARG D 85 10.74 -21.99 28.67
CA ARG D 85 10.32 -21.44 27.38
C ARG D 85 9.21 -20.45 27.66
N LEU D 86 9.58 -19.20 27.85
CA LEU D 86 8.62 -18.22 28.36
C LEU D 86 7.96 -17.46 27.22
N ASN D 87 6.96 -16.67 27.58
CA ASN D 87 6.26 -15.83 26.64
C ASN D 87 7.14 -14.65 26.22
N ASN D 88 6.69 -13.94 25.18
CA ASN D 88 7.41 -12.75 24.75
C ASN D 88 7.29 -11.62 25.77
N LEU D 89 6.23 -11.61 26.58
CA LEU D 89 6.05 -10.53 27.54
C LEU D 89 7.11 -10.55 28.63
N MET D 90 7.72 -11.71 28.87
CA MET D 90 8.84 -11.78 29.81
C MET D 90 10.05 -11.01 29.31
N ALA D 91 10.22 -10.92 27.99
CA ALA D 91 11.41 -10.28 27.43
C ALA D 91 11.48 -8.80 27.78
N SER D 92 10.32 -8.15 27.90
CA SER D 92 10.30 -6.72 28.22
C SER D 92 10.72 -6.44 29.65
N LYS D 93 10.69 -7.44 30.53
CA LYS D 93 11.07 -7.26 31.92
C LYS D 93 12.56 -7.40 32.17
N ILE D 94 13.29 -8.02 31.26
CA ILE D 94 14.72 -8.27 31.44
C ILE D 94 15.50 -7.38 30.47
N TRP D 95 16.82 -7.40 30.60
CA TRP D 95 17.68 -6.69 29.67
C TRP D 95 17.85 -7.52 28.41
N THR D 96 17.72 -6.86 27.26
CA THR D 96 18.01 -7.44 25.97
C THR D 96 18.96 -6.50 25.24
N PRO D 97 19.73 -7.01 24.29
CA PRO D 97 20.60 -6.12 23.51
C PRO D 97 19.80 -5.24 22.56
N ASP D 98 20.31 -4.05 22.32
CA ASP D 98 19.65 -3.08 21.44
C ASP D 98 20.24 -3.10 20.04
N THR D 99 20.07 -4.25 19.38
CA THR D 99 20.61 -4.42 18.05
C THR D 99 19.78 -3.67 17.02
N PHE D 100 20.46 -3.03 16.07
CA PHE D 100 19.82 -2.34 14.98
C PHE D 100 20.64 -2.54 13.72
N PHE D 101 19.99 -2.35 12.58
CA PHE D 101 20.59 -2.55 11.27
C PHE D 101 21.07 -1.22 10.72
N HIS D 102 22.38 -1.11 10.51
CA HIS D 102 22.97 0.15 10.08
C HIS D 102 22.42 0.59 8.74
N ASN D 103 22.34 -0.34 7.79
CA ASN D 103 21.84 -0.05 6.45
C ASN D 103 20.37 -0.41 6.27
N GLY D 104 19.64 -0.60 7.37
CA GLY D 104 18.23 -0.93 7.29
C GLY D 104 17.38 0.31 7.18
N LYS D 105 16.38 0.26 6.31
CA LYS D 105 15.54 1.42 6.02
C LYS D 105 14.26 1.44 6.84
N LYS D 106 13.39 0.46 6.64
CA LYS D 106 12.09 0.45 7.30
C LYS D 106 11.71 -1.02 7.50
N SER D 107 12.05 -1.53 8.68
CA SER D 107 11.89 -2.94 8.99
C SER D 107 10.66 -3.15 9.87
N VAL D 108 10.10 -4.35 9.81
CA VAL D 108 8.86 -4.68 10.48
C VAL D 108 9.10 -5.85 11.42
N ALA D 109 8.74 -5.66 12.69
CA ALA D 109 8.62 -6.77 13.63
C ALA D 109 7.17 -7.23 13.65
N HIS D 110 6.94 -8.51 13.40
CA HIS D 110 5.59 -9.02 13.22
C HIS D 110 4.90 -9.22 14.57
N ASN D 111 3.60 -8.91 14.60
CA ASN D 111 2.82 -8.89 15.83
C ASN D 111 1.53 -9.72 15.71
N MET D 112 1.44 -10.58 14.70
CA MET D 112 0.23 -11.33 14.39
C MET D 112 0.53 -12.82 14.50
N THR D 113 -0.25 -13.54 15.31
CA THR D 113 -1.38 -13.01 16.07
C THR D 113 -0.91 -12.35 17.37
N MET D 114 0.29 -12.71 17.79
CA MET D 114 0.95 -12.17 18.97
C MET D 114 2.36 -11.80 18.57
N PRO D 115 3.09 -11.09 19.44
CA PRO D 115 4.49 -10.78 19.11
C PRO D 115 5.27 -12.03 18.74
N ASN D 116 5.93 -11.97 17.58
CA ASN D 116 6.64 -13.12 17.02
C ASN D 116 8.03 -13.22 17.64
N LYS D 117 8.06 -13.49 18.94
CA LYS D 117 9.28 -13.50 19.72
C LYS D 117 9.26 -14.69 20.67
N LEU D 118 10.42 -15.30 20.87
CA LEU D 118 10.57 -16.35 21.88
C LEU D 118 11.73 -16.01 22.78
N LEU D 119 11.53 -16.26 24.07
CA LEU D 119 12.58 -16.16 25.08
C LEU D 119 12.69 -17.49 25.81
N ARG D 120 13.92 -17.97 25.96
CA ARG D 120 14.21 -19.20 26.67
C ARG D 120 15.33 -18.93 27.67
N ILE D 121 15.15 -19.40 28.89
CA ILE D 121 16.09 -19.17 29.99
C ILE D 121 16.56 -20.51 30.50
N THR D 122 17.85 -20.79 30.36
CA THR D 122 18.45 -21.99 30.91
C THR D 122 18.84 -21.76 32.37
N GLU D 123 18.85 -22.85 33.14
CA GLU D 123 19.08 -22.76 34.58
C GLU D 123 20.38 -22.06 34.93
N ASP D 124 21.38 -22.13 34.05
CA ASP D 124 22.66 -21.47 34.32
C ASP D 124 22.66 -20.00 33.93
N GLY D 125 21.52 -19.44 33.56
CA GLY D 125 21.43 -18.04 33.21
C GLY D 125 21.64 -17.71 31.75
N THR D 126 21.67 -18.70 30.87
CA THR D 126 21.79 -18.43 29.44
C THR D 126 20.43 -18.08 28.87
N LEU D 127 20.42 -17.09 27.97
CA LEU D 127 19.20 -16.56 27.39
C LEU D 127 19.28 -16.69 25.89
N LEU D 128 18.26 -17.32 25.31
CA LEU D 128 18.04 -17.35 23.87
C LEU D 128 16.81 -16.51 23.55
N TYR D 129 16.97 -15.56 22.65
CA TYR D 129 15.95 -14.57 22.35
C TYR D 129 15.88 -14.43 20.85
N THR D 130 14.81 -14.90 20.24
CA THR D 130 14.70 -14.85 18.78
C THR D 130 13.43 -14.12 18.37
N MET D 131 13.53 -13.39 17.26
CA MET D 131 12.40 -12.60 16.77
C MET D 131 12.26 -12.76 15.27
N ARG D 132 11.03 -12.62 14.79
CA ARG D 132 10.74 -12.73 13.37
C ARG D 132 10.63 -11.32 12.79
N LEU D 133 11.48 -11.03 11.80
CA LEU D 133 11.60 -9.68 11.27
C LEU D 133 11.50 -9.71 9.75
N THR D 134 11.08 -8.57 9.20
CA THR D 134 11.16 -8.28 7.77
C THR D 134 12.07 -7.06 7.63
N VAL D 135 13.30 -7.28 7.20
CA VAL D 135 14.32 -6.24 7.12
C VAL D 135 14.38 -5.74 5.69
N ARG D 136 14.16 -4.45 5.52
CA ARG D 136 14.39 -3.77 4.25
C ARG D 136 15.69 -3.00 4.37
N ALA D 137 16.62 -3.24 3.45
CA ALA D 137 17.97 -2.75 3.62
C ALA D 137 18.51 -2.17 2.32
N GLU D 138 19.38 -1.18 2.45
CA GLU D 138 19.98 -0.50 1.32
C GLU D 138 20.97 -1.41 0.61
N CYS D 139 20.95 -1.36 -0.72
CA CYS D 139 21.93 -2.05 -1.56
C CYS D 139 22.32 -1.11 -2.68
N PRO D 140 23.39 -0.33 -2.50
CA PRO D 140 23.83 0.58 -3.56
C PRO D 140 24.40 -0.16 -4.76
N MET D 141 23.69 -0.11 -5.88
CA MET D 141 24.04 -0.88 -7.07
C MET D 141 24.69 0.03 -8.11
N HIS D 142 25.80 -0.43 -8.66
CA HIS D 142 26.46 0.25 -9.79
C HIS D 142 25.96 -0.42 -11.05
N LEU D 143 25.04 0.23 -11.75
CA LEU D 143 24.37 -0.39 -12.89
C LEU D 143 25.07 -0.08 -14.21
N GLU D 144 26.39 -0.25 -14.25
CA GLU D 144 27.11 0.05 -15.50
C GLU D 144 27.04 -1.10 -16.49
N ASP D 145 26.86 -2.32 -16.01
CA ASP D 145 26.75 -3.50 -16.87
C ASP D 145 25.32 -4.02 -16.96
N PHE D 146 24.34 -3.17 -16.69
CA PHE D 146 22.94 -3.59 -16.80
C PHE D 146 22.63 -3.97 -18.24
N PRO D 147 21.90 -5.07 -18.48
CA PRO D 147 21.32 -5.99 -17.50
C PRO D 147 22.14 -7.25 -17.21
N MET D 148 23.45 -7.17 -17.37
CA MET D 148 24.35 -8.30 -17.11
C MET D 148 25.22 -8.02 -15.89
N ASP D 149 24.63 -7.39 -14.88
CA ASP D 149 25.33 -6.93 -13.69
C ASP D 149 25.15 -7.92 -12.54
N ALA D 150 26.01 -7.79 -11.55
CA ALA D 150 25.96 -8.60 -10.34
C ALA D 150 26.30 -7.72 -9.15
N HIS D 151 25.70 -8.03 -8.01
CA HIS D 151 25.82 -7.17 -6.84
C HIS D 151 26.06 -8.00 -5.60
N ALA D 152 26.54 -7.34 -4.56
CA ALA D 152 26.67 -7.90 -3.22
C ALA D 152 25.89 -6.99 -2.29
N CYS D 153 24.70 -7.42 -1.90
CA CYS D 153 23.85 -6.61 -1.04
C CYS D 153 24.21 -6.86 0.43
N PRO D 154 24.55 -5.83 1.19
CA PRO D 154 24.98 -6.03 2.57
C PRO D 154 23.84 -5.96 3.58
N LEU D 155 24.10 -6.53 4.74
CA LEU D 155 23.24 -6.41 5.91
C LEU D 155 24.16 -6.24 7.10
N LYS D 156 24.14 -5.06 7.71
CA LYS D 156 25.03 -4.74 8.82
C LYS D 156 24.19 -4.46 10.05
N PHE D 157 24.54 -5.10 11.17
CA PHE D 157 23.84 -4.86 12.41
C PHE D 157 24.84 -4.69 13.54
N GLY D 158 24.33 -4.18 14.65
CA GLY D 158 25.15 -3.99 15.82
C GLY D 158 24.40 -3.21 16.87
N SER D 159 25.07 -3.01 18.00
CA SER D 159 24.45 -2.28 19.09
C SER D 159 24.41 -0.78 18.79
N TYR D 160 23.40 -0.11 19.34
CA TYR D 160 23.27 1.33 19.20
C TYR D 160 23.86 2.11 20.36
N ALA D 161 23.63 1.67 21.59
CA ALA D 161 24.03 2.42 22.76
C ALA D 161 25.35 1.94 23.37
N TYR D 162 25.79 0.73 23.06
CA TYR D 162 26.91 0.10 23.74
C TYR D 162 28.11 0.02 22.81
N THR D 163 29.23 0.62 23.23
CA THR D 163 30.48 0.46 22.52
C THR D 163 31.03 -0.95 22.73
N ARG D 164 32.15 -1.23 22.08
CA ARG D 164 32.74 -2.57 22.13
C ARG D 164 33.25 -2.93 23.53
N ALA D 165 33.55 -1.94 24.37
CA ALA D 165 33.99 -2.21 25.72
C ALA D 165 32.86 -2.69 26.62
N GLU D 166 31.63 -2.67 26.13
CA GLU D 166 30.47 -3.10 26.88
C GLU D 166 29.75 -4.29 26.26
N VAL D 167 29.57 -4.27 24.94
CA VAL D 167 28.83 -5.32 24.23
C VAL D 167 29.57 -5.63 22.94
N VAL D 168 29.89 -6.91 22.74
CA VAL D 168 30.46 -7.39 21.50
C VAL D 168 29.52 -8.44 20.92
N TYR D 169 29.60 -8.62 19.61
CA TYR D 169 28.79 -9.60 18.90
C TYR D 169 29.68 -10.63 18.25
N GLU D 170 29.24 -11.89 18.29
CA GLU D 170 29.97 -12.99 17.68
C GLU D 170 28.98 -13.94 17.04
N TRP D 171 29.42 -14.62 15.99
CA TRP D 171 28.57 -15.63 15.36
C TRP D 171 28.47 -16.85 16.24
N THR D 172 27.25 -17.40 16.36
CA THR D 172 27.02 -18.46 17.34
C THR D 172 27.63 -19.78 16.88
N ARG D 173 27.71 -20.02 15.59
CA ARG D 173 28.37 -21.17 14.98
C ARG D 173 29.55 -20.66 14.16
N GLU D 174 30.23 -21.58 13.48
CA GLU D 174 31.24 -21.20 12.51
C GLU D 174 30.70 -20.07 11.62
N PRO D 175 31.46 -19.00 11.42
CA PRO D 175 30.95 -17.88 10.62
C PRO D 175 30.38 -18.30 9.27
N ALA D 176 30.90 -19.35 8.66
CA ALA D 176 30.39 -19.81 7.37
C ALA D 176 29.06 -20.55 7.49
N ARG D 177 28.65 -20.94 8.70
CA ARG D 177 27.41 -21.67 8.91
C ARG D 177 26.40 -20.88 9.73
N SER D 178 26.64 -19.60 9.97
CA SER D 178 25.82 -18.84 10.92
C SER D 178 24.64 -18.13 10.27
N VAL D 179 24.74 -17.72 9.01
CA VAL D 179 23.63 -17.16 8.27
C VAL D 179 23.14 -18.22 7.29
N VAL D 180 21.95 -18.76 7.54
CA VAL D 180 21.46 -19.91 6.81
C VAL D 180 20.20 -19.52 6.05
N VAL D 181 20.18 -19.83 4.76
CA VAL D 181 19.05 -19.50 3.89
C VAL D 181 18.25 -20.76 3.61
N ALA D 182 16.96 -20.69 3.88
CA ALA D 182 16.07 -21.82 3.57
C ALA D 182 16.05 -22.06 2.07
N GLU D 183 15.99 -23.34 1.69
CA GLU D 183 16.02 -23.70 0.27
C GLU D 183 14.74 -23.25 -0.46
N ASP D 184 13.63 -23.13 0.26
CA ASP D 184 12.37 -22.75 -0.34
C ASP D 184 12.16 -21.24 -0.37
N GLY D 185 12.98 -20.47 0.32
CA GLY D 185 12.72 -19.05 0.49
C GLY D 185 13.34 -18.15 -0.56
N SER D 186 12.86 -18.23 -1.79
CA SER D 186 13.30 -17.35 -2.87
C SER D 186 12.09 -16.61 -3.39
N ARG D 187 11.95 -15.35 -2.99
CA ARG D 187 10.98 -14.45 -3.60
C ARG D 187 11.63 -13.54 -4.64
N LEU D 188 12.74 -13.96 -5.22
CA LEU D 188 13.40 -13.21 -6.27
C LEU D 188 12.77 -13.51 -7.62
N ASN D 189 12.65 -12.48 -8.46
CA ASN D 189 12.11 -12.64 -9.79
C ASN D 189 13.15 -12.46 -10.89
N GLN D 190 13.95 -11.41 -10.83
CA GLN D 190 14.96 -11.16 -11.85
C GLN D 190 16.39 -11.29 -11.30
N TYR D 191 16.57 -12.07 -10.24
CA TYR D 191 17.89 -12.28 -9.67
C TYR D 191 18.05 -13.73 -9.24
N ASP D 192 19.31 -14.12 -9.03
CA ASP D 192 19.68 -15.39 -8.44
C ASP D 192 20.56 -15.14 -7.24
N LEU D 193 20.28 -15.81 -6.13
CA LEU D 193 21.10 -15.72 -4.93
C LEU D 193 22.24 -16.72 -5.06
N LEU D 194 23.43 -16.23 -5.39
CA LEU D 194 24.59 -17.11 -5.57
C LEU D 194 25.07 -17.68 -4.24
N GLY D 195 25.09 -16.85 -3.19
CA GLY D 195 25.58 -17.29 -1.90
C GLY D 195 25.69 -16.13 -0.94
N GLN D 196 26.29 -16.41 0.22
CA GLN D 196 26.48 -15.40 1.25
C GLN D 196 27.88 -15.49 1.82
N THR D 197 28.34 -14.37 2.34
CA THR D 197 29.56 -14.30 3.13
C THR D 197 29.27 -13.49 4.39
N VAL D 198 30.07 -13.69 5.44
CA VAL D 198 29.93 -12.92 6.66
C VAL D 198 31.26 -12.27 7.01
N ASP D 199 31.20 -11.30 7.90
CA ASP D 199 32.40 -10.66 8.44
C ASP D 199 32.04 -9.92 9.72
N SER D 200 33.07 -9.51 10.45
CA SER D 200 32.93 -8.79 11.70
C SER D 200 34.00 -7.71 11.77
N GLY D 201 33.65 -6.57 12.34
CA GLY D 201 34.58 -5.47 12.37
C GLY D 201 34.18 -4.41 13.36
N ILE D 202 34.86 -3.26 13.27
CA ILE D 202 34.70 -2.16 14.21
C ILE D 202 34.49 -0.88 13.42
N VAL D 203 33.42 -0.15 13.74
CA VAL D 203 33.21 1.19 13.23
C VAL D 203 33.54 2.19 14.33
N GLN D 204 33.81 3.42 13.93
CA GLN D 204 34.16 4.49 14.87
C GLN D 204 33.25 5.68 14.61
N SER D 205 32.55 6.12 15.65
CA SER D 205 31.74 7.31 15.61
C SER D 205 32.17 8.25 16.72
N SER D 206 31.59 9.45 16.73
CA SER D 206 31.89 10.42 17.76
C SER D 206 31.53 9.91 19.16
N THR D 207 30.76 8.85 19.26
CA THR D 207 30.39 8.29 20.55
C THR D 207 31.22 7.07 20.95
N GLY D 208 32.13 6.61 20.08
CA GLY D 208 33.04 5.56 20.46
C GLY D 208 33.22 4.55 19.35
N GLU D 209 33.75 3.39 19.70
CA GLU D 209 33.99 2.30 18.76
C GLU D 209 32.95 1.21 18.98
N TYR D 210 32.38 0.71 17.89
CA TYR D 210 31.26 -0.21 17.95
C TYR D 210 31.54 -1.45 17.10
N VAL D 211 31.18 -2.61 17.64
CA VAL D 211 31.25 -3.85 16.87
C VAL D 211 30.13 -3.86 15.83
N VAL D 212 30.46 -4.24 14.61
CA VAL D 212 29.50 -4.33 13.52
C VAL D 212 29.64 -5.69 12.85
N MET D 213 28.50 -6.35 12.64
CA MET D 213 28.47 -7.65 11.98
C MET D 213 27.86 -7.48 10.60
N THR D 214 28.48 -8.11 9.59
CA THR D 214 28.12 -7.88 8.20
C THR D 214 27.84 -9.20 7.51
N THR D 215 26.82 -9.20 6.67
CA THR D 215 26.54 -10.29 5.73
C THR D 215 26.47 -9.69 4.34
N HIS D 216 26.97 -10.42 3.35
CA HIS D 216 26.83 -10.05 1.95
C HIS D 216 26.10 -11.17 1.21
N PHE D 217 24.99 -10.82 0.58
CA PHE D 217 24.23 -11.72 -0.27
C PHE D 217 24.57 -11.41 -1.72
N HIS D 218 25.08 -12.39 -2.45
CA HIS D 218 25.58 -12.18 -3.80
C HIS D 218 24.48 -12.51 -4.82
N LEU D 219 24.10 -11.52 -5.60
CA LEU D 219 23.00 -11.63 -6.55
C LEU D 219 23.52 -11.45 -7.97
N LYS D 220 22.93 -12.20 -8.90
CA LYS D 220 23.26 -12.12 -10.32
C LYS D 220 21.98 -11.91 -11.09
N ARG D 221 21.86 -10.78 -11.77
CA ARG D 221 20.66 -10.48 -12.53
C ARG D 221 20.47 -11.46 -13.68
N LYS D 222 19.24 -11.92 -13.86
CA LYS D 222 18.89 -12.80 -14.97
C LYS D 222 18.42 -11.97 -16.16
N ILE D 223 18.87 -12.35 -17.35
CA ILE D 223 18.74 -11.49 -18.54
C ILE D 223 17.50 -11.78 -19.36
N GLY D 224 16.71 -12.80 -19.01
CA GLY D 224 15.62 -13.24 -19.87
C GLY D 224 14.60 -12.15 -20.16
N TYR D 225 14.21 -11.38 -19.14
CA TYR D 225 13.18 -10.36 -19.35
C TYR D 225 13.63 -9.33 -20.37
N PHE D 226 14.91 -8.92 -20.31
CA PHE D 226 15.39 -7.88 -21.19
C PHE D 226 15.74 -8.39 -22.58
N VAL D 227 16.01 -9.69 -22.73
CA VAL D 227 16.12 -10.28 -24.06
C VAL D 227 14.74 -10.36 -24.71
N ILE D 228 13.75 -10.84 -23.97
CA ILE D 228 12.40 -10.97 -24.52
C ILE D 228 11.82 -9.61 -24.84
N GLN D 229 12.02 -8.63 -23.97
CA GLN D 229 11.32 -7.36 -24.07
C GLN D 229 12.08 -6.30 -24.84
N THR D 230 13.42 -6.31 -24.81
CA THR D 230 14.20 -5.25 -25.42
C THR D 230 15.08 -5.72 -26.57
N TYR D 231 15.93 -6.72 -26.36
CA TYR D 231 16.95 -7.04 -27.34
C TYR D 231 16.35 -7.63 -28.62
N LEU D 232 15.37 -8.50 -28.50
CA LEU D 232 14.77 -9.11 -29.69
C LEU D 232 14.00 -8.08 -30.52
N PRO D 233 13.19 -7.18 -29.92
CA PRO D 233 12.57 -6.14 -30.75
C PRO D 233 13.57 -5.23 -31.44
N CYS D 234 14.67 -4.86 -30.78
CA CYS D 234 15.67 -4.02 -31.43
C CYS D 234 16.35 -4.76 -32.58
N ILE D 235 16.71 -6.02 -32.37
CA ILE D 235 17.36 -6.78 -33.43
C ILE D 235 16.42 -6.95 -34.62
N MET D 236 15.13 -7.21 -34.36
CA MET D 236 14.20 -7.37 -35.47
C MET D 236 13.92 -6.04 -36.16
N THR D 237 13.96 -4.92 -35.43
CA THR D 237 13.82 -3.62 -36.07
C THR D 237 15.00 -3.32 -36.97
N VAL D 238 16.21 -3.72 -36.55
CA VAL D 238 17.37 -3.56 -37.43
C VAL D 238 17.23 -4.43 -38.67
N ILE D 239 16.77 -5.68 -38.50
CA ILE D 239 16.58 -6.56 -39.65
C ILE D 239 15.54 -6.01 -40.60
N LEU D 240 14.47 -5.43 -40.05
CA LEU D 240 13.45 -4.81 -40.89
C LEU D 240 14.01 -3.60 -41.63
N SER D 241 14.86 -2.82 -40.96
CA SER D 241 15.52 -1.70 -41.63
C SER D 241 16.37 -2.17 -42.79
N GLN D 242 17.03 -3.33 -42.63
CA GLN D 242 17.87 -3.85 -43.70
C GLN D 242 17.08 -4.52 -44.82
N VAL D 243 15.87 -4.99 -44.54
CA VAL D 243 15.01 -5.53 -45.60
C VAL D 243 14.78 -4.52 -46.71
N SER D 244 14.84 -3.23 -46.38
CA SER D 244 14.54 -2.17 -47.34
C SER D 244 15.50 -2.14 -48.52
N PHE D 245 16.67 -2.77 -48.40
CA PHE D 245 17.65 -2.76 -49.48
C PHE D 245 17.27 -3.69 -50.63
N TRP D 246 16.23 -4.51 -50.47
CA TRP D 246 15.81 -5.48 -51.47
C TRP D 246 14.53 -5.03 -52.17
N LEU D 247 14.28 -3.74 -52.19
CA LEU D 247 13.12 -3.16 -52.86
C LEU D 247 13.55 -2.40 -54.10
N ASN D 248 12.60 -2.20 -55.01
CA ASN D 248 12.91 -1.50 -56.25
C ASN D 248 13.24 -0.04 -55.97
N ARG D 249 14.24 0.48 -56.70
CA ARG D 249 14.70 1.85 -56.48
C ARG D 249 13.63 2.88 -56.81
N GLU D 250 12.61 2.51 -57.60
CA GLU D 250 11.51 3.41 -57.88
C GLU D 250 10.48 3.47 -56.78
N SER D 251 10.59 2.60 -55.77
CA SER D 251 9.65 2.58 -54.64
C SER D 251 10.12 3.56 -53.56
N VAL D 252 10.14 4.83 -53.96
CA VAL D 252 10.65 5.89 -53.07
C VAL D 252 9.73 6.06 -51.87
N PRO D 253 8.40 6.15 -52.04
CA PRO D 253 7.55 6.19 -50.83
C PRO D 253 7.68 4.96 -49.95
N ALA D 254 7.78 3.77 -50.55
CA ALA D 254 7.88 2.54 -49.76
C ALA D 254 9.13 2.54 -48.90
N ARG D 255 10.28 2.89 -49.48
CA ARG D 255 11.52 2.87 -48.73
C ARG D 255 11.59 4.05 -47.75
N THR D 256 10.96 5.18 -48.08
CA THR D 256 10.87 6.26 -47.11
C THR D 256 10.06 5.83 -45.88
N VAL D 257 8.94 5.14 -46.11
CA VAL D 257 8.16 4.58 -45.01
C VAL D 257 9.01 3.62 -44.19
N PHE D 258 9.66 2.68 -44.86
CA PHE D 258 10.55 1.74 -44.17
C PHE D 258 11.52 2.47 -43.25
N GLY D 259 12.29 3.39 -43.82
CA GLY D 259 13.31 4.09 -43.04
C GLY D 259 12.73 4.82 -41.85
N VAL D 260 11.72 5.67 -42.09
CA VAL D 260 11.27 6.54 -41.01
C VAL D 260 10.51 5.75 -39.95
N THR D 261 9.77 4.71 -40.35
CA THR D 261 9.05 3.92 -39.36
C THR D 261 10.01 3.10 -38.52
N THR D 262 11.09 2.59 -39.10
CA THR D 262 12.06 1.86 -38.29
C THR D 262 12.81 2.80 -37.35
N VAL D 263 13.15 4.01 -37.81
CA VAL D 263 13.83 4.95 -36.92
C VAL D 263 12.91 5.34 -35.75
N LEU D 264 11.63 5.58 -36.04
CA LEU D 264 10.70 5.91 -34.96
C LEU D 264 10.45 4.74 -34.04
N THR D 265 10.44 3.52 -34.56
CA THR D 265 10.32 2.34 -33.71
C THR D 265 11.54 2.20 -32.79
N MET D 266 12.73 2.51 -33.31
CA MET D 266 13.91 2.49 -32.46
C MET D 266 13.81 3.54 -31.36
N THR D 267 13.29 4.73 -31.69
CA THR D 267 13.11 5.75 -30.67
C THR D 267 12.10 5.29 -29.61
N THR D 268 10.99 4.72 -30.05
CA THR D 268 9.98 4.21 -29.11
C THR D 268 10.58 3.14 -28.20
N LEU D 269 11.35 2.21 -28.76
CA LEU D 269 11.94 1.15 -27.96
C LEU D 269 12.95 1.70 -26.98
N SER D 270 13.76 2.68 -27.38
CA SER D 270 14.68 3.31 -26.44
C SER D 270 13.94 4.00 -25.30
N ILE D 271 12.87 4.72 -25.62
CA ILE D 271 12.13 5.44 -24.58
C ILE D 271 11.48 4.46 -23.62
N SER D 272 10.93 3.36 -24.14
CA SER D 272 10.29 2.38 -23.27
C SER D 272 11.29 1.55 -22.49
N ALA D 273 12.50 1.34 -23.02
CA ALA D 273 13.51 0.59 -22.29
C ALA D 273 14.21 1.42 -21.23
N ARG D 274 14.22 2.75 -21.38
CA ARG D 274 14.79 3.60 -20.36
C ARG D 274 13.95 3.61 -19.08
N ASN D 275 12.78 2.97 -19.07
CA ASN D 275 11.92 2.94 -17.90
C ASN D 275 12.11 1.69 -17.05
N SER D 276 12.68 0.62 -17.62
CA SER D 276 12.97 -0.56 -16.82
C SER D 276 14.04 -0.27 -15.76
N LEU D 277 14.88 0.71 -16.00
CA LEU D 277 15.95 1.11 -15.11
C LEU D 277 15.49 2.19 -14.16
N PRO D 278 16.22 2.40 -13.07
CA PRO D 278 16.14 3.69 -12.37
C PRO D 278 16.70 4.79 -13.24
N LYS D 279 16.54 6.03 -12.77
CA LYS D 279 17.00 7.19 -13.53
C LYS D 279 18.46 7.51 -13.22
N VAL D 280 19.32 6.53 -13.50
CA VAL D 280 20.76 6.73 -13.33
C VAL D 280 21.26 7.75 -14.33
N ALA D 281 22.43 8.31 -14.04
CA ALA D 281 23.01 9.39 -14.83
C ALA D 281 24.07 8.92 -15.80
N TYR D 282 24.28 7.61 -15.92
CA TYR D 282 25.29 7.05 -16.81
C TYR D 282 24.62 6.07 -17.75
N ALA D 283 25.36 5.68 -18.79
CA ALA D 283 24.86 4.75 -19.78
C ALA D 283 25.19 3.31 -19.39
N THR D 284 24.29 2.40 -19.72
CA THR D 284 24.42 0.99 -19.43
C THR D 284 24.67 0.21 -20.71
N ALA D 285 25.00 -1.08 -20.56
CA ALA D 285 25.23 -1.93 -21.71
C ALA D 285 24.02 -1.95 -22.64
N MET D 286 22.81 -1.99 -22.05
CA MET D 286 21.61 -1.95 -22.86
C MET D 286 21.51 -0.63 -23.63
N ASP D 287 21.90 0.48 -22.99
CA ASP D 287 21.90 1.77 -23.66
C ASP D 287 22.83 1.77 -24.86
N TRP D 288 24.04 1.23 -24.71
CA TRP D 288 24.98 1.18 -25.82
C TRP D 288 24.45 0.30 -26.95
N PHE D 289 23.84 -0.84 -26.60
CA PHE D 289 23.27 -1.70 -27.64
C PHE D 289 22.17 -0.99 -28.41
N ILE D 290 21.28 -0.29 -27.70
CA ILE D 290 20.21 0.42 -28.37
C ILE D 290 20.77 1.55 -29.23
N ALA D 291 21.82 2.21 -28.75
CA ALA D 291 22.45 3.27 -29.53
C ALA D 291 23.03 2.73 -30.83
N VAL D 292 23.68 1.58 -30.77
CA VAL D 292 24.27 1.00 -31.98
C VAL D 292 23.17 0.53 -32.94
N CYS D 293 22.08 -0.01 -32.40
CA CYS D 293 20.97 -0.40 -33.27
C CYS D 293 20.34 0.81 -33.94
N TYR D 294 20.17 1.91 -33.20
CA TYR D 294 19.68 3.14 -33.79
C TYR D 294 20.61 3.65 -34.87
N ALA D 295 21.93 3.54 -34.64
CA ALA D 295 22.89 3.93 -35.66
C ALA D 295 22.73 3.11 -36.92
N PHE D 296 22.50 1.80 -36.76
CA PHE D 296 22.31 0.95 -37.94
C PHE D 296 21.04 1.34 -38.71
N VAL D 297 19.94 1.57 -38.01
CA VAL D 297 18.69 1.93 -38.69
C VAL D 297 18.82 3.28 -39.40
N PHE D 298 19.43 4.25 -38.73
CA PHE D 298 19.62 5.57 -39.34
C PHE D 298 20.57 5.48 -40.54
N SER D 299 21.58 4.60 -40.46
CA SER D 299 22.47 4.41 -41.58
C SER D 299 21.75 3.81 -42.77
N ALA D 300 20.82 2.87 -42.52
CA ALA D 300 20.01 2.34 -43.61
C ALA D 300 19.20 3.44 -44.28
N LEU D 301 18.58 4.30 -43.48
CA LEU D 301 17.82 5.42 -44.07
C LEU D 301 18.73 6.34 -44.89
N ILE D 302 19.92 6.65 -44.37
CA ILE D 302 20.84 7.51 -45.10
C ILE D 302 21.29 6.85 -46.40
N GLU D 303 21.48 5.54 -46.37
CA GLU D 303 21.85 4.81 -47.58
C GLU D 303 20.75 4.90 -48.63
N PHE D 304 19.50 4.76 -48.22
CA PHE D 304 18.41 4.92 -49.18
C PHE D 304 18.38 6.34 -49.73
N ALA D 305 18.56 7.34 -48.87
CA ALA D 305 18.57 8.72 -49.34
C ALA D 305 19.67 8.94 -50.37
N THR D 306 20.84 8.33 -50.15
CA THR D 306 21.93 8.45 -51.11
C THR D 306 21.58 7.80 -52.44
N VAL D 307 21.09 6.55 -52.40
CA VAL D 307 20.82 5.85 -53.65
C VAL D 307 19.68 6.52 -54.40
N ASN D 308 18.75 7.17 -53.70
CA ASN D 308 17.75 7.96 -54.38
C ASN D 308 18.36 9.22 -54.99
N TYR D 309 19.32 9.82 -54.30
CA TYR D 309 20.03 10.98 -54.85
C TYR D 309 20.78 10.61 -56.12
N PHE D 310 21.21 9.36 -56.27
CA PHE D 310 22.01 8.98 -57.42
C PHE D 310 21.24 8.24 -58.50
N THR D 311 19.97 7.93 -58.29
CA THR D 311 19.17 7.38 -59.37
C THR D 311 18.84 8.45 -60.39
N LYS D 312 18.55 8.02 -61.61
CA LYS D 312 18.13 8.88 -62.72
C LYS D 312 19.24 9.85 -63.12
N SER D 313 20.39 9.77 -62.45
CA SER D 313 21.57 10.52 -62.82
C SER D 313 22.85 9.71 -62.79
N GLN D 314 22.90 8.63 -61.99
CA GLN D 314 24.03 7.70 -61.98
C GLN D 314 23.51 6.34 -61.53
N PRO D 315 22.69 5.68 -62.36
CA PRO D 315 22.02 4.45 -61.91
C PRO D 315 22.99 3.34 -61.53
N ALA D 316 24.13 3.24 -62.20
CA ALA D 316 25.09 2.20 -61.87
C ALA D 316 25.64 2.40 -60.46
N ARG D 317 25.89 3.65 -60.08
CA ARG D 317 26.39 3.92 -58.74
C ARG D 317 25.35 3.53 -57.69
N ALA D 318 24.09 3.85 -57.92
CA ALA D 318 23.02 3.48 -56.98
C ALA D 318 22.89 1.97 -56.88
N ALA D 319 22.98 1.27 -58.03
CA ALA D 319 22.88 -0.18 -58.00
C ALA D 319 24.05 -0.81 -57.23
N LYS D 320 25.26 -0.28 -57.43
CA LYS D 320 26.41 -0.79 -56.69
C LYS D 320 26.26 -0.53 -55.20
N ILE D 321 25.77 0.65 -54.82
CA ILE D 321 25.60 0.96 -53.41
C ILE D 321 24.58 0.04 -52.77
N ASP D 322 23.45 -0.21 -53.45
CA ASP D 322 22.46 -1.14 -52.94
C ASP D 322 23.05 -2.54 -52.78
N ARG D 323 23.75 -3.03 -53.80
CA ARG D 323 24.34 -4.36 -53.74
C ARG D 323 25.33 -4.48 -52.59
N LEU D 324 26.18 -3.46 -52.40
CA LEU D 324 27.16 -3.52 -51.33
C LEU D 324 26.50 -3.42 -49.96
N SER D 325 25.43 -2.63 -49.85
CA SER D 325 24.71 -2.52 -48.59
C SER D 325 24.09 -3.85 -48.19
N ARG D 326 23.46 -4.54 -49.15
CA ARG D 326 22.79 -5.81 -48.87
C ARG D 326 23.71 -6.81 -48.19
N ILE D 327 25.02 -6.68 -48.39
CA ILE D 327 25.99 -7.58 -47.78
C ILE D 327 26.62 -6.97 -46.53
N ALA D 328 26.97 -5.69 -46.58
CA ALA D 328 27.73 -5.09 -45.48
C ALA D 328 26.86 -4.92 -44.24
N PHE D 329 25.64 -4.39 -44.39
CA PHE D 329 24.82 -4.13 -43.21
C PHE D 329 24.56 -5.38 -42.37
N PRO D 330 24.05 -6.49 -42.93
CA PRO D 330 23.84 -7.68 -42.08
C PRO D 330 25.13 -8.26 -41.52
N LEU D 331 26.22 -8.25 -42.31
CA LEU D 331 27.48 -8.78 -41.82
C LEU D 331 28.00 -7.98 -40.64
N LEU D 332 27.99 -6.65 -40.77
CA LEU D 332 28.46 -5.80 -39.68
C LEU D 332 27.56 -5.90 -38.46
N PHE D 333 26.25 -6.07 -38.65
CA PHE D 333 25.37 -6.26 -37.50
C PHE D 333 25.69 -7.56 -36.78
N GLY D 334 25.95 -8.63 -37.53
CA GLY D 334 26.37 -9.88 -36.91
C GLY D 334 27.68 -9.75 -36.16
N ILE D 335 28.64 -9.04 -36.75
CA ILE D 335 29.93 -8.83 -36.09
C ILE D 335 29.74 -8.07 -34.78
N PHE D 336 28.98 -6.98 -34.82
CA PHE D 336 28.72 -6.21 -33.62
C PHE D 336 28.05 -7.06 -32.55
N ASN D 337 27.10 -7.90 -32.96
CA ASN D 337 26.42 -8.76 -31.98
C ASN D 337 27.40 -9.74 -31.34
N LEU D 338 28.22 -10.39 -32.15
CA LEU D 338 29.23 -11.30 -31.59
C LEU D 338 30.12 -10.58 -30.59
N VAL D 339 30.61 -9.40 -30.96
CA VAL D 339 31.54 -8.69 -30.08
C VAL D 339 30.84 -8.27 -28.78
N TYR D 340 29.64 -7.71 -28.89
CA TYR D 340 28.90 -7.27 -27.70
C TYR D 340 28.63 -8.44 -26.76
N TRP D 341 28.05 -9.52 -27.29
CA TRP D 341 27.64 -10.64 -26.45
C TRP D 341 28.82 -11.46 -25.96
N ALA D 342 29.98 -11.38 -26.61
CA ALA D 342 31.16 -12.00 -26.05
C ALA D 342 31.84 -11.10 -25.01
N THR D 343 31.67 -9.78 -25.14
CA THR D 343 32.25 -8.87 -24.18
C THR D 343 31.52 -8.92 -22.85
N TYR D 344 30.20 -8.78 -22.89
CA TYR D 344 29.44 -8.63 -21.64
C TYR D 344 29.00 -9.94 -21.02
N LEU D 345 29.05 -11.06 -21.75
CA LEU D 345 28.67 -12.34 -21.19
C LEU D 345 29.85 -13.14 -20.67
N ASN D 346 31.07 -12.57 -20.71
CA ASN D 346 32.24 -13.22 -20.16
C ASN D 346 32.91 -12.46 -19.03
N ARG D 347 32.48 -11.24 -18.75
CA ARG D 347 32.98 -10.50 -17.59
C ARG D 347 32.65 -11.24 -16.30
N GLY E 62 23.84 -3.64 41.69
CA GLY E 62 25.02 -3.12 42.34
C GLY E 62 24.84 -1.69 42.84
N ASP E 63 25.80 -0.83 42.52
CA ASP E 63 25.73 0.56 42.92
C ASP E 63 25.09 1.46 41.86
N VAL E 64 25.13 1.04 40.58
CA VAL E 64 24.46 1.82 39.54
C VAL E 64 22.97 1.86 39.78
N THR E 65 22.40 0.78 40.31
CA THR E 65 20.96 0.76 40.60
C THR E 65 20.59 1.81 41.63
N VAL E 66 21.38 1.93 42.70
CA VAL E 66 21.05 2.91 43.72
C VAL E 66 21.30 4.32 43.21
N ILE E 67 22.28 4.51 42.33
CA ILE E 67 22.48 5.82 41.71
C ILE E 67 21.27 6.21 40.89
N LEU E 68 20.80 5.29 40.04
CA LEU E 68 19.64 5.57 39.20
C LEU E 68 18.40 5.83 40.04
N ASN E 69 18.23 5.06 41.12
CA ASN E 69 17.08 5.29 42.00
C ASN E 69 17.16 6.65 42.68
N ASN E 70 18.35 7.06 43.11
CA ASN E 70 18.50 8.37 43.76
C ASN E 70 18.29 9.50 42.78
N LEU E 71 18.72 9.33 41.52
CA LEU E 71 18.55 10.40 40.54
C LEU E 71 17.09 10.65 40.23
N LEU E 72 16.25 9.63 40.27
CA LEU E 72 14.86 9.74 39.85
C LEU E 72 13.90 9.87 41.02
N GLU E 73 14.39 10.12 42.22
CA GLU E 73 13.52 10.32 43.38
C GLU E 73 13.19 11.80 43.51
N GLY E 74 11.89 12.11 43.55
CA GLY E 74 11.48 13.50 43.54
C GLY E 74 11.83 14.22 42.25
N TYR E 75 11.92 13.49 41.15
CA TYR E 75 12.27 14.06 39.86
C TYR E 75 10.99 14.26 39.05
N ASP E 76 10.72 15.50 38.67
CA ASP E 76 9.57 15.84 37.85
C ASP E 76 10.05 16.08 36.43
N ASN E 77 9.75 15.16 35.52
CA ASN E 77 10.16 15.31 34.13
C ASN E 77 9.26 16.27 33.35
N LYS E 78 8.28 16.88 34.01
CA LYS E 78 7.46 17.91 33.38
C LYS E 78 8.16 19.26 33.35
N LEU E 79 9.19 19.45 34.16
CA LEU E 79 9.87 20.73 34.29
C LEU E 79 11.26 20.64 33.69
N ARG E 80 11.61 21.57 32.81
CA ARG E 80 12.95 21.63 32.27
C ARG E 80 13.94 22.05 33.37
N PRO E 81 15.20 21.68 33.23
CA PRO E 81 16.20 22.14 34.20
C PRO E 81 16.36 23.65 34.14
N ASP E 82 16.47 24.27 35.31
CA ASP E 82 16.53 25.74 35.44
C ASP E 82 15.27 26.38 34.86
N ILE E 83 14.10 25.88 35.30
CA ILE E 83 12.86 26.24 34.64
C ILE E 83 12.49 27.70 34.90
N GLY E 84 12.85 28.25 36.05
CA GLY E 84 12.53 29.64 36.32
C GLY E 84 13.76 30.47 36.62
N VAL E 85 14.92 30.04 36.09
CA VAL E 85 16.19 30.67 36.41
C VAL E 85 16.85 31.20 35.16
N LYS E 86 17.15 30.32 34.21
CA LYS E 86 17.80 30.70 32.96
C LYS E 86 17.37 29.73 31.89
N PRO E 87 17.49 30.11 30.61
CA PRO E 87 17.14 29.18 29.53
C PRO E 87 18.04 27.96 29.50
N THR E 88 17.48 26.85 29.03
CA THR E 88 18.27 25.64 28.83
C THR E 88 19.06 25.73 27.54
N LEU E 89 20.37 25.51 27.63
CA LEU E 89 21.24 25.54 26.47
C LEU E 89 21.47 24.11 25.97
N ILE E 90 21.20 23.90 24.69
CA ILE E 90 21.23 22.56 24.10
C ILE E 90 22.15 22.58 22.89
N HIS E 91 23.24 21.83 22.97
CA HIS E 91 24.16 21.69 21.86
C HIS E 91 23.73 20.53 20.97
N THR E 92 23.70 20.77 19.66
CA THR E 92 23.15 19.81 18.71
C THR E 92 24.22 19.35 17.73
N ASP E 93 24.21 18.06 17.43
CA ASP E 93 25.06 17.46 16.41
C ASP E 93 24.20 16.62 15.48
N MET E 94 24.66 16.50 14.24
CA MET E 94 24.01 15.67 13.25
C MET E 94 25.05 14.86 12.51
N TYR E 95 24.76 13.57 12.33
CA TYR E 95 25.51 12.73 11.41
C TYR E 95 24.57 12.29 10.30
N VAL E 96 24.94 12.55 9.06
CA VAL E 96 24.09 12.27 7.91
C VAL E 96 24.49 10.92 7.34
N ASN E 97 23.65 9.90 7.54
CA ASN E 97 23.91 8.59 6.98
C ASN E 97 23.66 8.57 5.48
N SER E 98 22.65 9.30 5.03
CA SER E 98 22.27 9.32 3.64
C SER E 98 21.32 10.46 3.35
N ILE E 99 21.57 11.21 2.28
CA ILE E 99 20.57 12.11 1.72
C ILE E 99 19.88 11.33 0.60
N GLY E 100 18.64 10.95 0.85
CA GLY E 100 17.94 10.01 0.00
C GLY E 100 17.49 10.64 -1.29
N PRO E 101 16.47 10.05 -1.89
CA PRO E 101 16.00 10.56 -3.19
C PRO E 101 15.40 11.94 -3.06
N VAL E 102 15.54 12.72 -4.14
CA VAL E 102 14.95 14.04 -4.24
C VAL E 102 13.73 13.91 -5.14
N ASN E 103 12.54 14.01 -4.55
CA ASN E 103 11.30 13.95 -5.32
C ASN E 103 10.96 15.37 -5.75
N ALA E 104 11.03 15.63 -7.05
CA ALA E 104 10.80 16.96 -7.58
C ALA E 104 9.34 17.24 -7.87
N ILE E 105 8.48 16.22 -7.88
CA ILE E 105 7.06 16.47 -8.11
C ILE E 105 6.34 16.79 -6.80
N ASN E 106 6.84 16.29 -5.67
CA ASN E 106 6.26 16.55 -4.37
C ASN E 106 7.08 17.55 -3.57
N MET E 107 8.18 18.05 -4.12
CA MET E 107 9.01 19.08 -3.50
C MET E 107 9.50 18.64 -2.13
N GLU E 108 10.31 17.58 -2.12
CA GLU E 108 10.78 16.99 -0.89
C GLU E 108 12.02 16.16 -1.15
N TYR E 109 12.78 15.94 -0.09
CA TYR E 109 13.95 15.06 -0.13
C TYR E 109 13.98 14.24 1.16
N THR E 110 14.46 13.01 1.04
CA THR E 110 14.61 12.12 2.18
C THR E 110 16.02 12.22 2.73
N ILE E 111 16.15 12.12 4.05
CA ILE E 111 17.46 12.17 4.70
C ILE E 111 17.41 11.33 5.97
N ASP E 112 18.46 10.53 6.18
CA ASP E 112 18.60 9.72 7.38
C ASP E 112 19.76 10.28 8.21
N ILE E 113 19.52 10.48 9.51
CA ILE E 113 20.51 11.09 10.38
C ILE E 113 20.56 10.40 11.72
N PHE E 114 21.68 10.61 12.42
CA PHE E 114 21.79 10.45 13.85
C PHE E 114 21.78 11.83 14.47
N PHE E 115 20.77 12.11 15.29
CA PHE E 115 20.56 13.41 15.90
C PHE E 115 21.00 13.34 17.35
N ALA E 116 21.92 14.21 17.75
CA ALA E 116 22.49 14.20 19.09
C ALA E 116 22.24 15.53 19.77
N GLN E 117 21.78 15.48 21.02
CA GLN E 117 21.48 16.68 21.80
C GLN E 117 22.17 16.55 23.15
N THR E 118 22.78 17.65 23.60
CA THR E 118 23.49 17.66 24.87
C THR E 118 23.03 18.86 25.67
N TRP E 119 22.82 18.64 26.97
CA TRP E 119 22.44 19.74 27.85
C TRP E 119 22.88 19.41 29.27
N TYR E 120 22.54 20.28 30.21
CA TYR E 120 22.85 20.08 31.63
C TYR E 120 21.57 20.04 32.44
N ASP E 121 21.44 19.01 33.26
CA ASP E 121 20.34 18.86 34.21
C ASP E 121 20.98 18.58 35.57
N ARG E 122 21.02 19.58 36.44
CA ARG E 122 21.69 19.41 37.72
C ARG E 122 20.88 18.57 38.70
N ARG E 123 19.64 18.24 38.39
CA ARG E 123 18.94 17.22 39.17
C ARG E 123 19.55 15.84 38.96
N LEU E 124 20.19 15.64 37.81
CA LEU E 124 20.81 14.35 37.46
C LEU E 124 22.26 14.27 37.91
N LYS E 125 22.76 15.29 38.60
CA LYS E 125 24.12 15.25 39.13
C LYS E 125 24.22 14.16 40.19
N PHE E 126 25.36 13.45 40.19
CA PHE E 126 25.58 12.41 41.18
C PHE E 126 27.07 12.30 41.47
N ASN E 127 27.38 11.99 42.72
CA ASN E 127 28.75 11.83 43.20
C ASN E 127 29.01 10.34 43.40
N SER E 128 29.87 9.78 42.57
CA SER E 128 30.21 8.37 42.67
C SER E 128 31.60 8.15 42.11
N THR E 129 32.11 6.93 42.30
CA THR E 129 33.33 6.54 41.61
C THR E 129 33.13 6.38 40.11
N ILE E 130 31.89 6.28 39.67
CA ILE E 130 31.55 6.15 38.26
C ILE E 130 31.42 7.54 37.66
N LYS E 131 31.96 7.70 36.46
CA LYS E 131 31.99 9.01 35.81
C LYS E 131 30.88 9.21 34.79
N VAL E 132 30.37 8.14 34.19
CA VAL E 132 29.35 8.26 33.17
C VAL E 132 28.48 7.00 33.18
N LEU E 133 27.18 7.19 33.28
CA LEU E 133 26.21 6.13 33.12
C LEU E 133 25.77 6.05 31.66
N ARG E 134 25.87 4.86 31.08
CA ARG E 134 25.59 4.63 29.67
C ARG E 134 24.36 3.74 29.57
N LEU E 135 23.24 4.32 29.14
CA LEU E 135 21.94 3.69 29.17
C LEU E 135 21.33 3.63 27.77
N ASN E 136 20.41 2.69 27.60
CA ASN E 136 19.63 2.53 26.39
C ASN E 136 18.37 3.40 26.50
N SER E 137 17.38 3.14 25.64
CA SER E 137 16.14 3.91 25.63
C SER E 137 15.35 3.82 26.93
N ASN E 138 15.66 2.86 27.81
CA ASN E 138 14.77 2.53 28.91
C ASN E 138 14.46 3.72 29.81
N MET E 139 15.38 4.69 29.91
CA MET E 139 15.19 5.83 30.79
C MET E 139 14.89 7.13 30.04
N VAL E 140 14.85 7.11 28.70
CA VAL E 140 14.57 8.33 27.96
C VAL E 140 13.27 8.97 28.41
N GLY E 141 12.23 8.16 28.59
CA GLY E 141 10.95 8.64 29.03
C GLY E 141 10.82 8.97 30.50
N LYS E 142 11.89 8.86 31.28
CA LYS E 142 11.83 9.13 32.71
C LYS E 142 12.46 10.45 33.10
N ILE E 143 13.34 11.02 32.28
CA ILE E 143 13.93 12.31 32.55
C ILE E 143 13.32 13.34 31.62
N TRP E 144 13.64 14.61 31.85
CA TRP E 144 13.20 15.66 30.96
C TRP E 144 13.95 15.57 29.63
N ILE E 145 13.22 15.64 28.53
CA ILE E 145 13.80 15.58 27.19
C ILE E 145 13.29 16.79 26.43
N PRO E 146 14.15 17.51 25.69
CA PRO E 146 13.68 18.68 24.95
C PRO E 146 12.79 18.29 23.77
N ASP E 147 11.77 19.10 23.53
CA ASP E 147 10.77 18.83 22.50
C ASP E 147 11.20 19.35 21.13
N THR E 148 12.39 18.95 20.71
CA THR E 148 12.91 19.33 19.41
C THR E 148 12.10 18.67 18.30
N PHE E 149 11.72 19.46 17.30
CA PHE E 149 11.03 18.97 16.13
C PHE E 149 11.58 19.67 14.91
N PHE E 150 11.32 19.10 13.75
CA PHE E 150 11.84 19.61 12.49
C PHE E 150 10.72 20.36 11.77
N ARG E 151 11.01 21.61 11.41
CA ARG E 151 9.96 22.54 11.01
C ARG E 151 9.50 22.33 9.57
N ASN E 152 10.34 21.79 8.70
CA ASN E 152 9.99 21.60 7.29
C ASN E 152 9.84 20.13 6.94
N SER E 153 9.57 19.27 7.91
CA SER E 153 9.36 17.85 7.64
C SER E 153 7.90 17.62 7.29
N LYS E 154 7.66 17.05 6.12
CA LYS E 154 6.33 16.57 5.79
C LYS E 154 5.97 15.36 6.62
N LYS E 155 6.95 14.49 6.88
CA LYS E 155 6.80 13.36 7.77
C LYS E 155 8.18 12.90 8.20
N ALA E 156 8.25 12.36 9.42
CA ALA E 156 9.50 11.85 9.95
C ALA E 156 9.17 10.75 10.94
N ASP E 157 10.08 9.80 11.08
CA ASP E 157 9.86 8.72 12.03
C ASP E 157 11.18 8.32 12.67
N ALA E 158 11.07 7.86 13.91
CA ALA E 158 12.19 7.24 14.60
C ALA E 158 12.29 5.77 14.21
N HIS E 159 13.33 5.11 14.69
CA HIS E 159 13.59 3.72 14.36
C HIS E 159 13.37 2.84 15.58
N TRP E 160 12.78 1.68 15.37
CA TRP E 160 12.33 0.82 16.47
C TRP E 160 12.73 -0.63 16.30
N ILE E 161 13.60 -0.94 15.34
CA ILE E 161 14.04 -2.30 15.07
C ILE E 161 15.52 -2.41 15.41
N THR E 162 15.89 -3.34 16.27
CA THR E 162 14.95 -4.26 16.91
C THR E 162 14.37 -3.66 18.18
N THR E 163 15.00 -2.61 18.65
CA THR E 163 14.55 -1.81 19.78
C THR E 163 14.63 -0.36 19.36
N PRO E 164 14.02 0.55 20.13
CA PRO E 164 14.18 1.98 19.83
C PRO E 164 15.63 2.40 19.69
N ASN E 165 16.01 2.85 18.49
CA ASN E 165 17.37 3.25 18.20
C ASN E 165 17.66 4.56 18.92
N ARG E 166 17.87 4.45 20.23
CA ARG E 166 18.10 5.61 21.07
C ARG E 166 19.17 5.29 22.10
N MET E 167 19.90 6.33 22.51
CA MET E 167 21.02 6.18 23.43
C MET E 167 21.03 7.36 24.39
N LEU E 168 21.29 7.09 25.67
CA LEU E 168 21.38 8.12 26.67
C LEU E 168 22.67 7.95 27.45
N ARG E 169 23.32 9.05 27.80
CA ARG E 169 24.50 9.02 28.63
C ARG E 169 24.46 10.20 29.59
N ILE E 170 24.85 9.95 30.84
CA ILE E 170 24.76 10.94 31.90
C ILE E 170 26.10 10.98 32.64
N TRP E 171 26.74 12.14 32.65
CA TRP E 171 27.98 12.31 33.39
C TRP E 171 27.69 12.84 34.80
N ASN E 172 28.65 12.66 35.69
CA ASN E 172 28.44 12.93 37.10
C ASN E 172 28.15 14.41 37.38
N ASP E 173 28.51 15.31 36.48
CA ASP E 173 28.21 16.72 36.65
C ASP E 173 26.81 17.10 36.20
N GLY E 174 25.99 16.13 35.79
CA GLY E 174 24.65 16.40 35.33
C GLY E 174 24.52 16.60 33.84
N ARG E 175 25.57 16.38 33.08
CA ARG E 175 25.52 16.55 31.64
C ARG E 175 24.86 15.34 30.98
N VAL E 176 23.90 15.61 30.10
CA VAL E 176 23.08 14.59 29.48
C VAL E 176 23.30 14.64 27.98
N LEU E 177 23.58 13.48 27.39
CA LEU E 177 23.71 13.30 25.94
C LEU E 177 22.66 12.32 25.47
N TYR E 178 21.80 12.75 24.55
CA TYR E 178 20.68 11.96 24.05
C TYR E 178 20.77 11.88 22.53
N THR E 179 20.87 10.68 21.99
CA THR E 179 21.01 10.48 20.56
C THR E 179 19.92 9.55 20.07
N LEU E 180 19.45 9.81 18.85
CA LEU E 180 18.48 8.91 18.23
C LEU E 180 18.59 8.98 16.72
N ARG E 181 18.23 7.87 16.08
CA ARG E 181 18.26 7.77 14.62
C ARG E 181 16.91 8.21 14.05
N LEU E 182 16.96 9.07 13.03
CA LEU E 182 15.77 9.63 12.41
C LEU E 182 15.82 9.48 10.90
N THR E 183 14.65 9.30 10.30
CA THR E 183 14.48 9.37 8.86
C THR E 183 13.41 10.41 8.57
N ILE E 184 13.76 11.41 7.77
CA ILE E 184 12.94 12.61 7.59
C ILE E 184 12.69 12.82 6.11
N ASP E 185 11.43 13.05 5.75
CA ASP E 185 11.06 13.62 4.46
C ASP E 185 10.87 15.11 4.68
N ALA E 186 11.73 15.92 4.09
CA ALA E 186 11.75 17.36 4.33
C ALA E 186 11.43 18.10 3.04
N GLU E 187 10.58 19.11 3.15
CA GLU E 187 10.18 19.87 1.97
C GLU E 187 11.31 20.77 1.49
N CYS E 188 11.47 20.84 0.17
CA CYS E 188 12.50 21.67 -0.47
C CYS E 188 11.83 22.32 -1.67
N GLN E 189 11.47 23.60 -1.53
CA GLN E 189 10.82 24.32 -2.62
C GLN E 189 11.83 24.60 -3.73
N LEU E 190 11.68 23.92 -4.85
CA LEU E 190 12.64 23.97 -5.94
C LEU E 190 12.22 25.00 -6.97
N GLN E 191 13.16 25.86 -7.37
CA GLN E 191 12.97 26.79 -8.47
C GLN E 191 13.54 26.11 -9.72
N LEU E 192 12.66 25.52 -10.52
CA LEU E 192 13.06 24.66 -11.61
C LEU E 192 13.32 25.42 -12.91
N HIS E 193 13.49 26.73 -12.85
CA HIS E 193 14.15 27.42 -13.94
C HIS E 193 15.56 26.85 -14.08
N ASN E 194 16.03 26.74 -15.32
CA ASN E 194 17.34 26.19 -15.69
C ASN E 194 17.37 24.68 -15.60
N PHE E 195 16.26 24.01 -15.25
CA PHE E 195 16.23 22.57 -15.34
C PHE E 195 16.49 22.14 -16.78
N PRO E 196 17.35 21.14 -17.01
CA PRO E 196 17.97 20.26 -16.03
C PRO E 196 19.34 20.68 -15.52
N MET E 197 19.77 21.92 -15.77
CA MET E 197 20.99 22.44 -15.18
C MET E 197 20.68 23.30 -13.96
N ASP E 198 19.98 22.70 -13.00
CA ASP E 198 19.45 23.43 -11.86
C ASP E 198 20.13 22.99 -10.58
N GLU E 199 20.51 23.96 -9.75
CA GLU E 199 21.17 23.74 -8.48
C GLU E 199 20.30 24.30 -7.36
N HIS E 200 20.25 23.60 -6.23
CA HIS E 200 19.35 23.97 -5.15
C HIS E 200 20.07 23.87 -3.82
N SER E 201 19.53 24.60 -2.84
CA SER E 201 19.92 24.50 -1.44
C SER E 201 18.72 23.98 -0.67
N CYS E 202 18.77 22.73 -0.27
CA CYS E 202 17.64 22.17 0.47
C CYS E 202 17.86 22.32 1.96
N PRO E 203 16.90 22.86 2.69
CA PRO E 203 17.08 23.08 4.13
C PRO E 203 16.55 21.95 4.99
N LEU E 204 17.06 21.92 6.21
CA LEU E 204 16.55 21.09 7.29
C LEU E 204 16.53 21.97 8.53
N GLU E 205 15.34 22.34 8.97
CA GLU E 205 15.15 23.30 10.04
C GLU E 205 14.54 22.61 11.25
N PHE E 206 15.10 22.85 12.43
CA PHE E 206 14.50 22.33 13.65
C PHE E 206 14.52 23.40 14.73
N SER E 207 13.62 23.23 15.68
CA SER E 207 13.50 24.11 16.83
C SER E 207 12.67 23.39 17.89
N SER E 208 12.51 24.02 19.04
CA SER E 208 11.63 23.46 20.05
C SER E 208 10.18 23.84 19.76
N TYR E 209 9.27 22.94 20.09
CA TYR E 209 7.86 23.21 19.78
C TYR E 209 7.25 24.20 20.76
N GLY E 210 7.53 24.05 22.06
CA GLY E 210 6.83 24.83 23.05
C GLY E 210 7.66 25.73 23.94
N TYR E 211 8.97 25.70 23.81
CA TYR E 211 9.82 26.54 24.65
C TYR E 211 10.42 27.66 23.83
N PRO E 212 10.04 28.92 24.06
CA PRO E 212 10.65 30.03 23.33
C PRO E 212 12.10 30.31 23.75
N ARG E 213 12.72 31.30 23.10
CA ARG E 213 14.13 31.59 23.32
C ARG E 213 14.46 31.84 24.79
N GLU E 214 13.51 32.35 25.56
CA GLU E 214 13.75 32.56 26.99
C GLU E 214 13.90 31.27 27.76
N GLU E 215 13.55 30.12 27.17
CA GLU E 215 13.56 28.85 27.88
C GLU E 215 14.48 27.80 27.26
N ILE E 216 14.64 27.77 25.95
CA ILE E 216 15.53 26.81 25.30
C ILE E 216 16.31 27.54 24.22
N VAL E 217 17.63 27.36 24.22
CA VAL E 217 18.51 27.90 23.20
C VAL E 217 19.32 26.74 22.62
N TYR E 218 19.37 26.65 21.30
CA TYR E 218 20.16 25.64 20.62
C TYR E 218 21.46 26.27 20.12
N GLN E 219 22.48 25.44 20.01
CA GLN E 219 23.79 25.92 19.58
C GLN E 219 24.53 24.80 18.86
N TRP E 220 25.04 25.09 17.66
CA TRP E 220 25.88 24.16 16.95
C TRP E 220 27.25 24.08 17.61
N LYS E 221 27.79 22.87 17.69
CA LYS E 221 29.19 22.71 18.04
C LYS E 221 30.07 23.00 16.83
N ARG E 222 31.37 23.10 17.07
CA ARG E 222 32.31 23.24 15.96
C ARG E 222 32.21 22.05 15.01
N SER E 223 32.31 20.85 15.56
CA SER E 223 32.12 19.62 14.79
C SER E 223 30.66 19.20 14.91
N SER E 224 29.81 19.82 14.08
CA SER E 224 28.36 19.71 14.25
C SER E 224 27.71 18.77 13.24
N VAL E 225 27.87 19.02 11.95
CA VAL E 225 27.21 18.23 10.90
C VAL E 225 28.28 17.46 10.15
N GLU E 226 28.21 16.14 10.21
CA GLU E 226 29.20 15.27 9.57
C GLU E 226 28.52 14.36 8.56
N VAL E 227 29.02 14.37 7.33
CA VAL E 227 28.53 13.45 6.32
C VAL E 227 29.55 12.34 6.15
N GLY E 228 29.10 11.21 5.60
CA GLY E 228 29.95 10.07 5.41
C GLY E 228 30.62 10.00 4.05
N ASP E 229 30.60 8.81 3.44
CA ASP E 229 31.29 8.62 2.16
C ASP E 229 30.62 9.37 1.03
N THR E 230 29.28 9.48 1.05
CA THR E 230 28.43 10.14 0.08
C THR E 230 28.27 9.33 -1.20
N ARG E 231 29.01 8.22 -1.37
CA ARG E 231 28.90 7.42 -2.58
C ARG E 231 27.80 6.37 -2.49
N SER E 232 27.47 5.90 -1.29
CA SER E 232 26.39 4.95 -1.11
C SER E 232 25.03 5.63 -0.97
N TRP E 233 24.97 6.95 -1.11
CA TRP E 233 23.70 7.66 -0.98
C TRP E 233 22.79 7.37 -2.17
N ARG E 234 21.54 7.78 -2.04
CA ARG E 234 20.53 7.54 -3.06
C ARG E 234 20.30 8.74 -3.98
N LEU E 235 21.34 9.54 -4.22
CA LEU E 235 21.24 10.68 -5.11
C LEU E 235 21.60 10.22 -6.52
N TYR E 236 20.58 9.98 -7.35
CA TYR E 236 20.80 9.60 -8.74
C TYR E 236 20.87 10.81 -9.65
N GLN E 237 19.87 11.68 -9.58
CA GLN E 237 19.82 12.85 -10.44
C GLN E 237 20.61 14.02 -9.91
N PHE E 238 21.10 13.96 -8.67
CA PHE E 238 21.78 15.07 -8.04
C PHE E 238 23.12 14.62 -7.47
N SER E 239 24.02 15.59 -7.34
CA SER E 239 25.29 15.39 -6.67
C SER E 239 25.40 16.35 -5.50
N PHE E 240 25.93 15.86 -4.39
CA PHE E 240 26.08 16.63 -3.17
C PHE E 240 27.30 17.54 -3.30
N VAL E 241 27.08 18.85 -3.18
CA VAL E 241 28.15 19.83 -3.32
C VAL E 241 28.76 20.10 -1.96
N GLY E 242 27.96 20.60 -1.04
CA GLY E 242 28.44 20.92 0.30
C GLY E 242 27.27 21.31 1.18
N LEU E 243 27.58 21.67 2.42
CA LEU E 243 26.57 22.05 3.39
C LEU E 243 27.07 23.19 4.24
N ARG E 244 26.11 23.92 4.84
CA ARG E 244 26.42 24.93 5.84
C ARG E 244 25.36 24.88 6.93
N ASN E 245 25.64 25.54 8.06
CA ASN E 245 24.71 25.62 9.16
C ASN E 245 24.39 27.08 9.47
N THR E 246 23.20 27.32 10.01
CA THR E 246 22.78 28.65 10.41
C THR E 246 21.92 28.55 11.67
N THR E 247 21.77 29.67 12.36
CA THR E 247 20.88 29.78 13.50
C THR E 247 20.21 31.15 13.45
N GLU E 248 18.89 31.18 13.66
CA GLU E 248 18.10 32.39 13.58
C GLU E 248 17.08 32.39 14.72
N VAL E 249 16.30 33.46 14.79
CA VAL E 249 15.19 33.57 15.74
C VAL E 249 13.93 33.86 14.94
N VAL E 250 12.99 32.93 14.93
CA VAL E 250 11.73 33.10 14.21
C VAL E 250 10.65 33.53 15.20
N LYS E 251 9.81 34.46 14.77
CA LYS E 251 8.66 34.88 15.57
C LYS E 251 7.42 34.16 15.08
N THR E 252 6.73 33.49 15.99
CA THR E 252 5.52 32.76 15.65
C THR E 252 4.36 33.29 16.50
N THR E 253 3.23 32.62 16.40
CA THR E 253 2.05 33.04 17.15
C THR E 253 2.19 32.81 18.65
N SER E 254 3.13 31.97 19.08
CA SER E 254 3.27 31.63 20.48
C SER E 254 4.57 32.13 21.10
N GLY E 255 5.42 32.82 20.36
CA GLY E 255 6.62 33.39 20.93
C GLY E 255 7.72 33.50 19.88
N ASP E 256 8.93 33.76 20.38
CA ASP E 256 10.14 33.83 19.57
C ASP E 256 10.99 32.61 19.88
N TYR E 257 11.39 31.88 18.84
CA TYR E 257 12.03 30.59 18.97
C TYR E 257 13.37 30.57 18.24
N VAL E 258 14.38 30.00 18.89
CA VAL E 258 15.66 29.74 18.23
C VAL E 258 15.48 28.62 17.23
N VAL E 259 15.87 28.86 15.98
CA VAL E 259 15.66 27.92 14.88
C VAL E 259 17.01 27.62 14.24
N MET E 260 17.36 26.34 14.23
CA MET E 260 18.62 25.89 13.63
C MET E 260 18.34 25.34 12.23
N SER E 261 19.26 25.60 11.31
CA SER E 261 19.09 25.18 9.94
C SER E 261 20.38 24.55 9.42
N VAL E 262 20.24 23.49 8.64
CA VAL E 262 21.32 22.95 7.82
C VAL E 262 20.90 23.09 6.37
N TYR E 263 21.83 23.55 5.53
CA TYR E 263 21.57 23.72 4.11
C TYR E 263 22.47 22.76 3.35
N PHE E 264 21.87 21.87 2.57
CA PHE E 264 22.58 20.91 1.73
C PHE E 264 22.51 21.39 0.29
N ASP E 265 23.65 21.55 -0.35
CA ASP E 265 23.72 22.02 -1.74
C ASP E 265 23.71 20.82 -2.67
N LEU E 266 22.76 20.81 -3.60
CA LEU E 266 22.58 19.69 -4.52
C LEU E 266 22.52 20.22 -5.95
N SER E 267 23.37 19.70 -6.82
CA SER E 267 23.41 20.13 -8.21
C SER E 267 22.98 18.98 -9.11
N ARG E 268 22.03 19.22 -10.01
CA ARG E 268 21.47 18.15 -10.81
C ARG E 268 22.51 17.61 -11.79
N ARG E 269 22.51 16.29 -11.97
CA ARG E 269 23.43 15.62 -12.87
C ARG E 269 22.81 15.56 -14.26
N MET E 270 23.53 16.08 -15.26
CA MET E 270 23.04 16.16 -16.62
C MET E 270 23.49 14.94 -17.43
N GLY E 271 23.16 13.76 -16.92
CA GLY E 271 23.51 12.53 -17.60
C GLY E 271 22.31 11.69 -17.94
N TYR E 272 21.25 11.81 -17.15
CA TYR E 272 20.03 11.07 -17.44
C TYR E 272 19.18 11.78 -18.47
N PHE E 273 18.99 13.09 -18.29
CA PHE E 273 18.16 13.84 -19.21
C PHE E 273 18.83 14.02 -20.57
N THR E 274 20.16 13.96 -20.62
CA THR E 274 20.84 13.87 -21.90
C THR E 274 20.31 12.68 -22.70
N ILE E 275 20.55 11.47 -22.18
CA ILE E 275 20.15 10.24 -22.85
C ILE E 275 18.64 10.19 -23.08
N GLN E 276 17.86 10.78 -22.18
CA GLN E 276 16.41 10.64 -22.29
C GLN E 276 15.78 11.64 -23.26
N THR E 277 16.32 12.85 -23.36
CA THR E 277 15.62 13.86 -24.13
C THR E 277 16.50 14.53 -25.18
N TYR E 278 17.77 14.80 -24.88
CA TYR E 278 18.54 15.68 -25.75
C TYR E 278 19.03 14.95 -27.00
N ILE E 279 19.58 13.76 -26.82
CA ILE E 279 19.97 12.95 -27.98
C ILE E 279 18.75 12.55 -28.81
N PRO E 280 17.63 12.09 -28.23
CA PRO E 280 16.45 11.80 -29.07
C PRO E 280 15.96 12.98 -29.89
N CYS E 281 15.82 14.16 -29.28
CA CYS E 281 15.33 15.32 -30.02
C CYS E 281 16.29 15.73 -31.11
N THR E 282 17.60 15.71 -30.83
CA THR E 282 18.59 16.06 -31.84
C THR E 282 18.55 15.07 -33.00
N LEU E 283 18.41 13.78 -32.70
CA LEU E 283 18.34 12.78 -33.76
C LEU E 283 17.07 12.94 -34.58
N ILE E 284 15.96 13.33 -33.96
CA ILE E 284 14.74 13.55 -34.72
C ILE E 284 14.89 14.78 -35.63
N VAL E 285 15.63 15.80 -35.18
CA VAL E 285 15.88 16.96 -36.04
C VAL E 285 16.74 16.55 -37.24
N VAL E 286 17.77 15.73 -37.01
CA VAL E 286 18.60 15.28 -38.13
C VAL E 286 17.79 14.42 -39.09
N LEU E 287 16.91 13.57 -38.55
CA LEU E 287 16.02 12.78 -39.40
C LEU E 287 15.14 13.68 -40.26
N SER E 288 14.69 14.81 -39.70
CA SER E 288 13.95 15.76 -40.51
C SER E 288 14.84 16.33 -41.62
N TRP E 289 16.09 16.65 -41.30
CA TRP E 289 17.01 17.16 -42.32
C TRP E 289 17.18 16.19 -43.48
N VAL E 290 17.11 14.89 -43.20
CA VAL E 290 17.29 13.86 -44.23
C VAL E 290 16.33 14.09 -45.40
N SER E 291 15.21 14.78 -45.15
CA SER E 291 14.22 15.02 -46.19
C SER E 291 14.72 15.91 -47.31
N PHE E 292 15.79 16.66 -47.10
CA PHE E 292 16.26 17.61 -48.10
C PHE E 292 17.04 16.96 -49.23
N TRP E 293 17.45 15.70 -49.08
CA TRP E 293 18.15 14.98 -50.13
C TRP E 293 17.25 13.98 -50.84
N ILE E 294 15.95 14.03 -50.60
CA ILE E 294 14.97 13.18 -51.27
C ILE E 294 14.41 13.95 -52.45
N ASN E 295 14.15 13.25 -53.55
CA ASN E 295 13.74 13.92 -54.79
C ASN E 295 12.40 14.61 -54.60
N LYS E 296 12.35 15.89 -54.99
CA LYS E 296 11.21 16.74 -54.67
C LYS E 296 9.91 16.26 -55.32
N ASP E 297 10.00 15.45 -56.37
CA ASP E 297 8.80 14.96 -57.04
C ASP E 297 8.03 13.95 -56.18
N ALA E 298 8.70 13.29 -55.25
CA ALA E 298 8.08 12.24 -54.43
C ALA E 298 7.38 12.90 -53.24
N VAL E 299 6.17 13.40 -53.52
CA VAL E 299 5.42 14.13 -52.49
C VAL E 299 5.12 13.28 -51.27
N PRO E 300 4.56 12.06 -51.39
CA PRO E 300 4.20 11.31 -50.18
C PRO E 300 5.40 10.96 -49.31
N ALA E 301 6.56 10.69 -49.91
CA ALA E 301 7.75 10.36 -49.13
C ALA E 301 8.12 11.51 -48.18
N ARG E 302 8.31 12.70 -48.74
CA ARG E 302 8.76 13.82 -47.92
C ARG E 302 7.68 14.30 -46.96
N THR E 303 6.41 14.27 -47.39
CA THR E 303 5.35 14.67 -46.47
C THR E 303 5.22 13.67 -45.32
N SER E 304 5.43 12.38 -45.59
CA SER E 304 5.42 11.38 -44.54
C SER E 304 6.55 11.60 -43.55
N LEU E 305 7.76 11.83 -44.06
CA LEU E 305 8.89 12.14 -43.18
C LEU E 305 8.55 13.34 -42.29
N GLY E 306 8.01 14.40 -42.89
CA GLY E 306 7.68 15.59 -42.13
C GLY E 306 6.67 15.33 -41.03
N ILE E 307 5.55 14.69 -41.36
CA ILE E 307 4.49 14.50 -40.38
C ILE E 307 4.95 13.56 -39.27
N THR E 308 5.70 12.50 -39.61
CA THR E 308 6.18 11.61 -38.57
C THR E 308 7.15 12.31 -37.64
N THR E 309 8.04 13.14 -38.20
CA THR E 309 8.99 13.88 -37.37
C THR E 309 8.25 14.82 -36.42
N VAL E 310 7.22 15.50 -36.91
CA VAL E 310 6.47 16.41 -36.04
C VAL E 310 5.74 15.65 -34.94
N LEU E 311 5.11 14.53 -35.28
CA LEU E 311 4.36 13.78 -34.28
C LEU E 311 5.29 13.18 -33.21
N THR E 312 6.45 12.66 -33.61
CA THR E 312 7.36 12.13 -32.61
C THR E 312 7.98 13.25 -31.78
N MET E 313 8.14 14.46 -32.34
CA MET E 313 8.58 15.57 -31.51
C MET E 313 7.54 15.93 -30.47
N THR E 314 6.26 15.86 -30.82
CA THR E 314 5.20 16.08 -29.83
C THR E 314 5.28 15.04 -28.72
N THR E 315 5.41 13.76 -29.10
CA THR E 315 5.52 12.70 -28.09
C THR E 315 6.74 12.91 -27.20
N LEU E 316 7.86 13.35 -27.77
CA LEU E 316 9.07 13.60 -26.99
C LEU E 316 8.85 14.75 -26.02
N SER E 317 8.15 15.79 -26.46
CA SER E 317 7.82 16.91 -25.57
C SER E 317 7.02 16.43 -24.36
N THR E 318 5.99 15.62 -24.61
CA THR E 318 5.18 15.11 -23.51
C THR E 318 6.02 14.24 -22.56
N ILE E 319 6.83 13.35 -23.13
CA ILE E 319 7.66 12.46 -22.31
C ILE E 319 8.64 13.27 -21.47
N ALA E 320 9.23 14.31 -22.05
CA ALA E 320 10.18 15.13 -21.30
C ALA E 320 9.50 15.88 -20.18
N ARG E 321 8.30 16.41 -20.43
CA ARG E 321 7.59 17.14 -19.39
C ARG E 321 7.14 16.23 -18.26
N LYS E 322 6.87 14.96 -18.56
CA LYS E 322 6.40 14.03 -17.54
C LYS E 322 7.30 13.97 -16.30
N SER E 323 8.55 14.42 -16.41
CA SER E 323 9.45 14.36 -15.26
C SER E 323 9.19 15.50 -14.29
N LEU E 324 9.00 16.71 -14.80
CA LEU E 324 8.84 17.88 -13.96
C LEU E 324 7.47 17.92 -13.30
N PRO E 325 7.35 18.63 -12.19
CA PRO E 325 6.02 18.97 -11.67
C PRO E 325 5.33 19.94 -12.61
N LYS E 326 4.01 20.04 -12.45
CA LYS E 326 3.21 20.86 -13.35
C LYS E 326 3.40 22.34 -13.05
N VAL E 327 4.61 22.85 -13.29
CA VAL E 327 4.88 24.26 -13.10
C VAL E 327 4.37 25.05 -14.30
N SER E 328 4.18 26.36 -14.09
CA SER E 328 3.63 27.23 -15.11
C SER E 328 4.71 27.88 -15.97
N TYR E 329 5.88 28.16 -15.41
CA TYR E 329 6.93 28.85 -16.13
C TYR E 329 7.59 27.90 -17.13
N VAL E 330 8.52 28.44 -17.92
CA VAL E 330 9.24 27.68 -18.94
C VAL E 330 10.62 27.35 -18.41
N THR E 331 11.08 26.15 -18.72
CA THR E 331 12.38 25.66 -18.29
C THR E 331 13.29 25.48 -19.51
N ALA E 332 14.57 25.22 -19.23
CA ALA E 332 15.53 25.05 -20.31
C ALA E 332 15.17 23.87 -21.20
N MET E 333 14.67 22.78 -20.60
CA MET E 333 14.26 21.63 -21.39
C MET E 333 13.12 21.98 -22.34
N ASP E 334 12.13 22.75 -21.84
CA ASP E 334 11.06 23.19 -22.71
C ASP E 334 11.58 24.06 -23.84
N LEU E 335 12.56 24.91 -23.55
CA LEU E 335 13.18 25.73 -24.58
C LEU E 335 13.79 24.86 -25.67
N PHE E 336 14.61 23.88 -25.28
CA PHE E 336 15.28 23.03 -26.26
C PHE E 336 14.27 22.24 -27.09
N VAL E 337 13.26 21.66 -26.44
CA VAL E 337 12.28 20.85 -27.16
C VAL E 337 11.46 21.71 -28.11
N SER E 338 11.07 22.91 -27.66
CA SER E 338 10.31 23.80 -28.53
C SER E 338 11.12 24.24 -29.73
N VAL E 339 12.42 24.48 -29.55
CA VAL E 339 13.26 24.87 -30.67
C VAL E 339 13.41 23.72 -31.66
N CYS E 340 13.58 22.50 -31.15
CA CYS E 340 13.62 21.33 -32.04
C CYS E 340 12.32 21.20 -32.83
N PHE E 341 11.18 21.44 -32.17
CA PHE E 341 9.90 21.37 -32.85
C PHE E 341 9.79 22.43 -33.93
N ILE E 342 10.24 23.65 -33.63
CA ILE E 342 10.24 24.71 -34.64
C ILE E 342 11.10 24.28 -35.82
N PHE E 343 12.23 23.62 -35.56
CA PHE E 343 13.10 23.18 -36.64
C PHE E 343 12.39 22.16 -37.55
N VAL E 344 11.76 21.15 -36.96
CA VAL E 344 11.16 20.11 -37.80
C VAL E 344 9.95 20.66 -38.56
N PHE E 345 9.17 21.53 -37.91
CA PHE E 345 8.06 22.14 -38.61
C PHE E 345 8.53 23.08 -39.72
N SER E 346 9.67 23.74 -39.51
CA SER E 346 10.22 24.59 -40.56
C SER E 346 10.68 23.76 -41.75
N ALA E 347 11.19 22.55 -41.49
CA ALA E 347 11.54 21.66 -42.59
C ALA E 347 10.29 21.27 -43.39
N LEU E 348 9.22 20.89 -42.69
CA LEU E 348 8.00 20.51 -43.41
C LEU E 348 7.42 21.69 -44.18
N VAL E 349 7.46 22.89 -43.60
CA VAL E 349 6.94 24.07 -44.28
C VAL E 349 7.81 24.41 -45.48
N GLU E 350 9.13 24.22 -45.36
CA GLU E 350 10.01 24.44 -46.50
C GLU E 350 9.65 23.52 -47.65
N TYR E 351 9.36 22.24 -47.35
CA TYR E 351 8.97 21.35 -48.43
C TYR E 351 7.62 21.74 -49.02
N GLY E 352 6.67 22.15 -48.18
CA GLY E 352 5.40 22.61 -48.70
C GLY E 352 5.54 23.79 -49.64
N THR E 353 6.41 24.75 -49.28
CA THR E 353 6.63 25.90 -50.14
C THR E 353 7.35 25.49 -51.44
N LEU E 354 8.31 24.57 -51.33
CA LEU E 354 8.98 24.05 -52.52
C LEU E 354 7.99 23.42 -53.48
N HIS E 355 7.05 22.65 -52.95
CA HIS E 355 6.02 22.04 -53.79
C HIS E 355 5.08 23.09 -54.37
N TYR E 356 4.81 24.16 -53.62
CA TYR E 356 3.91 25.19 -54.12
C TYR E 356 4.54 25.99 -55.26
N PHE E 357 5.86 26.22 -55.19
CA PHE E 357 6.53 27.05 -56.18
C PHE E 357 7.02 26.28 -57.40
N VAL E 358 6.89 24.95 -57.40
CA VAL E 358 7.34 24.16 -58.55
C VAL E 358 6.41 24.28 -59.73
N SER E 359 5.24 24.90 -59.55
CA SER E 359 4.26 25.08 -60.62
C SER E 359 4.40 26.42 -61.33
N SER E 360 5.08 27.39 -60.73
CA SER E 360 5.17 28.73 -61.26
C SER E 360 6.60 29.13 -61.62
N GLN E 361 7.55 28.93 -60.71
CA GLN E 361 8.95 29.25 -60.96
C GLN E 361 9.80 28.12 -60.40
N PRO E 362 10.29 27.21 -61.26
CA PRO E 362 11.03 26.05 -60.73
C PRO E 362 12.37 26.42 -60.11
N ALA E 363 13.11 27.35 -60.71
CA ALA E 363 14.42 27.73 -60.18
C ALA E 363 14.33 28.17 -58.73
N ARG E 364 13.21 28.77 -58.34
CA ARG E 364 12.95 29.07 -56.94
C ARG E 364 13.15 27.83 -56.09
N ALA E 365 12.47 26.73 -56.43
CA ALA E 365 12.56 25.51 -55.65
C ALA E 365 13.94 24.85 -55.78
N ALA E 366 14.50 24.89 -56.99
CA ALA E 366 15.83 24.32 -57.22
C ALA E 366 16.86 24.94 -56.27
N LYS E 367 16.88 26.28 -56.19
CA LYS E 367 17.77 26.94 -55.26
C LYS E 367 17.34 26.75 -53.81
N MET E 368 16.03 26.65 -53.57
CA MET E 368 15.51 26.54 -52.21
C MET E 368 15.97 25.27 -51.54
N ASP E 369 16.06 24.18 -52.30
CA ASP E 369 16.50 22.92 -51.71
C ASP E 369 17.93 23.02 -51.17
N SER E 370 18.84 23.55 -51.99
CA SER E 370 20.22 23.72 -51.55
C SER E 370 20.32 24.73 -50.41
N TYR E 371 19.53 25.80 -50.47
CA TYR E 371 19.53 26.77 -49.39
C TYR E 371 19.12 26.13 -48.08
N ALA E 372 18.11 25.25 -48.10
CA ALA E 372 17.72 24.56 -46.88
C ALA E 372 18.80 23.61 -46.40
N ARG E 373 19.38 22.83 -47.33
CA ARG E 373 20.45 21.90 -46.97
C ARG E 373 21.61 22.60 -46.30
N ILE E 374 21.87 23.87 -46.66
CA ILE E 374 22.99 24.56 -46.03
C ILE E 374 22.55 25.35 -44.79
N PHE E 375 21.29 25.78 -44.71
CA PHE E 375 20.86 26.65 -43.63
C PHE E 375 20.39 25.90 -42.40
N PHE E 376 19.80 24.71 -42.55
CA PHE E 376 19.26 24.03 -41.37
C PHE E 376 20.35 23.52 -40.43
N PRO E 377 21.34 22.74 -40.88
CA PRO E 377 22.39 22.31 -39.94
C PRO E 377 23.18 23.46 -39.33
N THR E 378 23.47 24.50 -40.12
CA THR E 378 24.21 25.64 -39.60
C THR E 378 23.42 26.35 -38.50
N ALA E 379 22.14 26.60 -38.75
CA ALA E 379 21.30 27.26 -37.76
C ALA E 379 21.18 26.41 -36.50
N PHE E 380 21.07 25.09 -36.65
CA PHE E 380 20.95 24.24 -35.47
C PHE E 380 22.24 24.23 -34.66
N CYS E 381 23.39 24.19 -35.33
CA CYS E 381 24.66 24.22 -34.60
C CYS E 381 24.83 25.55 -33.87
N LEU E 382 24.43 26.65 -34.52
CA LEU E 382 24.54 27.95 -33.85
C LEU E 382 23.60 28.04 -32.66
N PHE E 383 22.38 27.52 -32.80
CA PHE E 383 21.47 27.47 -31.66
C PHE E 383 22.06 26.64 -30.53
N ASN E 384 22.69 25.52 -30.84
CA ASN E 384 23.29 24.70 -29.81
C ASN E 384 24.39 25.47 -29.08
N LEU E 385 25.24 26.16 -29.83
CA LEU E 385 26.29 26.95 -29.20
C LEU E 385 25.70 28.00 -28.27
N VAL E 386 24.75 28.80 -28.78
CA VAL E 386 24.14 29.84 -27.96
C VAL E 386 23.48 29.24 -26.72
N TYR E 387 22.70 28.17 -26.91
CA TYR E 387 21.93 27.57 -25.83
C TYR E 387 22.84 27.06 -24.71
N TRP E 388 23.89 26.33 -25.08
CA TRP E 388 24.73 25.73 -24.04
C TRP E 388 25.66 26.76 -23.39
N VAL E 389 26.24 27.67 -24.17
CA VAL E 389 27.04 28.73 -23.56
C VAL E 389 26.19 29.56 -22.61
N SER E 390 24.92 29.77 -22.94
CA SER E 390 24.04 30.52 -22.05
C SER E 390 23.75 29.73 -20.77
N TYR E 391 23.19 28.53 -20.92
CA TYR E 391 22.72 27.79 -19.75
C TYR E 391 23.83 27.19 -18.91
N LEU E 392 25.07 27.19 -19.39
CA LEU E 392 26.15 26.62 -18.58
C LEU E 392 26.84 27.68 -17.73
N TYR E 393 27.20 28.82 -18.32
CA TYR E 393 27.85 29.89 -17.56
C TYR E 393 26.82 30.86 -16.97
N LEU E 394 25.87 30.29 -16.23
CA LEU E 394 24.78 31.06 -15.63
C LEU E 394 24.33 30.43 -14.31
N ASN F 1 -48.60 6.60 1.48
CA ASN F 1 -48.08 5.52 2.32
C ASN F 1 -48.05 4.21 1.56
N ILE F 2 -47.45 3.19 2.16
CA ILE F 2 -47.38 1.88 1.55
C ILE F 2 -48.72 1.19 1.71
N VAL F 3 -49.25 0.66 0.60
CA VAL F 3 -50.54 -0.01 0.58
C VAL F 3 -50.32 -1.51 0.69
N MET F 4 -51.07 -2.16 1.56
CA MET F 4 -51.00 -3.60 1.75
C MET F 4 -52.29 -4.23 1.22
N THR F 5 -52.16 -5.03 0.18
CA THR F 5 -53.29 -5.72 -0.45
C THR F 5 -53.31 -7.16 0.05
N GLN F 6 -54.38 -7.54 0.72
CA GLN F 6 -54.51 -8.85 1.34
C GLN F 6 -55.49 -9.70 0.55
N SER F 7 -55.21 -11.00 0.46
CA SER F 7 -56.06 -11.91 -0.29
C SER F 7 -56.03 -13.29 0.37
N PRO F 8 -57.14 -14.03 0.32
CA PRO F 8 -58.42 -13.60 -0.26
C PRO F 8 -59.28 -12.78 0.70
N LYS F 9 -60.30 -12.11 0.15
CA LYS F 9 -61.22 -11.34 1.00
C LYS F 9 -61.94 -12.25 1.99
N SER F 10 -62.26 -13.47 1.59
CA SER F 10 -62.86 -14.44 2.49
C SER F 10 -62.43 -15.83 2.04
N MET F 11 -62.49 -16.77 2.99
CA MET F 11 -62.06 -18.13 2.70
C MET F 11 -62.75 -19.08 3.67
N SER F 12 -63.71 -19.86 3.16
CA SER F 12 -64.37 -20.90 3.93
C SER F 12 -63.64 -22.21 3.67
N MET F 13 -62.87 -22.68 4.66
CA MET F 13 -62.17 -23.95 4.57
C MET F 13 -62.32 -24.68 5.90
N SER F 14 -62.33 -26.01 5.82
CA SER F 14 -62.67 -26.85 6.96
C SER F 14 -61.41 -27.39 7.63
N VAL F 15 -61.62 -28.09 8.74
CA VAL F 15 -60.51 -28.53 9.59
C VAL F 15 -59.73 -29.64 8.88
N GLY F 16 -58.41 -29.50 8.86
CA GLY F 16 -57.54 -30.45 8.21
C GLY F 16 -57.00 -30.01 6.86
N GLU F 17 -57.50 -28.90 6.32
CA GLU F 17 -56.99 -28.37 5.08
C GLU F 17 -55.90 -27.34 5.35
N ARG F 18 -54.91 -27.29 4.47
CA ARG F 18 -53.86 -26.28 4.59
C ARG F 18 -54.35 -24.98 3.98
N VAL F 19 -54.18 -23.89 4.70
CA VAL F 19 -54.70 -22.58 4.33
C VAL F 19 -53.53 -21.65 4.07
N THR F 20 -53.64 -20.81 3.04
CA THR F 20 -52.63 -19.81 2.77
C THR F 20 -53.29 -18.46 2.59
N LEU F 21 -52.57 -17.42 2.99
CA LEU F 21 -53.01 -16.04 2.87
C LEU F 21 -51.88 -15.24 2.26
N SER F 22 -52.19 -14.47 1.22
CA SER F 22 -51.20 -13.67 0.52
C SER F 22 -51.34 -12.20 0.91
N CYS F 23 -50.21 -11.53 1.05
CA CYS F 23 -50.16 -10.10 1.31
C CYS F 23 -49.15 -9.50 0.34
N LYS F 24 -49.51 -8.39 -0.29
CA LYS F 24 -48.69 -7.73 -1.29
C LYS F 24 -48.47 -6.29 -0.87
N ALA F 25 -47.23 -5.83 -0.96
CA ALA F 25 -46.89 -4.44 -0.66
C ALA F 25 -46.70 -3.66 -1.95
N SER F 26 -47.14 -2.41 -1.94
CA SER F 26 -46.94 -1.55 -3.10
C SER F 26 -45.49 -1.08 -3.20
N GLU F 27 -44.83 -0.87 -2.07
CA GLU F 27 -43.44 -0.45 -2.02
C GLU F 27 -42.59 -1.57 -1.44
N TYR F 28 -41.31 -1.26 -1.24
CA TYR F 28 -40.40 -2.19 -0.60
C TYR F 28 -40.63 -2.20 0.90
N VAL F 29 -40.82 -3.38 1.48
CA VAL F 29 -40.86 -3.56 2.93
C VAL F 29 -40.02 -4.79 3.27
N GLY F 30 -38.79 -4.59 3.68
CA GLY F 30 -37.91 -5.75 3.79
C GLY F 30 -38.10 -6.50 5.08
N THR F 31 -38.89 -7.57 5.04
CA THR F 31 -39.13 -8.47 6.17
C THR F 31 -39.62 -7.71 7.40
N TYR F 32 -40.39 -6.63 7.21
CA TYR F 32 -40.97 -5.92 8.34
C TYR F 32 -42.48 -6.04 8.32
N VAL F 33 -42.98 -7.26 8.09
CA VAL F 33 -44.40 -7.52 7.90
C VAL F 33 -44.87 -8.49 8.98
N SER F 34 -45.83 -8.05 9.78
CA SER F 34 -46.42 -8.86 10.83
C SER F 34 -47.79 -9.39 10.41
N TRP F 35 -48.20 -10.46 11.08
CA TRP F 35 -49.50 -11.08 10.91
C TRP F 35 -50.17 -11.16 12.27
N TYR F 36 -51.39 -10.64 12.35
CA TYR F 36 -52.18 -10.58 13.58
C TYR F 36 -53.45 -11.39 13.41
N GLN F 37 -53.85 -12.06 14.49
CA GLN F 37 -55.07 -12.85 14.53
C GLN F 37 -56.07 -12.19 15.47
N GLN F 38 -57.23 -11.84 14.95
CA GLN F 38 -58.26 -11.18 15.74
C GLN F 38 -59.53 -12.04 15.77
N LYS F 39 -59.90 -12.49 16.95
CA LYS F 39 -61.17 -13.16 17.19
C LYS F 39 -62.23 -12.14 17.59
N PRO F 40 -63.51 -12.47 17.44
CA PRO F 40 -64.56 -11.47 17.72
C PRO F 40 -64.56 -11.04 19.18
N GLU F 41 -64.88 -9.76 19.39
CA GLU F 41 -64.92 -9.14 20.72
C GLU F 41 -63.56 -9.21 21.41
N GLN F 42 -62.49 -9.20 20.64
CA GLN F 42 -61.15 -9.28 21.20
C GLN F 42 -60.21 -8.37 20.43
N SER F 43 -59.09 -8.04 21.07
CA SER F 43 -58.02 -7.26 20.46
C SER F 43 -57.11 -8.17 19.65
N PRO F 44 -56.47 -7.63 18.61
CA PRO F 44 -55.61 -8.48 17.76
C PRO F 44 -54.43 -9.04 18.53
N LYS F 45 -53.98 -10.21 18.11
CA LYS F 45 -52.86 -10.90 18.73
C LYS F 45 -51.76 -11.12 17.70
N LEU F 46 -50.54 -10.73 18.05
CA LEU F 46 -49.42 -10.84 17.13
C LEU F 46 -49.07 -12.31 16.91
N LEU F 47 -49.37 -12.82 15.71
CA LEU F 47 -48.95 -14.17 15.35
C LEU F 47 -47.50 -14.20 14.89
N ILE F 48 -47.21 -13.44 13.83
CA ILE F 48 -45.93 -13.53 13.14
C ILE F 48 -45.32 -12.15 13.09
N TYR F 49 -44.04 -12.04 13.40
CA TYR F 49 -43.30 -10.79 13.26
C TYR F 49 -42.08 -11.04 12.39
N GLY F 50 -41.33 -9.97 12.13
CA GLY F 50 -40.31 -10.05 11.10
C GLY F 50 -41.03 -10.30 9.80
N ALA F 51 -40.75 -11.43 9.16
CA ALA F 51 -41.68 -12.03 8.22
C ALA F 51 -41.83 -13.52 8.42
N SER F 52 -40.83 -14.21 8.98
CA SER F 52 -40.92 -15.61 9.38
C SER F 52 -40.37 -15.71 10.80
N ASN F 53 -41.22 -15.40 11.78
CA ASN F 53 -40.80 -15.45 13.19
C ASN F 53 -42.08 -15.65 14.00
N ARG F 54 -42.31 -16.87 14.47
CA ARG F 54 -43.44 -17.13 15.33
C ARG F 54 -43.25 -16.45 16.69
N TYR F 55 -44.21 -15.63 17.08
CA TYR F 55 -44.18 -14.98 18.37
C TYR F 55 -44.23 -16.03 19.48
N THR F 56 -43.75 -15.65 20.66
CA THR F 56 -43.64 -16.61 21.77
C THR F 56 -45.03 -17.02 22.24
N GLY F 57 -45.35 -18.30 22.11
CA GLY F 57 -46.66 -18.83 22.44
C GLY F 57 -47.53 -19.15 21.25
N VAL F 58 -47.04 -18.94 20.03
CA VAL F 58 -47.80 -19.21 18.82
C VAL F 58 -47.60 -20.67 18.44
N PRO F 59 -48.65 -21.39 18.04
CA PRO F 59 -48.48 -22.79 17.62
C PRO F 59 -47.52 -22.90 16.45
N ASP F 60 -46.97 -24.11 16.29
CA ASP F 60 -46.02 -24.38 15.22
C ASP F 60 -46.69 -24.56 13.86
N ARG F 61 -48.02 -24.62 13.82
CA ARG F 61 -48.73 -24.78 12.56
C ARG F 61 -48.86 -23.47 11.78
N PHE F 62 -48.61 -22.33 12.41
CA PHE F 62 -48.55 -21.06 11.71
C PHE F 62 -47.14 -20.85 11.19
N THR F 63 -47.03 -20.46 9.91
CA THR F 63 -45.72 -20.26 9.30
C THR F 63 -45.77 -19.07 8.35
N GLY F 64 -44.93 -18.08 8.61
CA GLY F 64 -44.80 -16.93 7.73
C GLY F 64 -43.64 -17.10 6.78
N SER F 65 -43.79 -16.55 5.58
CA SER F 65 -42.74 -16.50 4.59
C SER F 65 -42.84 -15.16 3.88
N GLY F 66 -41.73 -14.68 3.33
CA GLY F 66 -41.81 -13.37 2.74
C GLY F 66 -40.60 -13.01 1.90
N SER F 67 -40.64 -11.77 1.42
CA SER F 67 -39.67 -11.22 0.49
C SER F 67 -39.72 -9.70 0.62
N ALA F 68 -39.23 -8.99 -0.40
CA ALA F 68 -39.30 -7.54 -0.38
C ALA F 68 -40.73 -7.03 -0.46
N THR F 69 -41.59 -7.70 -1.24
CA THR F 69 -42.93 -7.20 -1.49
C THR F 69 -44.05 -8.23 -1.40
N ASP F 70 -43.74 -9.52 -1.34
CA ASP F 70 -44.78 -10.55 -1.34
C ASP F 70 -44.62 -11.44 -0.12
N PHE F 71 -45.72 -11.71 0.57
CA PHE F 71 -45.67 -12.39 1.86
C PHE F 71 -46.81 -13.39 1.96
N THR F 72 -46.56 -14.47 2.69
CA THR F 72 -47.50 -15.58 2.80
C THR F 72 -47.60 -16.01 4.26
N LEU F 73 -48.83 -16.27 4.70
CA LEU F 73 -49.09 -16.90 5.99
C LEU F 73 -49.77 -18.23 5.74
N THR F 74 -49.20 -19.31 6.25
CA THR F 74 -49.74 -20.65 6.07
C THR F 74 -50.18 -21.22 7.41
N ILE F 75 -51.34 -21.86 7.40
CA ILE F 75 -51.91 -22.55 8.56
C ILE F 75 -52.17 -23.98 8.12
N GLY F 76 -51.29 -24.89 8.49
CA GLY F 76 -51.56 -26.30 8.30
C GLY F 76 -52.38 -26.83 9.46
N SER F 77 -53.37 -27.67 9.13
CA SER F 77 -54.28 -28.25 10.11
C SER F 77 -55.03 -27.16 10.86
N VAL F 78 -55.89 -26.44 10.13
CA VAL F 78 -56.68 -25.38 10.73
C VAL F 78 -57.63 -25.98 11.75
N GLN F 79 -57.54 -25.52 12.99
CA GLN F 79 -58.39 -26.01 14.06
C GLN F 79 -59.73 -25.27 14.05
N ALA F 80 -60.63 -25.67 14.93
CA ALA F 80 -61.92 -25.00 15.04
C ALA F 80 -61.78 -23.61 15.65
N GLU F 81 -60.74 -23.36 16.43
CA GLU F 81 -60.55 -22.08 17.09
C GLU F 81 -59.69 -21.12 16.28
N ASP F 82 -59.17 -21.55 15.14
CA ASP F 82 -58.50 -20.64 14.22
C ASP F 82 -59.47 -19.79 13.41
N LEU F 83 -60.77 -19.91 13.67
CA LEU F 83 -61.79 -19.13 12.98
C LEU F 83 -61.70 -17.69 13.46
N ALA F 84 -61.04 -16.84 12.66
CA ALA F 84 -60.79 -15.47 13.08
C ALA F 84 -60.33 -14.65 11.89
N ASP F 85 -60.38 -13.34 12.04
CA ASP F 85 -59.80 -12.44 11.06
C ASP F 85 -58.28 -12.46 11.14
N TYR F 86 -57.63 -12.26 10.00
CA TYR F 86 -56.17 -12.24 9.94
C TYR F 86 -55.73 -10.98 9.21
N HIS F 87 -55.01 -10.12 9.91
CA HIS F 87 -54.56 -8.84 9.38
C HIS F 87 -53.07 -8.89 9.10
N CYS F 88 -52.68 -8.35 7.95
CA CYS F 88 -51.28 -8.22 7.57
C CYS F 88 -50.87 -6.77 7.68
N GLY F 89 -49.75 -6.51 8.33
CA GLY F 89 -49.30 -5.13 8.46
C GLY F 89 -47.82 -4.92 8.27
N GLN F 90 -47.44 -3.91 7.51
CA GLN F 90 -46.04 -3.54 7.38
C GLN F 90 -45.68 -2.48 8.41
N SER F 91 -44.41 -2.48 8.81
CA SER F 91 -43.89 -1.41 9.64
C SER F 91 -42.51 -0.97 9.20
N TYR F 92 -42.17 -1.17 7.92
CA TYR F 92 -40.96 -0.58 7.38
C TYR F 92 -41.04 0.94 7.42
N SER F 93 -42.24 1.47 7.21
CA SER F 93 -42.57 2.88 7.35
C SER F 93 -43.60 3.01 8.46
N TYR F 94 -44.22 4.17 8.56
CA TYR F 94 -45.36 4.33 9.44
C TYR F 94 -46.39 3.23 9.18
N PRO F 95 -46.91 2.57 10.21
CA PRO F 95 -47.57 1.29 10.01
C PRO F 95 -48.86 1.39 9.20
N THR F 96 -49.05 0.42 8.32
CA THR F 96 -50.23 0.29 7.50
C THR F 96 -50.68 -1.16 7.51
N PHE F 97 -51.98 -1.38 7.56
CA PHE F 97 -52.54 -2.72 7.58
C PHE F 97 -53.26 -3.01 6.28
N GLY F 98 -53.57 -4.29 6.07
CA GLY F 98 -54.36 -4.70 4.94
C GLY F 98 -55.84 -4.68 5.24
N ALA F 99 -56.63 -5.00 4.22
CA ALA F 99 -58.08 -5.03 4.38
C ALA F 99 -58.51 -6.13 5.35
N GLY F 100 -57.80 -7.23 5.39
CA GLY F 100 -58.08 -8.30 6.32
C GLY F 100 -58.74 -9.48 5.62
N THR F 101 -58.40 -10.69 6.07
CA THR F 101 -58.95 -11.92 5.53
C THR F 101 -59.83 -12.60 6.57
N LYS F 102 -61.07 -12.88 6.21
CA LYS F 102 -62.00 -13.56 7.10
C LYS F 102 -61.89 -15.06 6.86
N LEU F 103 -61.53 -15.81 7.91
CA LEU F 103 -61.53 -17.26 7.86
C LEU F 103 -62.88 -17.77 8.34
N GLU F 104 -63.54 -18.56 7.50
CA GLU F 104 -64.93 -18.95 7.76
C GLU F 104 -65.14 -20.46 7.67
N LEU F 105 -66.39 -20.89 7.66
CA LEU F 105 -66.72 -22.31 7.59
C LEU F 105 -67.71 -22.59 6.47
N VAL G 2 -46.72 -5.51 30.85
CA VAL G 2 -47.25 -6.68 30.18
C VAL G 2 -48.73 -6.51 29.91
N GLN G 3 -49.29 -5.39 30.36
CA GLN G 3 -50.71 -5.12 30.19
C GLN G 3 -50.94 -3.67 29.81
N LEU G 4 -51.88 -3.45 28.91
CA LEU G 4 -52.39 -2.12 28.59
C LEU G 4 -53.87 -2.11 28.92
N GLN G 5 -54.27 -1.27 29.87
CA GLN G 5 -55.65 -1.14 30.28
C GLN G 5 -56.16 0.23 29.87
N GLN G 6 -57.19 0.27 29.05
CA GLN G 6 -57.66 1.51 28.48
C GLN G 6 -58.82 2.08 29.27
N SER G 7 -59.28 3.26 28.86
CA SER G 7 -60.36 3.97 29.53
C SER G 7 -61.69 3.33 29.18
N GLY G 8 -62.80 3.99 29.56
CA GLY G 8 -64.11 3.45 29.33
C GLY G 8 -64.76 3.93 28.04
N ALA G 9 -65.76 3.19 27.60
CA ALA G 9 -66.48 3.52 26.38
C ALA G 9 -67.10 4.90 26.47
N GLU G 10 -67.22 5.56 25.31
CA GLU G 10 -67.68 6.93 25.25
C GLU G 10 -68.79 7.08 24.21
N LEU G 11 -69.73 7.99 24.49
CA LEU G 11 -70.73 8.38 23.50
C LEU G 11 -71.00 9.86 23.70
N VAL G 12 -70.40 10.68 22.83
CA VAL G 12 -70.51 12.13 22.91
C VAL G 12 -71.33 12.62 21.72
N LYS G 13 -71.56 13.92 21.64
CA LYS G 13 -72.35 14.44 20.54
C LYS G 13 -71.44 15.02 19.46
N PRO G 14 -71.90 15.04 18.21
CA PRO G 14 -71.06 15.56 17.12
C PRO G 14 -70.63 16.99 17.38
N GLY G 15 -69.34 17.25 17.16
CA GLY G 15 -68.74 18.53 17.45
C GLY G 15 -67.98 18.60 18.75
N ALA G 16 -67.96 17.52 19.54
CA ALA G 16 -67.29 17.53 20.82
C ALA G 16 -65.87 16.97 20.70
N SER G 17 -65.19 16.88 21.84
CA SER G 17 -63.83 16.36 21.91
C SER G 17 -63.74 15.39 23.09
N VAL G 18 -63.25 14.18 22.83
CA VAL G 18 -63.18 13.12 23.83
C VAL G 18 -61.72 12.75 24.06
N LYS G 19 -61.37 12.51 25.32
CA LYS G 19 -60.03 12.06 25.70
C LYS G 19 -60.11 10.62 26.18
N LEU G 20 -59.46 9.72 25.45
CA LEU G 20 -59.29 8.34 25.85
C LEU G 20 -57.93 8.15 26.51
N SER G 21 -57.81 7.09 27.30
CA SER G 21 -56.62 6.82 28.10
C SER G 21 -56.13 5.41 27.86
N CYS G 22 -54.87 5.18 28.26
CA CYS G 22 -54.25 3.87 28.11
C CYS G 22 -53.12 3.78 29.13
N THR G 23 -53.31 2.96 30.17
CA THR G 23 -52.33 2.85 31.24
C THR G 23 -51.57 1.54 31.11
N ALA G 24 -50.25 1.62 31.21
CA ALA G 24 -49.37 0.49 30.99
C ALA G 24 -48.88 -0.07 32.32
N SER G 25 -48.78 -1.39 32.40
CA SER G 25 -48.27 -2.07 33.57
C SER G 25 -47.30 -3.16 33.15
N GLY G 26 -46.20 -3.28 33.88
CA GLY G 26 -45.17 -4.25 33.58
C GLY G 26 -43.98 -3.69 32.82
N PHE G 27 -44.07 -2.47 32.32
CA PHE G 27 -43.00 -1.87 31.53
C PHE G 27 -43.13 -0.37 31.61
N ASN G 28 -42.07 0.31 31.16
CA ASN G 28 -42.09 1.77 31.02
C ASN G 28 -42.49 2.13 29.60
N ILE G 29 -43.39 3.11 29.47
CA ILE G 29 -43.70 3.63 28.15
C ILE G 29 -42.54 4.41 27.56
N LYS G 30 -41.52 4.71 28.38
CA LYS G 30 -40.35 5.43 27.91
C LYS G 30 -39.51 4.61 26.94
N ASP G 31 -39.48 3.28 27.11
CA ASP G 31 -38.55 2.45 26.35
C ASP G 31 -39.11 1.95 25.04
N THR G 32 -40.34 2.30 24.69
CA THR G 32 -40.94 1.88 23.43
C THR G 32 -41.66 3.08 22.80
N TYR G 33 -42.29 2.84 21.66
CA TYR G 33 -43.23 3.76 21.05
C TYR G 33 -44.64 3.27 21.36
N MET G 34 -45.56 4.20 21.56
CA MET G 34 -46.96 3.88 21.81
C MET G 34 -47.78 4.26 20.58
N TYR G 35 -48.56 3.30 20.07
CA TYR G 35 -49.37 3.49 18.88
C TYR G 35 -50.85 3.55 19.27
N TRP G 36 -51.58 4.44 18.59
CA TRP G 36 -53.03 4.47 18.65
C TRP G 36 -53.56 4.05 17.29
N VAL G 37 -54.41 3.02 17.29
CA VAL G 37 -54.95 2.40 16.09
C VAL G 37 -56.47 2.51 16.14
N LYS G 38 -57.10 2.62 14.97
CA LYS G 38 -58.55 2.72 14.87
C LYS G 38 -59.11 1.54 14.08
N GLN G 39 -60.27 1.06 14.51
CA GLN G 39 -60.98 0.01 13.78
C GLN G 39 -62.46 0.37 13.77
N ARG G 40 -62.99 0.67 12.59
CA ARG G 40 -64.43 0.86 12.62
C ARG G 40 -65.14 -0.44 12.23
N PRO G 41 -66.35 -0.66 12.75
CA PRO G 41 -66.98 -1.98 12.62
C PRO G 41 -67.00 -2.50 11.19
N GLU G 42 -66.70 -3.80 11.07
CA GLU G 42 -66.67 -4.50 9.78
C GLU G 42 -65.73 -3.81 8.80
N GLN G 43 -64.50 -3.59 9.25
CA GLN G 43 -63.45 -2.98 8.43
C GLN G 43 -62.10 -3.39 8.98
N GLY G 44 -61.04 -2.96 8.29
CA GLY G 44 -59.69 -3.28 8.72
C GLY G 44 -59.11 -2.23 9.65
N LEU G 45 -57.99 -2.60 10.26
CA LEU G 45 -57.31 -1.70 11.18
C LEU G 45 -56.70 -0.52 10.43
N GLU G 46 -56.70 0.65 11.07
CA GLU G 46 -56.11 1.85 10.51
C GLU G 46 -55.27 2.53 11.58
N TRP G 47 -54.06 2.95 11.20
CA TRP G 47 -53.15 3.56 12.14
C TRP G 47 -53.51 5.02 12.34
N ILE G 48 -53.74 5.43 13.59
CA ILE G 48 -54.02 6.82 13.91
C ILE G 48 -52.70 7.55 14.13
N GLY G 49 -51.93 7.10 15.11
CA GLY G 49 -50.77 7.89 15.45
C GLY G 49 -49.75 7.17 16.30
N ARG G 50 -48.61 7.85 16.47
CA ARG G 50 -47.39 7.30 17.05
C ARG G 50 -46.87 8.33 18.02
N ILE G 51 -46.46 7.90 19.21
CA ILE G 51 -45.80 8.79 20.16
C ILE G 51 -44.57 8.09 20.73
N ASP G 52 -43.50 8.86 20.92
CA ASP G 52 -42.27 8.44 21.58
C ASP G 52 -42.21 9.10 22.95
N PRO G 53 -42.69 8.45 24.01
CA PRO G 53 -42.80 9.13 25.31
C PRO G 53 -41.47 9.58 25.89
N ALA G 54 -40.38 8.90 25.57
CA ALA G 54 -39.07 9.34 26.06
C ALA G 54 -38.68 10.68 25.46
N ASN G 55 -39.21 11.01 24.29
CA ASN G 55 -38.87 12.25 23.60
C ASN G 55 -40.08 13.15 23.35
N GLY G 56 -41.30 12.62 23.45
CA GLY G 56 -42.49 13.40 23.17
C GLY G 56 -42.87 13.50 21.72
N ASP G 57 -41.99 13.10 20.80
CA ASP G 57 -42.26 13.24 19.38
C ASP G 57 -43.44 12.37 18.95
N THR G 58 -44.28 12.93 18.08
CA THR G 58 -45.46 12.24 17.60
C THR G 58 -45.53 12.32 16.08
N LYS G 59 -46.15 11.31 15.49
CA LYS G 59 -46.53 11.31 14.09
C LYS G 59 -48.00 10.93 14.00
N TYR G 60 -48.64 11.37 12.93
CA TYR G 60 -50.04 11.05 12.71
C TYR G 60 -50.25 10.68 11.24
N ASP G 61 -51.28 9.87 11.00
CA ASP G 61 -51.78 9.72 9.66
C ASP G 61 -52.24 11.08 9.15
N PRO G 62 -51.91 11.46 7.91
CA PRO G 62 -52.37 12.75 7.39
C PRO G 62 -53.88 12.93 7.42
N LYS G 63 -54.65 11.84 7.56
CA LYS G 63 -56.09 11.94 7.74
C LYS G 63 -56.50 12.27 9.16
N PHE G 64 -55.55 12.33 10.10
CA PHE G 64 -55.86 12.55 11.50
C PHE G 64 -55.11 13.71 12.11
N GLN G 65 -54.46 14.55 11.30
CA GLN G 65 -53.77 15.71 11.82
C GLN G 65 -54.78 16.81 12.14
N GLY G 66 -54.77 17.28 13.38
CA GLY G 66 -55.77 18.20 13.87
C GLY G 66 -56.95 17.47 14.49
N LYS G 67 -57.40 16.40 13.84
CA LYS G 67 -58.50 15.60 14.37
C LYS G 67 -58.06 14.73 15.55
N ALA G 68 -56.78 14.37 15.62
CA ALA G 68 -56.27 13.53 16.68
C ALA G 68 -54.98 14.13 17.22
N THR G 69 -54.83 14.08 18.54
CA THR G 69 -53.62 14.54 19.21
C THR G 69 -53.29 13.57 20.33
N ILE G 70 -52.12 12.95 20.26
CA ILE G 70 -51.71 11.97 21.26
C ILE G 70 -50.73 12.63 22.23
N THR G 71 -50.93 12.36 23.51
CA THR G 71 -50.04 12.87 24.55
C THR G 71 -49.64 11.73 25.47
N THR G 72 -48.59 11.97 26.25
CA THR G 72 -48.08 10.94 27.15
C THR G 72 -47.87 11.53 28.54
N ASP G 73 -47.96 10.66 29.54
CA ASP G 73 -47.72 11.00 30.93
C ASP G 73 -46.76 9.97 31.51
N THR G 74 -45.57 10.44 31.90
CA THR G 74 -44.48 9.53 32.24
C THR G 74 -44.68 8.90 33.61
N PHE G 75 -44.87 9.74 34.64
CA PHE G 75 -45.00 9.23 36.00
C PHE G 75 -46.23 8.35 36.19
N SER G 76 -47.17 8.36 35.26
CA SER G 76 -48.33 7.47 35.32
C SER G 76 -48.21 6.29 34.37
N ASN G 77 -47.19 6.25 33.51
CA ASN G 77 -47.05 5.21 32.49
C ASN G 77 -48.28 5.17 31.59
N THR G 78 -48.75 6.35 31.17
CA THR G 78 -50.04 6.47 30.50
C THR G 78 -49.88 7.21 29.18
N ALA G 79 -50.74 6.87 28.22
CA ALA G 79 -50.83 7.56 26.95
C ALA G 79 -52.29 7.92 26.70
N TYR G 80 -52.54 9.15 26.29
CA TYR G 80 -53.89 9.64 26.05
C TYR G 80 -54.07 10.02 24.60
N LEU G 81 -55.30 9.89 24.12
CA LEU G 81 -55.68 10.27 22.77
C LEU G 81 -56.82 11.29 22.84
N GLN G 82 -56.61 12.45 22.22
CA GLN G 82 -57.59 13.52 22.19
C GLN G 82 -58.17 13.59 20.79
N LEU G 83 -59.48 13.35 20.67
CA LEU G 83 -60.18 13.41 19.40
C LEU G 83 -61.13 14.60 19.41
N SER G 84 -61.12 15.37 18.34
CA SER G 84 -61.91 16.59 18.24
C SER G 84 -62.82 16.55 17.02
N SER G 85 -63.91 17.31 17.09
CA SER G 85 -64.90 17.41 16.02
C SER G 85 -65.39 16.04 15.60
N LEU G 86 -65.86 15.28 16.59
CA LEU G 86 -66.34 13.92 16.34
C LEU G 86 -67.58 13.96 15.46
N THR G 87 -67.70 12.94 14.62
CA THR G 87 -68.83 12.82 13.71
C THR G 87 -69.34 11.38 13.74
N SER G 88 -70.30 11.07 12.87
CA SER G 88 -70.71 9.68 12.70
C SER G 88 -69.65 8.87 11.96
N GLU G 89 -68.64 9.53 11.39
CA GLU G 89 -67.51 8.84 10.81
C GLU G 89 -66.51 8.38 11.87
N ASP G 90 -66.58 8.95 13.08
CA ASP G 90 -65.58 8.71 14.10
C ASP G 90 -66.00 7.68 15.14
N THR G 91 -67.20 7.10 15.03
CA THR G 91 -67.58 6.03 15.93
C THR G 91 -66.82 4.76 15.57
N ALA G 92 -66.05 4.24 16.53
CA ALA G 92 -65.17 3.10 16.25
C ALA G 92 -64.58 2.59 17.55
N VAL G 93 -63.85 1.49 17.44
CA VAL G 93 -63.05 0.94 18.54
C VAL G 93 -61.62 1.40 18.36
N TYR G 94 -61.06 1.99 19.41
CA TYR G 94 -59.71 2.54 19.38
C TYR G 94 -58.81 1.70 20.28
N TYR G 95 -57.67 1.28 19.74
CA TYR G 95 -56.74 0.41 20.42
C TYR G 95 -55.45 1.15 20.75
N CYS G 96 -54.87 0.79 21.89
CA CYS G 96 -53.55 1.24 22.31
C CYS G 96 -52.60 0.07 22.18
N ALA G 97 -51.46 0.29 21.54
CA ALA G 97 -50.54 -0.80 21.25
C ALA G 97 -49.10 -0.37 21.53
N ARG G 98 -48.25 -1.36 21.76
CA ARG G 98 -46.84 -1.13 22.06
C ARG G 98 -45.97 -1.74 20.97
N LYS G 99 -44.95 -0.99 20.55
CA LYS G 99 -43.99 -1.49 19.57
C LYS G 99 -43.19 -2.64 20.17
N GLY G 100 -43.07 -3.73 19.41
CA GLY G 100 -42.32 -4.89 19.87
C GLY G 100 -41.11 -5.20 19.02
N LEU G 101 -40.79 -6.48 18.89
CA LEU G 101 -39.62 -6.90 18.13
C LEU G 101 -39.81 -6.63 16.65
N ARG G 102 -38.85 -5.91 16.06
CA ARG G 102 -38.86 -5.54 14.64
C ARG G 102 -40.14 -4.78 14.28
N TRP G 103 -40.61 -3.93 15.20
CA TRP G 103 -41.74 -3.05 14.96
C TRP G 103 -43.00 -3.86 14.66
N ALA G 104 -43.34 -4.78 15.56
CA ALA G 104 -44.42 -5.72 15.33
C ALA G 104 -45.74 -5.35 15.98
N MET G 105 -45.75 -4.43 16.95
CA MET G 105 -46.95 -4.09 17.70
C MET G 105 -47.52 -5.32 18.40
N ASP G 106 -46.73 -5.82 19.35
CA ASP G 106 -47.02 -7.11 19.98
C ASP G 106 -48.21 -7.03 20.92
N TYR G 107 -48.21 -6.05 21.83
CA TYR G 107 -49.25 -5.96 22.85
C TYR G 107 -50.29 -4.93 22.47
N TRP G 108 -51.55 -5.27 22.71
CA TRP G 108 -52.67 -4.39 22.42
C TRP G 108 -53.53 -4.22 23.66
N GLY G 109 -54.08 -3.03 23.82
CA GLY G 109 -55.09 -2.80 24.83
C GLY G 109 -56.40 -3.47 24.46
N GLN G 110 -57.33 -3.46 25.40
CA GLN G 110 -58.63 -4.07 25.12
C GLN G 110 -59.42 -3.26 24.12
N GLY G 111 -59.14 -1.97 23.98
CA GLY G 111 -59.86 -1.12 23.05
C GLY G 111 -61.05 -0.44 23.70
N THR G 112 -61.29 0.82 23.35
CA THR G 112 -62.45 1.56 23.83
C THR G 112 -63.32 1.95 22.64
N SER G 113 -64.63 1.79 22.79
CA SER G 113 -65.57 2.13 21.74
C SER G 113 -66.11 3.53 21.99
N VAL G 114 -65.86 4.43 21.05
CA VAL G 114 -66.39 5.80 21.12
C VAL G 114 -67.42 5.96 20.02
N THR G 115 -68.49 6.70 20.34
CA THR G 115 -69.66 6.81 19.48
C THR G 115 -70.21 8.23 19.55
N VAL G 116 -71.03 8.56 18.55
CA VAL G 116 -71.82 9.78 18.56
C VAL G 116 -73.26 9.41 18.23
N SER G 117 -74.18 10.26 18.65
CA SER G 117 -75.59 10.02 18.40
C SER G 117 -76.26 11.24 17.74
N ASN H 1 37.17 -27.44 2.06
CA ASN H 1 38.19 -27.14 3.05
C ASN H 1 39.10 -26.03 2.56
N ILE H 2 39.38 -25.06 3.42
CA ILE H 2 40.14 -23.89 3.03
C ILE H 2 41.61 -24.12 3.35
N VAL H 3 42.45 -24.11 2.32
CA VAL H 3 43.87 -24.35 2.46
C VAL H 3 44.56 -23.02 2.75
N MET H 4 45.37 -22.99 3.80
CA MET H 4 46.15 -21.82 4.17
C MET H 4 47.59 -22.05 3.74
N THR H 5 48.06 -21.24 2.79
CA THR H 5 49.42 -21.33 2.29
C THR H 5 50.25 -20.26 2.98
N GLN H 6 51.19 -20.69 3.81
CA GLN H 6 52.06 -19.79 4.56
C GLN H 6 53.42 -19.71 3.86
N SER H 7 54.04 -18.55 3.94
CA SER H 7 55.29 -18.34 3.22
C SER H 7 56.11 -17.26 3.91
N PRO H 8 57.45 -17.35 3.82
CA PRO H 8 58.14 -18.50 3.24
C PRO H 8 58.27 -19.65 4.24
N LYS H 9 58.87 -20.76 3.81
CA LYS H 9 59.02 -21.89 4.73
C LYS H 9 60.04 -21.60 5.82
N SER H 10 61.08 -20.83 5.52
CA SER H 10 62.13 -20.53 6.49
C SER H 10 62.61 -19.09 6.31
N MET H 11 62.83 -18.41 7.43
CA MET H 11 63.34 -17.05 7.43
C MET H 11 64.39 -16.91 8.51
N SER H 12 65.48 -16.23 8.19
CA SER H 12 66.56 -16.01 9.16
C SER H 12 66.80 -14.52 9.27
N MET H 13 66.20 -13.89 10.26
CA MET H 13 66.28 -12.45 10.45
C MET H 13 67.29 -12.13 11.54
N SER H 14 68.19 -11.20 11.25
CA SER H 14 69.11 -10.70 12.27
C SER H 14 68.35 -9.84 13.26
N VAL H 15 68.88 -9.77 14.49
CA VAL H 15 68.16 -9.09 15.57
C VAL H 15 68.03 -7.61 15.24
N GLY H 16 66.79 -7.13 15.21
CA GLY H 16 66.50 -5.72 15.07
C GLY H 16 65.83 -5.30 13.78
N GLU H 17 65.82 -6.16 12.75
CA GLU H 17 65.26 -5.78 11.46
C GLU H 17 63.78 -6.15 11.37
N ARG H 18 63.09 -5.50 10.44
CA ARG H 18 61.68 -5.79 10.19
C ARG H 18 61.53 -7.06 9.36
N VAL H 19 60.48 -7.82 9.64
CA VAL H 19 60.18 -9.02 8.88
C VAL H 19 58.68 -9.08 8.59
N THR H 20 58.34 -9.68 7.45
CA THR H 20 56.97 -9.84 6.99
C THR H 20 56.74 -11.28 6.59
N LEU H 21 55.72 -11.92 7.16
CA LEU H 21 55.34 -13.28 6.86
C LEU H 21 53.97 -13.27 6.20
N SER H 22 53.80 -14.06 5.15
CA SER H 22 52.59 -14.01 4.34
C SER H 22 51.78 -15.29 4.51
N CYS H 23 50.46 -15.13 4.38
CA CYS H 23 49.51 -16.22 4.41
C CYS H 23 48.42 -15.93 3.39
N LYS H 24 48.03 -16.94 2.63
CA LYS H 24 46.98 -16.81 1.64
C LYS H 24 45.97 -17.92 1.84
N ALA H 25 44.74 -17.65 1.42
CA ALA H 25 43.66 -18.63 1.51
C ALA H 25 43.08 -18.88 0.13
N SER H 26 42.66 -20.13 -0.09
CA SER H 26 42.09 -20.50 -1.38
C SER H 26 40.70 -19.94 -1.56
N GLU H 27 39.92 -19.86 -0.48
CA GLU H 27 38.58 -19.32 -0.51
C GLU H 27 38.52 -18.06 0.34
N TYR H 28 37.32 -17.48 0.40
CA TYR H 28 37.09 -16.30 1.23
C TYR H 28 37.15 -16.67 2.71
N VAL H 29 38.00 -15.97 3.45
CA VAL H 29 37.96 -15.95 4.90
C VAL H 29 38.01 -14.48 5.30
N GLY H 30 36.89 -13.94 5.75
CA GLY H 30 36.77 -12.51 5.85
C GLY H 30 37.85 -11.84 6.67
N THR H 31 37.79 -12.01 7.98
CA THR H 31 38.85 -11.53 8.86
C THR H 31 39.14 -12.53 9.97
N TYR H 32 38.73 -13.78 9.80
CA TYR H 32 38.85 -14.78 10.84
C TYR H 32 40.14 -15.58 10.66
N VAL H 33 41.25 -14.86 10.65
CA VAL H 33 42.57 -15.46 10.55
C VAL H 33 43.33 -15.17 11.83
N SER H 34 44.06 -16.17 12.32
CA SER H 34 44.81 -16.05 13.55
C SER H 34 46.26 -16.40 13.29
N TRP H 35 47.15 -15.71 14.01
CA TRP H 35 48.57 -15.96 13.97
C TRP H 35 49.00 -16.47 15.34
N TYR H 36 49.62 -17.65 15.36
CA TYR H 36 50.08 -18.32 16.56
C TYR H 36 51.60 -18.42 16.56
N GLN H 37 52.19 -18.32 17.75
CA GLN H 37 53.63 -18.51 17.94
C GLN H 37 53.87 -19.78 18.73
N GLN H 38 54.84 -20.57 18.30
CA GLN H 38 55.17 -21.84 18.96
C GLN H 38 56.67 -21.92 19.18
N LYS H 39 57.07 -21.83 20.42
CA LYS H 39 58.46 -22.10 20.76
C LYS H 39 58.64 -23.61 20.99
N PRO H 40 59.84 -24.13 20.82
CA PRO H 40 60.04 -25.57 21.02
C PRO H 40 59.73 -25.98 22.44
N GLU H 41 59.15 -27.17 22.57
CA GLU H 41 58.68 -27.76 23.84
C GLU H 41 57.48 -27.04 24.42
N GLN H 42 56.79 -26.20 23.64
CA GLN H 42 55.65 -25.45 24.14
C GLN H 42 54.50 -25.53 23.14
N SER H 43 53.31 -25.19 23.62
CA SER H 43 52.08 -25.17 22.84
C SER H 43 51.89 -23.80 22.19
N PRO H 44 51.13 -23.73 21.09
CA PRO H 44 50.96 -22.44 20.40
C PRO H 44 50.33 -21.38 21.29
N LYS H 45 50.78 -20.14 21.12
CA LYS H 45 50.22 -18.99 21.82
C LYS H 45 49.57 -18.07 20.80
N LEU H 46 48.36 -17.63 21.08
CA LEU H 46 47.64 -16.73 20.19
C LEU H 46 48.33 -15.38 20.17
N LEU H 47 48.95 -15.04 19.05
CA LEU H 47 49.50 -13.70 18.85
C LEU H 47 48.42 -12.75 18.34
N ILE H 48 47.83 -13.07 17.19
CA ILE H 48 46.85 -12.21 16.55
C ILE H 48 45.56 -12.99 16.39
N TYR H 49 44.46 -12.44 16.90
CA TYR H 49 43.14 -13.00 16.69
C TYR H 49 42.38 -12.12 15.72
N GLY H 50 41.60 -12.73 14.85
CA GLY H 50 41.10 -11.95 13.75
C GLY H 50 42.26 -11.38 12.95
N ALA H 51 41.91 -10.56 11.98
CA ALA H 51 42.92 -9.85 11.21
C ALA H 51 43.19 -8.53 11.92
N SER H 52 44.46 -8.31 12.27
CA SER H 52 44.90 -7.06 12.89
C SER H 52 44.23 -6.81 14.24
N ASN H 53 44.49 -7.72 15.18
CA ASN H 53 44.13 -7.51 16.58
C ASN H 53 45.19 -8.16 17.45
N ARG H 54 45.94 -7.35 18.20
CA ARG H 54 46.97 -7.88 19.08
C ARG H 54 46.33 -8.53 20.29
N TYR H 55 46.58 -9.82 20.49
CA TYR H 55 45.99 -10.52 21.62
C TYR H 55 46.62 -10.01 22.92
N THR H 56 45.79 -9.91 23.94
CA THR H 56 46.18 -9.29 25.21
C THR H 56 47.47 -9.87 25.77
N GLY H 57 48.49 -9.02 25.87
CA GLY H 57 49.74 -9.40 26.49
C GLY H 57 50.85 -9.83 25.57
N VAL H 58 50.76 -9.53 24.28
CA VAL H 58 51.84 -9.86 23.35
C VAL H 58 52.61 -8.58 23.06
N PRO H 59 53.88 -8.66 22.67
CA PRO H 59 54.65 -7.43 22.44
C PRO H 59 54.03 -6.59 21.33
N ASP H 60 54.05 -5.27 21.54
CA ASP H 60 53.45 -4.32 20.61
C ASP H 60 54.18 -4.24 19.27
N ARG H 61 55.28 -4.97 19.08
CA ARG H 61 55.97 -4.94 17.80
C ARG H 61 55.29 -5.80 16.75
N PHE H 62 54.57 -6.84 17.18
CA PHE H 62 53.81 -7.65 16.25
C PHE H 62 52.60 -6.89 15.75
N THR H 63 52.45 -6.81 14.43
CA THR H 63 51.24 -6.24 13.85
C THR H 63 50.69 -7.19 12.79
N GLY H 64 49.37 -7.16 12.63
CA GLY H 64 48.71 -7.97 11.64
C GLY H 64 47.99 -7.09 10.63
N SER H 65 47.93 -7.56 9.39
CA SER H 65 47.14 -6.92 8.37
C SER H 65 46.49 -8.01 7.52
N GLY H 66 45.33 -7.72 6.97
CA GLY H 66 44.60 -8.76 6.29
C GLY H 66 43.67 -8.26 5.21
N SER H 67 43.09 -9.21 4.51
CA SER H 67 42.16 -8.97 3.40
C SER H 67 41.14 -10.10 3.44
N ALA H 68 40.43 -10.29 2.33
CA ALA H 68 39.58 -11.47 2.22
C ALA H 68 40.41 -12.74 2.02
N THR H 69 41.58 -12.63 1.39
CA THR H 69 42.41 -13.79 1.11
C THR H 69 43.90 -13.58 1.30
N ASP H 70 44.35 -12.42 1.77
CA ASP H 70 45.78 -12.14 1.94
C ASP H 70 46.02 -11.58 3.33
N PHE H 71 46.98 -12.15 4.06
CA PHE H 71 47.23 -11.78 5.43
C PHE H 71 48.73 -11.74 5.69
N THR H 72 49.16 -10.79 6.50
CA THR H 72 50.58 -10.60 6.78
C THR H 72 50.77 -10.37 8.27
N LEU H 73 51.78 -11.03 8.82
CA LEU H 73 52.27 -10.77 10.17
C LEU H 73 53.61 -10.06 10.06
N THR H 74 53.72 -8.89 10.67
CA THR H 74 54.93 -8.09 10.58
C THR H 74 55.53 -7.93 11.98
N ILE H 75 56.80 -8.29 12.11
CA ILE H 75 57.59 -8.00 13.30
C ILE H 75 58.45 -6.79 12.99
N GLY H 76 58.11 -5.66 13.60
CA GLY H 76 58.80 -4.42 13.30
C GLY H 76 60.20 -4.36 13.88
N SER H 77 60.46 -5.11 14.95
CA SER H 77 61.78 -5.15 15.58
C SER H 77 62.01 -6.58 16.06
N VAL H 78 62.60 -7.40 15.21
CA VAL H 78 62.80 -8.81 15.54
C VAL H 78 63.82 -8.89 16.66
N GLN H 79 63.36 -9.30 17.84
CA GLN H 79 64.24 -9.46 18.99
C GLN H 79 64.77 -10.90 19.03
N ALA H 80 65.39 -11.28 20.14
CA ALA H 80 66.06 -12.56 20.23
C ALA H 80 65.13 -13.70 20.62
N GLU H 81 64.11 -13.45 21.42
CA GLU H 81 63.23 -14.50 21.90
C GLU H 81 62.21 -14.95 20.86
N ASP H 82 62.36 -14.53 19.61
CA ASP H 82 61.51 -14.98 18.51
C ASP H 82 62.04 -16.24 17.85
N LEU H 83 62.81 -17.05 18.58
CA LEU H 83 63.26 -18.34 18.07
C LEU H 83 62.10 -19.32 18.08
N ALA H 84 61.08 -19.04 17.28
CA ALA H 84 59.84 -19.79 17.36
C ALA H 84 59.23 -19.95 15.97
N ASP H 85 58.58 -21.08 15.76
CA ASP H 85 57.76 -21.28 14.58
C ASP H 85 56.53 -20.38 14.66
N TYR H 86 56.00 -20.03 13.49
CA TYR H 86 54.80 -19.21 13.40
C TYR H 86 53.78 -19.89 12.50
N HIS H 87 52.53 -19.90 12.94
CA HIS H 87 51.45 -20.59 12.25
C HIS H 87 50.32 -19.63 11.93
N CYS H 88 49.66 -19.87 10.81
CA CYS H 88 48.54 -19.08 10.33
C CYS H 88 47.33 -19.99 10.17
N GLY H 89 46.19 -19.58 10.72
CA GLY H 89 45.00 -20.41 10.64
C GLY H 89 43.71 -19.66 10.41
N GLN H 90 42.84 -20.19 9.57
CA GLN H 90 41.55 -19.55 9.36
C GLN H 90 40.49 -20.16 10.28
N SER H 91 39.53 -19.32 10.67
CA SER H 91 38.41 -19.77 11.49
C SER H 91 37.06 -19.43 10.87
N TYR H 92 37.05 -19.00 9.61
CA TYR H 92 35.79 -18.73 8.92
C TYR H 92 34.96 -20.00 8.80
N SER H 93 35.60 -21.12 8.46
CA SER H 93 34.97 -22.41 8.40
C SER H 93 35.63 -23.29 9.44
N TYR H 94 35.37 -24.59 9.43
CA TYR H 94 36.08 -25.51 10.30
C TYR H 94 37.59 -25.23 10.22
N PRO H 95 38.26 -25.06 11.36
CA PRO H 95 39.60 -24.47 11.33
C PRO H 95 40.61 -25.30 10.54
N THR H 96 41.45 -24.61 9.78
CA THR H 96 42.60 -25.20 9.10
C THR H 96 43.77 -24.26 9.30
N PHE H 97 44.98 -24.82 9.26
CA PHE H 97 46.18 -24.07 9.56
C PHE H 97 47.12 -24.05 8.36
N GLY H 98 48.11 -23.18 8.43
CA GLY H 98 49.18 -23.16 7.48
C GLY H 98 50.24 -24.18 7.82
N ALA H 99 51.24 -24.27 6.94
CA ALA H 99 52.31 -25.24 7.12
C ALA H 99 53.32 -24.83 8.17
N GLY H 100 53.34 -23.55 8.56
CA GLY H 100 54.30 -23.07 9.52
C GLY H 100 55.41 -22.27 8.86
N THR H 101 56.12 -21.50 9.68
CA THR H 101 57.22 -20.66 9.18
C THR H 101 58.25 -20.55 10.29
N LYS H 102 59.35 -21.27 10.15
CA LYS H 102 60.41 -21.23 11.15
C LYS H 102 61.25 -19.98 10.98
N LEU H 103 61.37 -19.19 12.05
CA LEU H 103 62.16 -17.98 12.07
C LEU H 103 63.51 -18.28 12.71
N GLU H 104 64.59 -18.01 11.98
CA GLU H 104 65.94 -18.21 12.47
C GLU H 104 66.61 -16.87 12.72
N LEU H 105 67.82 -16.92 13.26
CA LEU H 105 68.59 -15.72 13.56
C LEU H 105 70.02 -15.94 13.12
N LYS H 106 70.49 -15.09 12.19
CA LYS H 106 71.88 -15.16 11.74
C LYS H 106 72.81 -14.58 12.80
N VAL I 2 40.89 -20.16 31.48
CA VAL I 2 42.11 -19.65 32.11
C VAL I 2 43.21 -20.71 32.11
N GLN I 3 42.86 -21.96 32.39
CA GLN I 3 43.83 -23.04 32.44
C GLN I 3 43.26 -24.30 31.83
N LEU I 4 44.08 -25.01 31.08
CA LEU I 4 43.75 -26.32 30.53
C LEU I 4 44.85 -27.31 30.90
N GLN I 5 44.47 -28.49 31.38
CA GLN I 5 45.42 -29.50 31.82
C GLN I 5 45.09 -30.83 31.17
N GLN I 6 46.03 -31.36 30.40
CA GLN I 6 45.82 -32.60 29.66
C GLN I 6 46.46 -33.78 30.38
N SER I 7 46.07 -34.98 29.94
CA SER I 7 46.57 -36.20 30.54
C SER I 7 48.05 -36.39 30.22
N GLY I 8 48.68 -37.29 30.97
CA GLY I 8 50.09 -37.58 30.79
C GLY I 8 50.38 -38.24 29.45
N ALA I 9 51.66 -38.28 29.12
CA ALA I 9 52.11 -38.90 27.88
C ALA I 9 51.64 -40.35 27.81
N GLU I 10 51.46 -40.84 26.58
CA GLU I 10 50.92 -42.16 26.33
C GLU I 10 51.93 -43.03 25.62
N LEU I 11 51.81 -44.34 25.83
CA LEU I 11 52.61 -45.34 25.13
C LEU I 11 51.65 -46.47 24.76
N VAL I 12 51.12 -46.40 23.54
CA VAL I 12 50.01 -47.25 23.12
C VAL I 12 50.47 -48.10 21.94
N LYS I 13 50.52 -49.41 22.14
CA LYS I 13 50.86 -50.30 21.06
C LYS I 13 49.80 -50.23 19.95
N PRO I 14 50.18 -50.47 18.70
CA PRO I 14 49.21 -50.34 17.61
C PRO I 14 48.04 -51.29 17.75
N GLY I 15 46.90 -50.88 17.21
CA GLY I 15 45.68 -51.65 17.26
C GLY I 15 44.78 -51.35 18.44
N ALA I 16 45.37 -50.89 19.55
CA ALA I 16 44.60 -50.60 20.76
C ALA I 16 43.84 -49.29 20.59
N SER I 17 43.17 -48.84 21.65
CA SER I 17 42.43 -47.59 21.65
C SER I 17 42.87 -46.74 22.83
N VAL I 18 43.11 -45.46 22.58
CA VAL I 18 43.61 -44.55 23.58
C VAL I 18 42.54 -43.51 23.89
N LYS I 19 42.61 -42.93 25.08
CA LYS I 19 41.67 -41.88 25.48
C LYS I 19 42.44 -40.80 26.24
N LEU I 20 42.48 -39.60 25.68
CA LEU I 20 43.12 -38.45 26.29
C LEU I 20 42.06 -37.51 26.87
N SER I 21 42.43 -36.83 27.95
CA SER I 21 41.51 -35.95 28.65
C SER I 21 42.08 -34.53 28.72
N CYS I 22 41.18 -33.58 28.99
CA CYS I 22 41.54 -32.17 29.05
C CYS I 22 40.62 -31.50 30.05
N THR I 23 41.15 -31.14 31.22
CA THR I 23 40.38 -30.54 32.30
C THR I 23 40.53 -29.03 32.27
N ALA I 24 39.40 -28.33 32.40
CA ALA I 24 39.36 -26.88 32.32
C ALA I 24 39.25 -26.26 33.71
N SER I 25 39.87 -25.10 33.88
CA SER I 25 39.91 -24.43 35.18
C SER I 25 39.85 -22.93 34.95
N GLY I 26 38.78 -22.31 35.42
CA GLY I 26 38.59 -20.87 35.28
C GLY I 26 37.44 -20.48 34.37
N PHE I 27 36.69 -21.43 33.85
CA PHE I 27 35.56 -21.16 32.97
C PHE I 27 34.75 -22.42 32.83
N ASN I 28 33.49 -22.27 32.42
CA ASN I 28 32.63 -23.41 32.14
C ASN I 28 32.68 -23.72 30.66
N ILE I 29 32.92 -24.99 30.32
CA ILE I 29 33.14 -25.36 28.93
C ILE I 29 31.86 -25.26 28.11
N LYS I 30 30.69 -25.22 28.73
CA LYS I 30 29.46 -25.08 27.97
C LYS I 30 29.40 -23.73 27.26
N ASP I 31 30.06 -22.72 27.81
CA ASP I 31 30.05 -21.37 27.26
C ASP I 31 30.99 -21.19 26.08
N THR I 32 31.53 -22.27 25.52
CA THR I 32 32.49 -22.17 24.42
C THR I 32 32.59 -23.52 23.72
N TYR I 33 33.32 -23.53 22.62
CA TYR I 33 33.63 -24.76 21.89
C TYR I 33 34.99 -25.28 22.33
N MET I 34 35.14 -26.60 22.31
CA MET I 34 36.40 -27.24 22.67
C MET I 34 36.96 -27.95 21.45
N TYR I 35 38.18 -27.59 21.06
CA TYR I 35 38.84 -28.12 19.89
C TYR I 35 39.94 -29.09 20.30
N TRP I 36 40.08 -30.17 19.53
CA TRP I 36 41.22 -31.07 19.63
C TRP I 36 42.00 -30.99 18.34
N VAL I 37 43.29 -30.67 18.45
CA VAL I 37 44.22 -30.53 17.33
C VAL I 37 45.33 -31.56 17.52
N LYS I 38 45.99 -31.94 16.42
CA LYS I 38 47.15 -32.80 16.49
C LYS I 38 48.32 -32.17 15.75
N GLN I 39 49.52 -32.64 16.05
CA GLN I 39 50.72 -32.12 15.42
C GLN I 39 51.75 -33.23 15.37
N ARG I 40 52.08 -33.69 14.16
CA ARG I 40 53.16 -34.65 14.00
C ARG I 40 54.50 -33.95 14.18
N PRO I 41 55.53 -34.68 14.62
CA PRO I 41 56.82 -34.03 14.92
C PRO I 41 57.40 -33.31 13.71
N GLU I 42 57.75 -32.05 13.92
CA GLU I 42 58.34 -31.18 12.90
C GLU I 42 57.42 -31.04 11.68
N GLN I 43 56.20 -30.59 11.96
CA GLN I 43 55.20 -30.38 10.92
C GLN I 43 54.30 -29.23 11.35
N GLY I 44 53.14 -29.11 10.70
CA GLY I 44 52.16 -28.11 11.04
C GLY I 44 51.01 -28.69 11.84
N LEU I 45 50.13 -27.79 12.28
CA LEU I 45 48.96 -28.19 13.04
C LEU I 45 47.86 -28.66 12.10
N GLU I 46 47.08 -29.63 12.58
CA GLU I 46 45.98 -30.19 11.80
C GLU I 46 44.79 -30.43 12.73
N TRP I 47 43.67 -29.79 12.43
CA TRP I 47 42.51 -29.80 13.31
C TRP I 47 41.84 -31.17 13.27
N ILE I 48 41.68 -31.79 14.44
CA ILE I 48 40.96 -33.06 14.52
C ILE I 48 39.46 -32.82 14.61
N GLY I 49 39.02 -32.16 15.67
CA GLY I 49 37.59 -32.00 15.82
C GLY I 49 37.24 -30.91 16.81
N ARG I 50 35.94 -30.66 16.93
CA ARG I 50 35.43 -29.72 17.92
C ARG I 50 34.12 -30.23 18.48
N ILE I 51 33.83 -29.83 19.71
CA ILE I 51 32.61 -30.19 20.41
C ILE I 51 32.02 -28.95 21.07
N ASP I 52 30.68 -28.89 21.09
CA ASP I 52 29.95 -27.88 21.85
C ASP I 52 29.37 -28.57 23.09
N PRO I 53 29.94 -28.36 24.27
CA PRO I 53 29.50 -29.14 25.44
C PRO I 53 28.10 -28.83 25.90
N ALA I 54 27.51 -27.70 25.48
CA ALA I 54 26.14 -27.39 25.87
C ALA I 54 25.15 -28.37 25.26
N ASN I 55 25.43 -28.87 24.06
CA ASN I 55 24.53 -29.78 23.36
C ASN I 55 25.13 -31.14 23.03
N GLY I 56 26.45 -31.30 23.10
CA GLY I 56 27.09 -32.52 22.69
C GLY I 56 27.33 -32.64 21.20
N ASP I 57 26.99 -31.60 20.43
CA ASP I 57 27.16 -31.67 18.98
C ASP I 57 28.64 -31.58 18.62
N THR I 58 29.08 -32.46 17.73
CA THR I 58 30.49 -32.61 17.41
C THR I 58 30.70 -32.48 15.91
N LYS I 59 31.90 -32.02 15.53
CA LYS I 59 32.32 -31.99 14.14
C LYS I 59 33.74 -32.51 14.05
N TYR I 60 34.05 -33.17 12.94
CA TYR I 60 35.37 -33.72 12.70
C TYR I 60 35.85 -33.35 11.30
N ASP I 61 37.16 -33.25 11.15
CA ASP I 61 37.76 -33.23 9.84
C ASP I 61 37.38 -34.51 9.10
N PRO I 62 37.02 -34.42 7.81
CA PRO I 62 36.77 -35.64 7.01
C PRO I 62 37.92 -36.63 7.07
N LYS I 63 39.10 -36.18 7.51
CA LYS I 63 40.25 -37.06 7.62
C LYS I 63 40.17 -37.93 8.87
N PHE I 64 39.63 -37.41 9.96
CA PHE I 64 39.61 -38.13 11.23
C PHE I 64 38.23 -38.65 11.61
N GLN I 65 37.31 -38.73 10.64
CA GLN I 65 35.98 -39.25 10.91
C GLN I 65 36.03 -40.77 11.01
N GLY I 66 35.57 -41.31 12.14
CA GLY I 66 35.63 -42.72 12.40
C GLY I 66 36.88 -43.15 13.15
N LYS I 67 37.97 -42.39 13.02
CA LYS I 67 39.18 -42.69 13.76
C LYS I 67 39.14 -42.12 15.18
N ALA I 68 38.63 -40.90 15.33
CA ALA I 68 38.59 -40.22 16.61
C ALA I 68 37.16 -39.93 17.03
N THR I 69 36.96 -39.75 18.33
CA THR I 69 35.65 -39.44 18.86
C THR I 69 35.81 -38.54 20.08
N ILE I 70 35.09 -37.42 20.06
CA ILE I 70 35.18 -36.41 21.12
C ILE I 70 33.91 -36.45 21.95
N THR I 71 34.09 -36.40 23.27
CA THR I 71 32.98 -36.31 24.22
C THR I 71 33.33 -35.29 25.28
N THR I 72 32.35 -34.98 26.15
CA THR I 72 32.57 -34.03 27.23
C THR I 72 31.98 -34.58 28.52
N ASP I 73 32.50 -34.09 29.64
CA ASP I 73 31.93 -34.27 30.96
C ASP I 73 31.72 -32.88 31.54
N THR I 74 30.46 -32.43 31.54
CA THR I 74 30.14 -31.07 32.00
C THR I 74 30.24 -30.93 33.50
N PHE I 75 30.29 -32.03 34.24
CA PHE I 75 30.43 -31.96 35.68
C PHE I 75 31.89 -31.74 36.08
N SER I 76 32.77 -32.67 35.68
CA SER I 76 34.19 -32.50 35.92
C SER I 76 34.81 -31.43 35.04
N ASN I 77 34.04 -30.84 34.12
CA ASN I 77 34.53 -29.79 33.23
C ASN I 77 35.71 -30.28 32.40
N THR I 78 35.50 -31.37 31.68
CA THR I 78 36.56 -31.99 30.90
C THR I 78 36.07 -32.33 29.51
N ALA I 79 37.03 -32.45 28.58
CA ALA I 79 36.80 -32.95 27.24
C ALA I 79 37.67 -34.18 27.01
N TYR I 80 37.12 -35.15 26.28
CA TYR I 80 37.78 -36.42 26.03
C TYR I 80 37.93 -36.63 24.53
N LEU I 81 39.13 -36.97 24.10
CA LEU I 81 39.41 -37.40 22.73
C LEU I 81 39.83 -38.85 22.78
N GLN I 82 39.02 -39.76 22.25
CA GLN I 82 39.38 -41.16 22.20
C GLN I 82 39.72 -41.52 20.76
N LEU I 83 40.91 -42.05 20.56
CA LEU I 83 41.35 -42.58 19.27
C LEU I 83 41.16 -44.09 19.33
N SER I 84 40.12 -44.58 18.67
CA SER I 84 39.77 -45.99 18.79
C SER I 84 40.65 -46.86 17.91
N SER I 85 40.54 -46.70 16.59
CA SER I 85 41.30 -47.53 15.66
C SER I 85 42.52 -46.72 15.21
N LEU I 86 43.53 -46.70 16.07
CA LEU I 86 44.78 -46.00 15.76
C LEU I 86 45.78 -46.97 15.12
N THR I 87 46.39 -46.53 14.04
CA THR I 87 47.44 -47.29 13.38
C THR I 87 48.80 -46.86 13.94
N SER I 88 49.88 -47.24 13.27
CA SER I 88 51.21 -46.84 13.73
C SER I 88 51.52 -45.40 13.37
N GLU I 89 50.89 -44.86 12.33
CA GLU I 89 51.14 -43.49 11.89
C GLU I 89 50.49 -42.45 12.79
N ASP I 90 49.81 -42.88 13.85
CA ASP I 90 49.12 -41.97 14.76
C ASP I 90 49.97 -41.59 15.96
N THR I 91 51.20 -41.15 15.71
CA THR I 91 52.11 -40.70 16.75
C THR I 91 52.29 -39.19 16.59
N ALA I 92 51.72 -38.43 17.53
CA ALA I 92 51.79 -36.99 17.45
C ALA I 92 51.55 -36.41 18.84
N VAL I 93 51.70 -35.10 18.94
CA VAL I 93 51.30 -34.37 20.13
C VAL I 93 49.88 -33.87 19.92
N TYR I 94 49.00 -34.13 20.88
CA TYR I 94 47.59 -33.80 20.78
C TYR I 94 47.27 -32.66 21.72
N TYR I 95 46.85 -31.53 21.15
CA TYR I 95 46.55 -30.32 21.91
C TYR I 95 45.05 -30.14 22.09
N CYS I 96 44.69 -29.59 23.25
CA CYS I 96 43.33 -29.22 23.58
C CYS I 96 43.26 -27.69 23.64
N ALA I 97 42.31 -27.11 22.91
CA ALA I 97 42.16 -25.67 22.83
C ALA I 97 40.70 -25.29 23.01
N ARG I 98 40.45 -24.01 23.27
CA ARG I 98 39.09 -23.51 23.36
C ARG I 98 38.91 -22.32 22.43
N LYS I 99 37.71 -22.19 21.89
CA LYS I 99 37.39 -21.03 21.07
C LYS I 99 37.50 -19.74 21.88
N GLY I 100 38.05 -18.71 21.26
CA GLY I 100 38.27 -17.45 21.96
C GLY I 100 37.53 -16.26 21.37
N LEU I 101 38.26 -15.15 21.21
CA LEU I 101 37.63 -13.85 20.97
C LEU I 101 36.92 -13.80 19.62
N ARG I 102 37.65 -14.08 18.54
CA ARG I 102 37.08 -13.99 17.20
C ARG I 102 37.15 -15.34 16.50
N TRP I 103 36.72 -16.39 17.21
CA TRP I 103 36.85 -17.77 16.78
C TRP I 103 38.30 -18.21 16.67
N ALA I 104 39.20 -17.49 17.37
CA ALA I 104 40.58 -17.91 17.50
C ALA I 104 40.72 -18.84 18.71
N MET I 105 41.76 -19.68 18.67
CA MET I 105 42.09 -20.57 19.78
C MET I 105 43.02 -19.81 20.72
N ASP I 106 42.45 -19.24 21.78
CA ASP I 106 43.24 -18.37 22.64
C ASP I 106 44.01 -19.14 23.71
N TYR I 107 43.38 -20.15 24.31
CA TYR I 107 44.00 -20.96 25.33
C TYR I 107 44.20 -22.38 24.82
N TRP I 108 45.43 -22.87 24.90
CA TRP I 108 45.79 -24.20 24.47
C TRP I 108 46.15 -25.07 25.68
N GLY I 109 46.13 -26.38 25.47
CA GLY I 109 46.55 -27.31 26.50
C GLY I 109 48.06 -27.35 26.64
N GLN I 110 48.58 -28.48 27.10
CA GLN I 110 50.03 -28.67 27.15
C GLN I 110 50.55 -29.70 26.17
N GLY I 111 49.68 -30.56 25.65
CA GLY I 111 50.08 -31.53 24.64
C GLY I 111 50.35 -32.91 25.19
N THR I 112 49.50 -33.88 24.82
CA THR I 112 49.68 -35.28 25.18
C THR I 112 50.31 -36.00 24.00
N SER I 113 51.63 -36.17 24.04
CA SER I 113 52.34 -36.86 22.97
C SER I 113 52.20 -38.36 23.17
N VAL I 114 51.36 -38.99 22.35
CA VAL I 114 51.19 -40.44 22.40
C VAL I 114 52.22 -41.09 21.49
N THR I 115 52.60 -42.32 21.83
CA THR I 115 53.58 -43.09 21.06
C THR I 115 52.98 -44.42 20.67
N VAL I 116 53.21 -44.82 19.43
CA VAL I 116 52.69 -46.07 18.89
C VAL I 116 53.89 -46.89 18.42
N SER I 117 54.39 -47.76 19.30
CA SER I 117 55.53 -48.61 18.99
C SER I 117 55.45 -49.85 19.87
N THR I 118 56.57 -50.55 19.99
CA THR I 118 56.64 -51.74 20.82
C THR I 118 57.87 -51.69 21.72
C1 NAG J . -15.78 29.52 -0.29
C2 NAG J . -16.05 31.01 -0.38
C3 NAG J . -16.65 31.52 0.93
C4 NAG J . -17.88 30.70 1.31
C5 NAG J . -17.54 29.22 1.31
C6 NAG J . -18.76 28.33 1.52
C7 NAG J . -13.78 31.88 0.04
C8 NAG J . -12.66 32.70 -0.53
N2 NAG J . -14.86 31.76 -0.74
O3 NAG J . -16.99 32.89 0.80
O4 NAG J . -18.34 31.06 2.60
O5 NAG J . -16.98 28.83 0.04
O6 NAG J . -19.69 28.47 0.45
O7 NAG J . -13.69 31.36 1.13
C1 NAG J . -19.51 31.89 2.51
C2 NAG J . -20.55 31.42 3.52
C3 NAG J . -21.75 32.35 3.53
C4 NAG J . -21.31 33.79 3.72
C5 NAG J . -20.24 34.15 2.68
C6 NAG J . -19.66 35.54 2.89
C7 NAG J . -21.19 29.14 4.20
C8 NAG J . -21.62 27.78 3.74
N2 NAG J . -20.96 30.04 3.25
O3 NAG J . -22.63 31.97 4.58
O4 NAG J . -22.42 34.67 3.57
O5 NAG J . -19.15 33.23 2.78
O6 NAG J . -18.93 35.60 4.09
O7 NAG J . -21.05 29.41 5.39
C1 BMA J . -22.82 35.17 4.85
C2 BMA J . -23.07 36.69 4.68
C3 BMA J . -23.72 37.27 5.94
C4 BMA J . -24.88 36.41 6.47
C5 BMA J . -24.43 34.94 6.58
C6 BMA J . -25.55 34.01 7.02
O2 BMA J . -23.96 36.93 3.61
O3 BMA J . -24.16 38.60 5.71
O4 BMA J . -25.31 36.88 7.74
O5 BMA J . -23.99 34.51 5.30
O6 BMA J . -26.30 34.65 8.05
C1 NAG K . -5.21 7.87 17.39
C2 NAG K . -4.14 8.64 18.19
C3 NAG K . -2.74 8.11 17.87
C4 NAG K . -2.69 6.59 18.02
C5 NAG K . -3.77 5.96 17.17
C6 NAG K . -3.84 4.46 17.26
C7 NAG K . -4.59 10.99 18.77
C8 NAG K . -4.59 12.40 18.28
N2 NAG K . -4.20 10.07 17.89
O3 NAG K . -1.79 8.71 18.73
O4 NAG K . -1.42 6.11 17.63
O5 NAG K . -5.05 6.47 17.61
O6 NAG K . -3.98 4.03 18.61
O7 NAG K . -4.93 10.69 19.91
C1 NAG K . -0.81 5.42 18.73
C2 NAG K . 0.33 4.56 18.20
C3 NAG K . 1.04 3.86 19.34
C4 NAG K . 1.49 4.89 20.38
C5 NAG K . 0.29 5.72 20.84
C6 NAG K . 0.66 6.83 21.80
C7 NAG K . -0.45 3.90 15.95
C8 NAG K . -0.93 2.77 15.10
N2 NAG K . -0.16 3.59 17.23
O3 NAG K . 2.16 3.14 18.85
O4 NAG K . 2.05 4.21 21.51
O5 NAG K . -0.31 6.35 19.69
O6 NAG K . 1.17 7.96 21.10
O7 NAG K . -0.34 5.05 15.52
C1 BMA K . 3.41 4.62 21.71
C2 BMA K . 3.71 4.28 23.16
C3 BMA K . 5.19 4.41 23.50
C4 BMA K . 6.10 3.81 22.40
C5 BMA K . 5.66 4.30 21.01
C6 BMA K . 6.44 3.69 19.87
O2 BMA K . 3.36 2.92 23.43
O3 BMA K . 5.44 3.77 24.73
O4 BMA K . 7.44 4.20 22.63
O5 BMA K . 4.28 3.93 20.83
O6 BMA K . 5.81 4.10 18.63
C1 MAN K . 6.24 4.56 25.63
C2 MAN K . 6.53 3.60 26.78
C3 MAN K . 5.19 3.32 27.51
C4 MAN K . 4.57 4.61 28.00
C5 MAN K . 4.35 5.56 26.81
C6 MAN K . 3.87 6.93 27.24
O2 MAN K . 7.43 4.17 27.73
O3 MAN K . 5.34 2.38 28.58
O4 MAN K . 3.31 4.34 28.60
O5 MAN K . 5.59 5.74 26.08
O6 MAN K . 4.70 7.36 28.32
C1 MAN K . 8.41 3.17 28.08
C2 MAN K . 9.23 3.69 29.31
C3 MAN K . 10.23 4.76 28.87
C4 MAN K . 11.09 4.26 27.71
C5 MAN K . 10.18 3.90 26.54
C6 MAN K . 10.96 3.34 25.37
O2 MAN K . 10.00 2.64 29.90
O3 MAN K . 11.07 5.16 29.94
O4 MAN K . 11.98 5.27 27.30
O5 MAN K . 9.26 2.87 26.96
O6 MAN K . 10.21 3.60 24.19
C1 MAN K . 9.33 2.17 31.09
C2 MAN K . 10.35 1.33 31.90
C3 MAN K . 10.64 0.00 31.20
C4 MAN K . 9.35 -0.73 30.80
C5 MAN K . 8.45 0.20 29.99
C6 MAN K . 7.11 -0.44 29.65
O2 MAN K . 9.80 0.98 33.18
O3 MAN K . 11.42 -0.86 32.00
O4 MAN K . 9.67 -1.85 29.98
O5 MAN K . 8.19 1.39 30.76
O6 MAN K . 6.84 -0.17 28.27
C1 MAN K . 6.40 3.43 17.51
C2 MAN K . 5.76 4.00 16.19
C3 MAN K . 4.34 3.48 15.99
C4 MAN K . 4.29 1.95 16.18
C5 MAN K . 4.85 1.61 17.58
C6 MAN K . 4.86 0.15 17.94
O2 MAN K . 6.45 3.57 15.02
O3 MAN K . 3.86 3.84 14.71
O4 MAN K . 2.95 1.50 16.06
O5 MAN K . 6.21 2.05 17.63
O6 MAN K . 5.35 0.07 19.29
C1 MAN K . 5.96 -1.20 19.55
C2 MAN K . 5.54 -1.61 20.99
C3 MAN K . 6.24 -0.71 22.01
C4 MAN K . 7.76 -0.73 21.79
C5 MAN K . 8.08 -0.28 20.37
C6 MAN K . 9.57 -0.32 20.04
O2 MAN K . 5.96 -2.94 21.30
O3 MAN K . 5.93 -1.07 23.36
O4 MAN K . 8.39 0.16 22.71
O5 MAN K . 7.38 -1.13 19.42
O6 MAN K . 9.90 -1.59 19.51
C1 MAN K . 4.83 -3.84 21.22
C2 MAN K . 5.21 -5.11 22.00
C3 MAN K . 6.29 -5.86 21.25
C4 MAN K . 5.85 -6.16 19.82
C5 MAN K . 5.52 -4.84 19.12
C6 MAN K . 4.99 -5.04 17.71
O2 MAN K . 4.11 -6.01 22.09
O3 MAN K . 6.67 -7.06 21.91
O4 MAN K . 6.87 -6.84 19.12
O5 MAN K . 4.50 -4.14 19.87
O6 MAN K . 4.89 -3.77 17.09
C1 MAN K . 2.86 4.88 14.82
C2 MAN K . 2.19 5.02 13.42
C3 MAN K . 3.11 5.77 12.47
C4 MAN K . 3.55 7.08 13.06
C5 MAN K . 4.27 6.84 14.40
C6 MAN K . 4.65 8.14 15.09
O2 MAN K . 0.98 5.78 13.49
O3 MAN K . 2.48 6.00 11.21
O4 MAN K . 4.43 7.74 12.18
O5 MAN K . 3.40 6.12 15.29
O6 MAN K . 5.56 8.85 14.25
C1 NAG L . -0.92 -27.26 -3.12
C2 NAG L . -1.51 -28.65 -3.39
C3 NAG L . -1.43 -29.51 -2.13
C4 NAG L . 0.00 -29.56 -1.61
C5 NAG L . 0.55 -28.15 -1.44
C6 NAG L . 2.02 -28.12 -1.09
C7 NAG L . -3.92 -28.10 -3.20
C8 NAG L . -5.23 -28.12 -3.91
N2 NAG L . -2.87 -28.58 -3.89
O3 NAG L . -1.90 -30.82 -2.41
O4 NAG L . 0.03 -30.19 -0.33
O5 NAG L . 0.41 -27.40 -2.66
O6 NAG L . 2.74 -29.07 -1.85
O7 NAG L . -3.80 -27.67 -2.06
C1 NAG L . 0.60 -31.51 -0.37
C2 NAG L . 1.51 -31.70 0.84
C3 NAG L . 2.03 -33.13 0.90
C4 NAG L . 0.90 -34.14 0.77
C5 NAG L . 0.04 -33.81 -0.44
C6 NAG L . -1.19 -34.68 -0.57
C7 NAG L . 3.20 -30.29 1.93
C8 NAG L . 4.33 -29.33 1.71
N2 NAG L . 2.62 -30.75 0.82
O3 NAG L . 2.71 -33.34 2.14
O4 NAG L . 1.46 -35.43 0.59
O5 NAG L . -0.42 -32.46 -0.36
O6 NAG L . -2.29 -34.09 0.12
O7 NAG L . 2.84 -30.62 3.05
C1 BMA L . 1.02 -36.36 1.60
C2 BMA L . 0.94 -37.74 0.93
C3 BMA L . 0.63 -38.82 1.97
C4 BMA L . 1.51 -38.68 3.23
C5 BMA L . 1.47 -37.25 3.75
C6 BMA L . 2.37 -37.02 4.95
O2 BMA L . 2.19 -38.09 0.35
O3 BMA L . 0.78 -40.12 1.42
O4 BMA L . 1.04 -39.56 4.24
O5 BMA L . 1.92 -36.39 2.69
O6 BMA L . 1.96 -37.89 5.99
C1 NAG M . 1.21 -6.36 19.61
C2 NAG M . 0.73 -4.95 19.95
C3 NAG M . 0.68 -4.79 21.47
C4 NAG M . -0.22 -5.87 22.07
C5 NAG M . 0.22 -7.26 21.61
C6 NAG M . -0.75 -8.34 22.02
C7 NAG M . 1.17 -3.13 18.38
C8 NAG M . 2.17 -2.14 17.87
N2 NAG M . 1.59 -3.95 19.35
O3 NAG M . 0.20 -3.50 21.79
O4 NAG M . -0.15 -5.83 23.49
O5 NAG M . 0.32 -7.32 20.18
O6 NAG M . -1.69 -8.61 20.99
O7 NAG M . 0.03 -3.18 17.95
C1 NAG M . -1.32 -5.22 24.04
C2 NAG M . -1.44 -5.61 25.52
C3 NAG M . -2.62 -4.88 26.17
C4 NAG M . -2.52 -3.38 25.93
C5 NAG M . -2.41 -3.12 24.43
C6 NAG M . -2.26 -1.65 24.09
C7 NAG M . -0.57 -7.87 25.86
C8 NAG M . -0.92 -9.33 25.97
N2 NAG M . -1.60 -7.05 25.66
O3 NAG M . -2.62 -5.14 27.57
O4 NAG M . -3.69 -2.74 26.45
O5 NAG M . -1.27 -3.79 23.92
O6 NAG M . -0.92 -1.20 24.24
O7 NAG M . 0.59 -7.47 25.93
C1 BMA M . -3.31 -1.77 27.45
C2 BMA M . -4.15 -0.53 27.20
C3 BMA M . -3.88 0.51 28.28
C4 BMA M . -3.99 -0.09 29.69
C5 BMA M . -3.15 -1.38 29.80
C6 BMA M . -3.36 -2.08 31.12
O2 BMA M . -5.53 -0.86 27.26
O3 BMA M . -4.76 1.61 28.16
O4 BMA M . -3.52 0.85 30.64
O5 BMA M . -3.53 -2.28 28.76
O6 BMA M . -2.44 -3.16 31.20
C1 NAG N . 28.55 25.41 12.22
C2 NAG N . 29.55 26.01 11.26
C3 NAG N . 30.80 26.47 12.01
C4 NAG N . 30.44 27.37 13.19
C5 NAG N . 29.32 26.75 14.02
C6 NAG N . 28.77 27.69 15.07
C7 NAG N . 29.61 25.26 8.92
C8 NAG N . 28.93 26.54 8.58
N2 NAG N . 29.90 25.06 10.21
O3 NAG N . 31.65 27.17 11.09
O4 NAG N . 31.54 27.53 14.05
O5 NAG N . 28.21 26.37 13.20
O6 NAG N . 27.90 28.65 14.48
O7 NAG N . 29.91 24.42 8.07
C1 NAG N . 32.42 28.62 13.69
C2 NAG N . 32.98 29.29 14.95
C3 NAG N . 33.98 30.38 14.55
C4 NAG N . 35.06 29.80 13.64
C5 NAG N . 34.42 29.09 12.46
C6 NAG N . 35.43 28.39 11.58
C7 NAG N . 31.70 29.49 17.02
C8 NAG N . 30.59 30.18 17.73
N2 NAG N . 31.92 29.86 15.76
O3 NAG N . 34.57 30.94 15.72
O4 NAG N . 35.89 30.85 13.16
O5 NAG N . 33.50 28.08 12.92
O6 NAG N . 35.15 28.60 10.21
O7 NAG N . 32.38 28.63 17.57
C1 NAG O . 2.79 35.39 29.82
C2 NAG O . 3.80 36.53 29.66
C3 NAG O . 3.08 37.82 29.26
C4 NAG O . 2.21 37.60 28.02
C5 NAG O . 1.25 36.44 28.28
C6 NAG O . 0.44 36.08 27.07
C7 NAG O . 5.87 36.60 30.96
C8 NAG O . 6.48 36.84 32.32
N2 NAG O . 4.54 36.73 30.89
O3 NAG O . 4.05 38.83 28.99
O4 NAG O . 1.48 38.77 27.72
O5 NAG O . 2.00 35.27 28.63
O6 NAG O . -0.17 37.22 26.49
O7 NAG O . 6.55 36.31 29.99
N ABU P . -20.72 16.52 15.94
CD ABU P . -21.84 15.79 16.53
CB ABU P . -21.65 14.29 16.35
CG ABU P . -22.69 13.54 17.19
C ABU P . -23.73 12.93 16.30
O ABU P . -23.41 11.86 15.56
OXT ABU P . -24.84 13.38 16.26
O1 PFL Q . -14.41 12.43 -27.76
C1 PFL Q . -13.43 13.28 -28.29
C2 PFL Q . -12.40 13.74 -27.49
C6 PFL Q . -13.48 13.63 -29.63
C3 PFL Q . -11.44 14.58 -28.02
C7 PFL Q . -12.35 13.34 -26.02
C4 PFL Q . -11.49 14.94 -29.35
C5 PFL Q . -12.52 14.47 -30.16
C10 PFL Q . -14.60 13.12 -30.51
C8 PFL Q . -11.35 12.21 -25.80
C9 PFL Q . -12.01 14.56 -25.15
C11 PFL Q . -15.63 14.20 -30.83
C12 PFL Q . -14.03 12.50 -31.78
C1 NAG R . -22.22 -24.23 25.79
C2 NAG R . -23.65 -24.75 25.98
C3 NAG R . -23.73 -26.22 25.59
C4 NAG R . -23.20 -26.42 24.17
C5 NAG R . -21.79 -25.85 24.06
C6 NAG R . -21.24 -25.90 22.66
C7 NAG R . -25.20 -23.92 27.69
C8 NAG R . -25.49 -23.84 29.15
N2 NAG R . -24.09 -24.56 27.35
O3 NAG R . -25.08 -26.65 25.66
O4 NAG R . -23.16 -27.81 23.86
O5 NAG R . -21.81 -24.46 24.44
O6 NAG R . -21.56 -24.72 21.93
O7 NAG R . -25.96 -23.43 26.84
N ABU S . 8.70 -21.55 15.08
CD ABU S . 9.48 -20.31 15.01
CB ABU S . 10.84 -20.52 15.68
CG ABU S . 11.62 -19.21 15.66
C ABU S . 13.10 -19.47 15.58
O ABU S . 13.51 -20.52 15.15
OXT ABU S . 13.97 -18.54 15.99
O1 PFL T . 10.11 -10.13 -28.32
C1 PFL T . 8.92 -10.12 -29.04
C2 PFL T . 7.71 -10.08 -28.37
C6 PFL T . 8.94 -10.15 -30.43
C3 PFL T . 6.52 -10.08 -29.09
C7 PFL T . 7.69 -10.05 -26.84
C4 PFL T . 6.54 -10.11 -30.47
C5 PFL T . 7.76 -10.14 -31.14
C10 PFL T . 10.28 -10.18 -31.15
C8 PFL T . 7.62 -8.62 -26.31
C9 PFL T . 6.57 -10.90 -26.27
C11 PFL T . 10.59 -11.58 -31.68
C12 PFL T . 10.33 -9.13 -32.24
#